data_5TLH
#
_entry.id   5TLH
#
_cell.length_a   83.569
_cell.length_b   103.141
_cell.length_c   84.865
_cell.angle_alpha   90.000
_cell.angle_beta   98.870
_cell.angle_gamma   90.000
#
_symmetry.space_group_name_H-M   'P 1 21 1'
#
loop_
_entity.id
_entity.type
_entity.pdbx_description
1 polymer 'Fructose-bisphosphate aldolase A'
2 non-polymer '[(6-hydroxynaphthalen-2-yl)methylene]bis(phosphonic acid)'
3 non-polymer 'METHYLENEDIPHOSPHONIC ACID'
4 non-polymer GLYCEROL
5 water water
#
_entity_poly.entity_id   1
_entity_poly.type   'polypeptide(L)'
_entity_poly.pdbx_seq_one_letter_code
;PHSHPALTPEQKKELSDIAHRIVAPGKGILAADESTGSIAKRLQSIGTENTEENRRFYRQLLLTADDRVNPCIGGVILFH
ETLYQKADDGRPFPQVIKSKGGVVGIKVDKGVVPLAGTNGETTTQGLDGLSERCAQYKKDGADFAKWRCVLKIGEHTPSA
LAIMENANVLARYASICQQNGIVPIVEPEILPDGDHDLKRCQYVTEKVLAAVYKALSDHHIYLEGTLLKPNMVTPGHACT
QKYSHEEIAMATVTALRRTVPPAVTGVTFLSGGQSEEEASINLNAINKCPLLKPWALTFSYGRALQASALKAWGGKKENL
KAAQEEYVKRALANSLACQGKYTPSGQAGAAASESLFISNHAY
;
_entity_poly.pdbx_strand_id   A,B,C,D
#
# COMPACT_ATOMS: atom_id res chain seq x y z
N PRO A 1 15.40 2.80 4.74
CA PRO A 1 15.61 4.16 5.23
C PRO A 1 17.02 4.69 4.97
N HIS A 2 17.74 4.02 4.08
CA HIS A 2 19.09 4.43 3.71
C HIS A 2 19.13 4.82 2.24
N SER A 3 19.78 5.95 1.95
CA SER A 3 19.89 6.45 0.59
C SER A 3 21.05 5.82 -0.17
N HIS A 4 20.74 5.27 -1.34
CA HIS A 4 21.73 4.86 -2.31
C HIS A 4 21.47 5.70 -3.55
N PRO A 5 22.00 6.94 -3.59
CA PRO A 5 21.54 7.96 -4.54
C PRO A 5 21.34 7.44 -5.95
N ALA A 6 20.15 7.66 -6.48
CA ALA A 6 19.85 7.24 -7.84
C ALA A 6 20.62 8.09 -8.84
N LEU A 7 20.84 9.35 -8.49
CA LEU A 7 21.48 10.31 -9.37
C LEU A 7 22.58 11.08 -8.66
N THR A 8 23.63 11.41 -9.40
CA THR A 8 24.67 12.32 -8.92
C THR A 8 24.20 13.75 -9.11
N PRO A 9 24.84 14.72 -8.44
CA PRO A 9 24.48 16.13 -8.63
C PRO A 9 24.53 16.58 -10.08
N GLU A 10 25.49 16.08 -10.85
CA GLU A 10 25.62 16.49 -12.25
C GLU A 10 24.46 15.94 -13.07
N GLN A 11 24.08 14.70 -12.80
CA GLN A 11 22.95 14.09 -13.50
C GLN A 11 21.70 14.90 -13.16
N LYS A 12 21.59 15.31 -11.92
CA LYS A 12 20.45 16.09 -11.47
C LYS A 12 20.38 17.44 -12.17
N LYS A 13 21.51 18.14 -12.24
CA LYS A 13 21.54 19.45 -12.88
C LYS A 13 21.15 19.33 -14.34
N GLU A 14 21.66 18.32 -15.03
CA GLU A 14 21.31 18.14 -16.44
C GLU A 14 19.81 17.98 -16.61
N LEU A 15 19.19 17.11 -15.82
CA LEU A 15 17.76 16.85 -15.94
C LEU A 15 16.98 18.12 -15.62
N SER A 16 17.39 18.80 -14.56
CA SER A 16 16.72 20.05 -14.17
C SER A 16 16.84 21.12 -15.24
N ASP A 17 18.03 21.27 -15.80
CA ASP A 17 18.25 22.24 -16.85
C ASP A 17 17.35 21.96 -18.05
N ILE A 18 17.30 20.70 -18.46
CA ILE A 18 16.43 20.29 -19.56
C ILE A 18 14.97 20.61 -19.22
N ALA A 19 14.51 20.17 -18.06
CA ALA A 19 13.11 20.37 -17.67
C ALA A 19 12.73 21.85 -17.72
N HIS A 20 13.61 22.71 -17.22
CA HIS A 20 13.34 24.15 -17.19
C HIS A 20 13.35 24.77 -18.58
N ARG A 21 14.23 24.30 -19.45
CA ARG A 21 14.28 24.81 -20.82
C ARG A 21 12.95 24.56 -21.53
N ILE A 22 12.37 23.39 -21.33
CA ILE A 22 11.17 23.00 -22.04
C ILE A 22 10.00 23.93 -21.72
N VAL A 23 9.85 24.31 -20.45
CA VAL A 23 8.69 25.07 -20.00
C VAL A 23 9.05 26.49 -19.58
N ALA A 24 10.12 27.04 -20.15
CA ALA A 24 10.49 28.42 -19.86
C ALA A 24 9.30 29.32 -20.16
N PRO A 25 9.23 30.50 -19.51
CA PRO A 25 8.05 31.36 -19.66
C PRO A 25 7.67 31.60 -21.12
N GLY A 26 6.40 31.40 -21.43
CA GLY A 26 5.89 31.57 -22.76
C GLY A 26 6.02 30.34 -23.66
N LYS A 27 6.71 29.31 -23.19
CA LYS A 27 6.97 28.13 -24.03
C LYS A 27 6.15 26.90 -23.64
N GLY A 28 5.86 26.07 -24.63
CA GLY A 28 5.19 24.81 -24.41
C GLY A 28 5.67 23.73 -25.36
N ILE A 29 4.90 22.66 -25.49
CA ILE A 29 5.34 21.50 -26.26
C ILE A 29 4.42 21.19 -27.43
N LEU A 30 5.02 21.00 -28.60
CA LEU A 30 4.30 20.45 -29.74
C LEU A 30 4.34 18.93 -29.66
N ALA A 31 3.17 18.32 -29.55
CA ALA A 31 3.08 16.86 -29.49
C ALA A 31 2.83 16.30 -30.89
N ALA A 32 3.89 15.85 -31.54
CA ALA A 32 3.79 15.31 -32.89
C ALA A 32 4.18 13.83 -32.89
N ASP A 33 3.84 13.13 -31.81
CA ASP A 33 4.33 11.78 -31.58
C ASP A 33 3.30 10.70 -31.90
N GLU A 34 2.34 11.01 -32.76
CA GLU A 34 1.32 10.04 -33.14
C GLU A 34 1.98 8.83 -33.81
N SER A 35 1.68 7.64 -33.30
CA SER A 35 2.16 6.42 -33.92
C SER A 35 1.68 6.32 -35.36
N THR A 36 2.28 5.41 -36.12
CA THR A 36 1.91 5.27 -37.53
C THR A 36 0.44 4.90 -37.66
N GLY A 37 -0.04 4.10 -36.72
CA GLY A 37 -1.43 3.69 -36.70
C GLY A 37 -2.35 4.83 -36.32
N SER A 38 -1.83 5.75 -35.50
CA SER A 38 -2.61 6.89 -35.03
C SER A 38 -2.64 8.00 -36.09
N ILE A 39 -1.50 8.24 -36.73
CA ILE A 39 -1.44 9.28 -37.76
C ILE A 39 -2.22 8.81 -38.97
N ALA A 40 -2.37 7.50 -39.11
CA ALA A 40 -3.18 6.92 -40.18
C ALA A 40 -4.59 7.49 -40.15
N LYS A 41 -5.17 7.59 -38.97
CA LYS A 41 -6.52 8.13 -38.80
C LYS A 41 -6.58 9.61 -39.19
N ARG A 42 -5.51 10.34 -38.95
CA ARG A 42 -5.44 11.76 -39.27
C ARG A 42 -5.38 11.97 -40.76
N LEU A 43 -4.53 11.22 -41.43
CA LEU A 43 -4.34 11.34 -42.86
C LEU A 43 -5.58 10.90 -43.64
N GLN A 44 -6.16 9.78 -43.23
CA GLN A 44 -7.35 9.25 -43.88
C GLN A 44 -8.50 10.26 -43.81
N SER A 45 -8.57 11.00 -42.71
CA SER A 45 -9.68 11.93 -42.48
C SER A 45 -9.60 13.12 -43.43
N ILE A 46 -8.45 13.30 -44.08
CA ILE A 46 -8.30 14.30 -45.14
C ILE A 46 -8.05 13.62 -46.49
N GLY A 47 -8.50 12.37 -46.61
CA GLY A 47 -8.36 11.62 -47.85
C GLY A 47 -6.94 11.58 -48.38
N THR A 48 -5.99 11.31 -47.50
CA THR A 48 -4.59 11.20 -47.87
C THR A 48 -4.03 9.82 -47.51
N GLU A 49 -3.24 9.25 -48.41
CA GLU A 49 -2.70 7.92 -48.21
C GLU A 49 -1.64 7.91 -47.10
N ASN A 50 -1.69 6.89 -46.26
CA ASN A 50 -0.74 6.78 -45.15
C ASN A 50 0.56 6.15 -45.59
N THR A 51 1.44 6.97 -46.16
CA THR A 51 2.74 6.52 -46.60
C THR A 51 3.81 7.19 -45.75
N GLU A 52 5.01 6.60 -45.73
CA GLU A 52 6.10 7.16 -44.96
C GLU A 52 6.41 8.58 -45.44
N GLU A 53 6.28 8.80 -46.75
CA GLU A 53 6.61 10.09 -47.32
C GLU A 53 5.63 11.18 -46.90
N ASN A 54 4.34 10.88 -46.92
CA ASN A 54 3.32 11.84 -46.50
C ASN A 54 3.47 12.15 -45.02
N ARG A 55 3.88 11.15 -44.24
CA ARG A 55 4.13 11.35 -42.82
C ARG A 55 5.35 12.24 -42.63
N ARG A 56 6.40 11.97 -43.41
CA ARG A 56 7.61 12.79 -43.36
C ARG A 56 7.29 14.22 -43.77
N PHE A 57 6.50 14.39 -44.82
CA PHE A 57 6.19 15.72 -45.31
C PHE A 57 5.35 16.50 -44.30
N TYR A 58 4.36 15.85 -43.71
CA TYR A 58 3.50 16.53 -42.75
C TYR A 58 4.30 16.99 -41.54
N ARG A 59 5.16 16.11 -41.02
CA ARG A 59 5.99 16.46 -39.88
C ARG A 59 6.95 17.59 -40.26
N GLN A 60 7.53 17.49 -41.45
CA GLN A 60 8.40 18.56 -41.96
C GLN A 60 7.65 19.89 -41.95
N LEU A 61 6.40 19.86 -42.41
CA LEU A 61 5.55 21.04 -42.46
C LEU A 61 5.50 21.73 -41.10
N LEU A 62 5.33 20.95 -40.04
CA LEU A 62 5.24 21.52 -38.69
C LEU A 62 6.61 21.99 -38.19
N LEU A 63 7.64 21.17 -38.37
CA LEU A 63 8.92 21.44 -37.76
C LEU A 63 9.66 22.59 -38.43
N THR A 64 9.29 22.90 -39.67
CA THR A 64 9.96 23.94 -40.44
C THR A 64 9.11 25.20 -40.58
N ALA A 65 8.08 25.32 -39.75
CA ALA A 65 7.30 26.56 -39.70
C ALA A 65 8.23 27.72 -39.37
N ASP A 66 7.84 28.94 -39.74
CA ASP A 66 8.74 30.08 -39.63
C ASP A 66 9.11 30.38 -38.18
N ASP A 67 10.04 31.31 -37.99
CA ASP A 67 10.67 31.55 -36.70
C ASP A 67 9.77 32.22 -35.68
N ARG A 68 8.51 32.44 -36.02
CA ARG A 68 7.57 33.00 -35.05
C ARG A 68 7.23 31.98 -33.95
N VAL A 69 7.46 30.70 -34.23
CA VAL A 69 7.16 29.64 -33.28
C VAL A 69 8.31 29.43 -32.31
N ASN A 70 9.50 29.91 -32.67
CA ASN A 70 10.70 29.65 -31.87
C ASN A 70 10.50 30.01 -30.38
N PRO A 71 9.97 31.19 -30.08
CA PRO A 71 9.76 31.51 -28.66
C PRO A 71 8.52 30.83 -28.08
N CYS A 72 7.75 30.17 -28.95
CA CYS A 72 6.52 29.50 -28.52
C CYS A 72 6.74 28.03 -28.16
N ILE A 73 7.70 27.40 -28.81
CA ILE A 73 7.90 25.97 -28.69
C ILE A 73 9.21 25.67 -27.99
N GLY A 74 9.10 25.19 -26.76
CA GLY A 74 10.27 24.80 -25.99
C GLY A 74 10.66 23.35 -26.24
N GLY A 75 9.70 22.56 -26.70
CA GLY A 75 9.97 21.15 -26.97
C GLY A 75 9.05 20.56 -28.02
N VAL A 76 9.54 19.51 -28.68
CA VAL A 76 8.75 18.80 -29.68
C VAL A 76 8.88 17.30 -29.41
N ILE A 77 7.74 16.64 -29.22
CA ILE A 77 7.73 15.20 -29.00
C ILE A 77 7.57 14.51 -30.34
N LEU A 78 8.50 13.61 -30.64
CA LEU A 78 8.44 12.86 -31.88
C LEU A 78 8.16 11.38 -31.62
N PHE A 79 7.57 10.72 -32.61
CA PHE A 79 7.46 9.27 -32.63
C PHE A 79 8.75 8.71 -33.21
N HIS A 80 9.08 7.46 -32.88
CA HIS A 80 10.36 6.85 -33.25
C HIS A 80 10.75 7.13 -34.72
N GLU A 81 9.86 6.82 -35.64
CA GLU A 81 10.15 6.98 -37.07
C GLU A 81 10.66 8.38 -37.39
N THR A 82 9.97 9.39 -36.88
CA THR A 82 10.26 10.78 -37.19
C THR A 82 11.62 11.24 -36.64
N LEU A 83 12.06 10.63 -35.56
CA LEU A 83 13.33 10.99 -34.95
C LEU A 83 14.50 10.77 -35.92
N TYR A 84 14.31 9.82 -36.83
CA TYR A 84 15.39 9.44 -37.74
C TYR A 84 15.10 9.84 -39.18
N GLN A 85 14.11 10.71 -39.37
CA GLN A 85 13.82 11.25 -40.68
C GLN A 85 14.53 12.59 -40.89
N LYS A 86 14.58 13.01 -42.15
CA LYS A 86 15.27 14.24 -42.52
C LYS A 86 14.36 15.16 -43.29
N ALA A 87 14.64 16.46 -43.21
CA ALA A 87 13.94 17.44 -44.03
C ALA A 87 14.46 17.38 -45.47
N ASP A 88 13.82 18.13 -46.36
CA ASP A 88 14.21 18.13 -47.76
C ASP A 88 15.67 18.53 -47.96
N ASP A 89 16.15 19.44 -47.13
CA ASP A 89 17.52 19.94 -47.25
C ASP A 89 18.55 19.02 -46.59
N GLY A 90 18.13 17.82 -46.21
CA GLY A 90 19.03 16.84 -45.65
C GLY A 90 19.22 16.92 -44.14
N ARG A 91 18.67 17.96 -43.51
CA ARG A 91 18.86 18.13 -42.08
C ARG A 91 18.02 17.13 -41.28
N PRO A 92 18.66 16.37 -40.37
CA PRO A 92 17.85 15.52 -39.48
C PRO A 92 16.84 16.33 -38.70
N PHE A 93 15.62 15.82 -38.56
CA PHE A 93 14.57 16.57 -37.87
C PHE A 93 14.99 17.04 -36.48
N PRO A 94 15.72 16.21 -35.73
CA PRO A 94 16.19 16.70 -34.42
C PRO A 94 17.04 17.97 -34.53
N GLN A 95 17.85 18.08 -35.57
CA GLN A 95 18.67 19.27 -35.78
C GLN A 95 17.78 20.45 -36.14
N VAL A 96 16.73 20.19 -36.91
CA VAL A 96 15.77 21.21 -37.28
C VAL A 96 15.14 21.80 -36.02
N ILE A 97 14.75 20.92 -35.11
CA ILE A 97 14.09 21.33 -33.89
C ILE A 97 15.03 22.16 -33.01
N LYS A 98 16.23 21.65 -32.80
CA LYS A 98 17.19 22.33 -31.94
C LYS A 98 17.61 23.70 -32.49
N SER A 99 17.73 23.81 -33.81
CA SER A 99 18.17 25.06 -34.42
C SER A 99 17.12 26.16 -34.24
N LYS A 100 15.86 25.76 -34.01
CA LYS A 100 14.79 26.72 -33.76
C LYS A 100 14.61 26.95 -32.25
N GLY A 101 15.55 26.44 -31.45
CA GLY A 101 15.55 26.68 -30.02
C GLY A 101 14.72 25.70 -29.19
N GLY A 102 14.35 24.58 -29.80
CA GLY A 102 13.52 23.58 -29.13
C GLY A 102 14.30 22.39 -28.60
N VAL A 103 13.71 21.73 -27.61
CA VAL A 103 14.26 20.47 -27.11
C VAL A 103 13.54 19.32 -27.83
N VAL A 104 14.26 18.25 -28.11
CA VAL A 104 13.68 17.11 -28.82
C VAL A 104 13.21 16.06 -27.83
N GLY A 105 11.97 15.59 -28.03
CA GLY A 105 11.40 14.58 -27.18
C GLY A 105 11.01 13.33 -27.94
N ILE A 106 10.92 12.21 -27.21
CA ILE A 106 10.61 10.94 -27.83
C ILE A 106 9.55 10.20 -27.02
N LYS A 107 8.51 9.75 -27.71
CA LYS A 107 7.50 8.90 -27.09
C LYS A 107 8.05 7.49 -27.00
N VAL A 108 8.02 6.90 -25.80
CA VAL A 108 8.71 5.64 -25.59
C VAL A 108 7.79 4.48 -25.15
N ASP A 109 6.52 4.76 -24.88
CA ASP A 109 5.62 3.68 -24.47
C ASP A 109 5.15 2.89 -25.68
N LYS A 110 4.63 1.70 -25.44
CA LYS A 110 4.19 0.83 -26.52
C LYS A 110 2.70 0.52 -26.44
N GLY A 111 1.93 1.51 -26.00
CA GLY A 111 0.48 1.42 -26.01
C GLY A 111 -0.11 0.75 -24.78
N VAL A 112 -1.43 0.82 -24.69
CA VAL A 112 -2.15 0.29 -23.57
C VAL A 112 -2.41 -1.20 -23.77
N VAL A 113 -2.59 -1.91 -22.66
CA VAL A 113 -2.99 -3.31 -22.68
C VAL A 113 -4.07 -3.49 -21.62
N PRO A 114 -4.99 -4.43 -21.85
CA PRO A 114 -6.08 -4.64 -20.89
C PRO A 114 -5.63 -5.22 -19.54
N LEU A 115 -6.23 -4.73 -18.46
CA LEU A 115 -6.08 -5.31 -17.14
C LEU A 115 -7.20 -6.30 -16.88
N ALA A 116 -6.85 -7.58 -16.78
CA ALA A 116 -7.83 -8.62 -16.54
C ALA A 116 -8.53 -8.38 -15.22
N GLY A 117 -9.83 -8.68 -15.18
CA GLY A 117 -10.58 -8.55 -13.94
C GLY A 117 -11.15 -7.17 -13.68
N THR A 118 -11.05 -6.28 -14.66
CA THR A 118 -11.54 -4.92 -14.52
C THR A 118 -12.58 -4.61 -15.58
N ASN A 119 -13.31 -3.52 -15.38
CA ASN A 119 -14.31 -3.10 -16.35
C ASN A 119 -13.65 -2.28 -17.47
N GLY A 120 -12.88 -2.95 -18.31
CA GLY A 120 -12.30 -2.31 -19.49
C GLY A 120 -11.17 -1.34 -19.21
N GLU A 121 -10.51 -1.50 -18.07
CA GLU A 121 -9.39 -0.63 -17.72
C GLU A 121 -8.09 -1.18 -18.28
N THR A 122 -7.10 -0.31 -18.40
CA THR A 122 -5.83 -0.66 -18.99
C THR A 122 -4.63 -0.23 -18.17
N THR A 123 -3.49 -0.84 -18.46
CA THR A 123 -2.20 -0.30 -18.06
C THR A 123 -1.44 -0.08 -19.36
N THR A 124 -0.18 0.34 -19.26
CA THR A 124 0.63 0.61 -20.43
C THR A 124 1.90 -0.24 -20.41
N GLN A 125 2.31 -0.70 -21.58
CA GLN A 125 3.53 -1.50 -21.71
C GLN A 125 4.61 -0.68 -22.40
N GLY A 126 5.85 -1.17 -22.34
CA GLY A 126 6.97 -0.52 -22.99
C GLY A 126 8.26 -0.44 -22.19
N LEU A 127 8.30 -1.14 -21.05
CA LEU A 127 9.48 -1.08 -20.17
C LEU A 127 10.62 -1.97 -20.65
N ASP A 128 10.29 -3.04 -21.35
CA ASP A 128 11.30 -3.99 -21.80
C ASP A 128 12.31 -3.32 -22.72
N GLY A 129 13.59 -3.43 -22.37
CA GLY A 129 14.64 -2.81 -23.14
C GLY A 129 14.58 -1.29 -23.17
N LEU A 130 13.85 -0.70 -22.24
CA LEU A 130 13.67 0.75 -22.26
C LEU A 130 14.96 1.50 -21.99
N SER A 131 15.81 0.95 -21.12
CA SER A 131 17.06 1.60 -20.78
C SER A 131 17.97 1.72 -22.00
N GLU A 132 18.01 0.68 -22.80
CA GLU A 132 18.84 0.66 -24.00
C GLU A 132 18.28 1.63 -25.03
N ARG A 133 16.96 1.63 -25.19
CA ARG A 133 16.29 2.54 -26.10
C ARG A 133 16.56 3.99 -25.70
N CYS A 134 16.48 4.28 -24.41
CA CYS A 134 16.68 5.65 -23.94
C CYS A 134 18.09 6.13 -24.20
N ALA A 135 19.07 5.28 -23.94
CA ALA A 135 20.47 5.60 -24.21
C ALA A 135 20.67 5.89 -25.69
N GLN A 136 20.02 5.09 -26.53
CA GLN A 136 20.13 5.27 -27.97
C GLN A 136 19.46 6.57 -28.41
N TYR A 137 18.27 6.83 -27.88
CA TYR A 137 17.56 8.06 -28.19
C TYR A 137 18.35 9.29 -27.74
N LYS A 138 18.95 9.19 -26.55
CA LYS A 138 19.75 10.27 -25.99
C LYS A 138 20.91 10.61 -26.91
N LYS A 139 21.62 9.57 -27.32
CA LYS A 139 22.70 9.67 -28.28
C LYS A 139 22.24 10.32 -29.58
N ASP A 140 21.02 10.03 -29.98
CA ASP A 140 20.48 10.51 -31.25
C ASP A 140 19.70 11.82 -31.11
N GLY A 141 19.88 12.53 -29.99
CA GLY A 141 19.40 13.89 -29.88
C GLY A 141 18.19 14.17 -29.00
N ALA A 142 17.56 13.12 -28.46
CA ALA A 142 16.41 13.30 -27.60
C ALA A 142 16.84 13.64 -26.18
N ASP A 143 16.13 14.56 -25.54
CA ASP A 143 16.45 14.97 -24.17
C ASP A 143 15.29 14.74 -23.19
N PHE A 144 14.09 14.50 -23.71
CA PHE A 144 12.98 14.13 -22.83
C PHE A 144 12.09 13.09 -23.50
N ALA A 145 11.20 12.49 -22.71
CA ALA A 145 10.35 11.42 -23.21
C ALA A 145 8.91 11.59 -22.75
N LYS A 146 8.04 10.79 -23.35
CA LYS A 146 6.63 10.78 -23.00
C LYS A 146 6.17 9.34 -22.85
N TRP A 147 5.34 9.13 -21.85
CA TRP A 147 4.73 7.84 -21.58
C TRP A 147 3.31 8.10 -21.14
N ARG A 148 2.35 7.52 -21.87
CA ARG A 148 0.94 7.80 -21.63
C ARG A 148 0.22 6.64 -20.95
N CYS A 149 -0.30 6.91 -19.76
CA CYS A 149 -1.25 6.01 -19.11
C CYS A 149 -2.65 6.60 -19.26
N VAL A 150 -3.65 5.73 -19.35
CA VAL A 150 -5.02 6.15 -19.57
C VAL A 150 -5.94 5.57 -18.49
N LEU A 151 -6.71 6.45 -17.85
CA LEU A 151 -7.70 6.07 -16.84
C LEU A 151 -9.06 6.61 -17.24
N LYS A 152 -10.11 5.88 -16.91
CA LYS A 152 -11.46 6.26 -17.32
C LYS A 152 -12.39 6.37 -16.11
N ILE A 153 -13.20 7.43 -16.09
CA ILE A 153 -14.19 7.63 -15.05
C ILE A 153 -15.48 6.93 -15.43
N GLY A 154 -15.85 5.93 -14.63
CA GLY A 154 -17.07 5.19 -14.83
C GLY A 154 -17.72 4.86 -13.50
N GLU A 155 -18.65 3.91 -13.50
CA GLU A 155 -19.34 3.57 -12.27
C GLU A 155 -18.41 2.93 -11.26
N HIS A 156 -17.52 2.07 -11.74
CA HIS A 156 -16.60 1.35 -10.87
C HIS A 156 -15.16 1.64 -11.24
N THR A 157 -14.92 2.78 -11.89
CA THR A 157 -13.59 3.14 -12.37
C THR A 157 -13.28 4.61 -12.16
N PRO A 158 -11.99 4.96 -12.02
CA PRO A 158 -10.83 4.06 -12.03
C PRO A 158 -10.69 3.28 -10.73
N SER A 159 -10.45 1.98 -10.84
CA SER A 159 -10.35 1.11 -9.68
C SER A 159 -9.01 1.30 -8.97
N ALA A 160 -8.94 0.78 -7.75
CA ALA A 160 -7.71 0.80 -6.97
C ALA A 160 -6.57 0.13 -7.75
N LEU A 161 -6.86 -1.01 -8.39
CA LEU A 161 -5.85 -1.71 -9.16
C LEU A 161 -5.28 -0.84 -10.28
N ALA A 162 -6.17 -0.25 -11.07
CA ALA A 162 -5.78 0.54 -12.22
C ALA A 162 -4.93 1.72 -11.81
N ILE A 163 -5.33 2.39 -10.74
CA ILE A 163 -4.59 3.55 -10.26
C ILE A 163 -3.20 3.13 -9.80
N MET A 164 -3.13 2.09 -8.98
CA MET A 164 -1.86 1.63 -8.44
C MET A 164 -0.91 1.15 -9.56
N GLU A 165 -1.41 0.33 -10.46
CA GLU A 165 -0.60 -0.26 -11.53
C GLU A 165 -0.07 0.81 -12.48
N ASN A 166 -0.93 1.74 -12.89
CA ASN A 166 -0.50 2.78 -13.81
C ASN A 166 0.48 3.75 -13.15
N ALA A 167 0.27 4.08 -11.88
CA ALA A 167 1.20 4.95 -11.16
C ALA A 167 2.57 4.29 -11.05
N ASN A 168 2.57 2.98 -10.82
CA ASN A 168 3.81 2.23 -10.63
C ASN A 168 4.60 2.10 -11.94
N VAL A 169 3.90 1.90 -13.06
CA VAL A 169 4.58 1.74 -14.34
C VAL A 169 5.13 3.10 -14.76
N LEU A 170 4.41 4.17 -14.45
CA LEU A 170 4.90 5.52 -14.72
C LEU A 170 6.19 5.80 -13.97
N ALA A 171 6.24 5.36 -12.71
CA ALA A 171 7.42 5.56 -11.87
C ALA A 171 8.62 4.77 -12.38
N ARG A 172 8.38 3.54 -12.83
CA ARG A 172 9.42 2.70 -13.43
C ARG A 172 9.99 3.37 -14.67
N TYR A 173 9.10 3.87 -15.51
CA TYR A 173 9.50 4.53 -16.75
C TYR A 173 10.31 5.77 -16.44
N ALA A 174 9.88 6.53 -15.44
CA ALA A 174 10.55 7.76 -15.07
C ALA A 174 11.95 7.47 -14.53
N SER A 175 12.08 6.39 -13.76
CA SER A 175 13.35 6.01 -13.20
C SER A 175 14.36 5.66 -14.29
N ILE A 176 13.91 4.86 -15.26
CA ILE A 176 14.77 4.42 -16.34
C ILE A 176 15.21 5.61 -17.18
N CYS A 177 14.28 6.50 -17.50
CA CYS A 177 14.60 7.70 -18.25
C CYS A 177 15.69 8.52 -17.57
N GLN A 178 15.54 8.75 -16.27
CA GLN A 178 16.44 9.62 -15.54
C GLN A 178 17.84 9.02 -15.40
N GLN A 179 17.94 7.70 -15.43
CA GLN A 179 19.24 7.04 -15.41
C GLN A 179 20.01 7.29 -16.70
N ASN A 180 19.28 7.67 -17.74
CA ASN A 180 19.89 7.86 -19.06
C ASN A 180 19.86 9.32 -19.49
N GLY A 181 19.68 10.23 -18.53
CA GLY A 181 19.74 11.64 -18.82
C GLY A 181 18.55 12.16 -19.59
N ILE A 182 17.44 11.43 -19.54
CA ILE A 182 16.21 11.82 -20.23
C ILE A 182 15.20 12.30 -19.21
N VAL A 183 14.61 13.46 -19.46
CA VAL A 183 13.54 13.97 -18.62
C VAL A 183 12.24 13.26 -18.95
N PRO A 184 11.63 12.58 -17.98
CA PRO A 184 10.35 11.94 -18.28
C PRO A 184 9.16 12.88 -18.09
N ILE A 185 8.29 12.93 -19.09
CA ILE A 185 6.99 13.54 -18.92
C ILE A 185 6.04 12.45 -18.43
N VAL A 186 5.50 12.67 -17.23
CA VAL A 186 4.57 11.74 -16.61
C VAL A 186 3.16 12.12 -17.04
N GLU A 187 2.51 11.25 -17.80
CA GLU A 187 1.17 11.53 -18.32
C GLU A 187 0.14 10.54 -17.80
N PRO A 188 -0.52 10.85 -16.68
CA PRO A 188 -1.67 10.07 -16.23
C PRO A 188 -2.97 10.68 -16.75
N GLU A 189 -3.34 10.39 -17.98
CA GLU A 189 -4.53 11.00 -18.56
C GLU A 189 -5.80 10.36 -18.06
N ILE A 190 -6.67 11.18 -17.50
CA ILE A 190 -8.02 10.74 -17.19
C ILE A 190 -8.90 11.17 -18.35
N LEU A 191 -9.46 10.20 -19.05
CA LEU A 191 -10.27 10.50 -20.23
C LEU A 191 -11.50 11.32 -19.86
N PRO A 192 -11.95 12.17 -20.80
CA PRO A 192 -13.17 12.96 -20.58
C PRO A 192 -14.46 12.17 -20.84
N ASP A 193 -14.34 10.93 -21.30
CA ASP A 193 -15.51 10.12 -21.62
C ASP A 193 -16.44 9.96 -20.43
N GLY A 194 -17.74 10.07 -20.67
CA GLY A 194 -18.74 9.84 -19.64
C GLY A 194 -19.61 11.03 -19.33
N ASP A 195 -20.54 10.85 -18.41
CA ASP A 195 -21.49 11.90 -18.05
C ASP A 195 -21.20 12.48 -16.65
N HIS A 196 -19.99 12.24 -16.15
CA HIS A 196 -19.58 12.77 -14.85
C HIS A 196 -19.50 14.29 -14.88
N ASP A 197 -19.65 14.91 -13.72
CA ASP A 197 -19.60 16.36 -13.63
C ASP A 197 -18.18 16.83 -13.27
N LEU A 198 -18.01 18.14 -13.14
CA LEU A 198 -16.71 18.74 -12.91
C LEU A 198 -16.08 18.26 -11.61
N LYS A 199 -16.87 18.18 -10.55
CA LYS A 199 -16.29 17.87 -9.24
C LYS A 199 -15.94 16.39 -9.13
N ARG A 200 -16.58 15.54 -9.93
CA ARG A 200 -16.21 14.14 -9.98
C ARG A 200 -14.82 14.03 -10.61
N CYS A 201 -14.60 14.80 -11.67
CA CYS A 201 -13.31 14.79 -12.34
C CYS A 201 -12.23 15.31 -11.41
N GLN A 202 -12.54 16.35 -10.66
CA GLN A 202 -11.58 16.93 -9.72
C GLN A 202 -11.20 15.91 -8.64
N TYR A 203 -12.19 15.17 -8.16
CA TYR A 203 -11.95 14.16 -7.14
C TYR A 203 -11.03 13.06 -7.66
N VAL A 204 -11.37 12.51 -8.83
CA VAL A 204 -10.59 11.43 -9.42
C VAL A 204 -9.18 11.90 -9.73
N THR A 205 -9.07 13.10 -10.29
CA THR A 205 -7.77 13.67 -10.65
C THR A 205 -6.87 13.80 -9.43
N GLU A 206 -7.45 14.27 -8.33
CA GLU A 206 -6.71 14.41 -7.07
C GLU A 206 -6.22 13.06 -6.57
N LYS A 207 -7.08 12.04 -6.64
CA LYS A 207 -6.70 10.72 -6.16
C LYS A 207 -5.63 10.11 -7.07
N VAL A 208 -5.78 10.30 -8.38
CA VAL A 208 -4.82 9.75 -9.33
C VAL A 208 -3.47 10.43 -9.10
N LEU A 209 -3.46 11.74 -8.97
CA LEU A 209 -2.20 12.45 -8.82
C LEU A 209 -1.52 12.14 -7.48
N ALA A 210 -2.29 11.94 -6.42
CA ALA A 210 -1.69 11.59 -5.14
C ALA A 210 -0.98 10.24 -5.25
N ALA A 211 -1.61 9.31 -5.95
CA ALA A 211 -1.03 7.99 -6.14
C ALA A 211 0.22 8.08 -7.01
N VAL A 212 0.17 8.94 -8.02
CA VAL A 212 1.30 9.10 -8.92
C VAL A 212 2.52 9.57 -8.15
N TYR A 213 2.35 10.58 -7.31
CA TYR A 213 3.53 11.16 -6.67
C TYR A 213 4.00 10.34 -5.48
N LYS A 214 3.14 9.53 -4.89
CA LYS A 214 3.61 8.58 -3.90
C LYS A 214 4.51 7.55 -4.59
N ALA A 215 4.04 7.05 -5.74
CA ALA A 215 4.81 6.10 -6.53
C ALA A 215 6.16 6.70 -6.95
N LEU A 216 6.15 7.94 -7.43
CA LEU A 216 7.40 8.58 -7.84
C LEU A 216 8.36 8.66 -6.65
N SER A 217 7.83 8.95 -5.46
CA SER A 217 8.66 8.99 -4.26
C SER A 217 9.21 7.60 -3.93
N ASP A 218 8.35 6.59 -3.95
CA ASP A 218 8.78 5.21 -3.65
C ASP A 218 9.89 4.74 -4.61
N HIS A 219 9.86 5.23 -5.85
CA HIS A 219 10.85 4.82 -6.86
C HIS A 219 12.02 5.81 -6.94
N HIS A 220 12.10 6.75 -6.01
CA HIS A 220 13.23 7.67 -5.91
C HIS A 220 13.39 8.56 -7.13
N ILE A 221 12.27 9.05 -7.65
CA ILE A 221 12.31 9.93 -8.81
C ILE A 221 12.68 11.35 -8.41
N TYR A 222 13.53 11.96 -9.23
CA TYR A 222 13.96 13.34 -9.04
C TYR A 222 12.94 14.29 -9.67
N LEU A 223 12.08 14.86 -8.83
CA LEU A 223 10.91 15.62 -9.32
C LEU A 223 11.30 16.86 -10.12
N GLU A 224 12.39 17.51 -9.73
CA GLU A 224 12.86 18.70 -10.42
C GLU A 224 13.27 18.36 -11.86
N GLY A 225 13.56 17.08 -12.08
CA GLY A 225 13.87 16.59 -13.41
C GLY A 225 12.71 15.84 -14.05
N THR A 226 11.49 16.27 -13.73
CA THR A 226 10.30 15.70 -14.37
C THR A 226 9.31 16.78 -14.77
N LEU A 227 8.38 16.40 -15.64
CA LEU A 227 7.25 17.24 -15.98
C LEU A 227 5.98 16.40 -15.82
N LEU A 228 4.87 17.06 -15.54
CA LEU A 228 3.59 16.39 -15.41
C LEU A 228 2.71 16.76 -16.58
N LYS A 229 2.05 15.77 -17.17
CA LYS A 229 1.15 16.01 -18.28
C LYS A 229 -0.23 15.47 -17.93
N PRO A 230 -1.03 16.27 -17.23
CA PRO A 230 -2.36 15.81 -16.83
C PRO A 230 -3.46 16.35 -17.72
N ASN A 231 -4.61 15.69 -17.67
CA ASN A 231 -5.83 16.28 -18.18
C ASN A 231 -6.14 17.54 -17.39
N MET A 232 -6.78 18.51 -18.04
CA MET A 232 -7.40 19.59 -17.30
C MET A 232 -8.59 18.98 -16.59
N VAL A 233 -9.03 19.62 -15.51
CA VAL A 233 -10.22 19.15 -14.82
C VAL A 233 -11.43 19.76 -15.52
N THR A 234 -12.20 18.88 -16.16
CA THR A 234 -13.37 19.27 -16.92
C THR A 234 -14.52 18.31 -16.69
N PRO A 235 -15.75 18.73 -16.99
CA PRO A 235 -16.83 17.74 -16.96
C PRO A 235 -16.64 16.69 -18.05
N GLY A 236 -17.35 15.58 -17.94
CA GLY A 236 -17.33 14.56 -18.96
C GLY A 236 -17.98 15.06 -20.24
N HIS A 237 -17.64 14.45 -21.35
CA HIS A 237 -18.18 14.81 -22.65
C HIS A 237 -19.71 14.82 -22.65
N ALA A 238 -20.31 13.85 -21.97
CA ALA A 238 -21.76 13.69 -22.00
C ALA A 238 -22.46 14.40 -20.84
N CYS A 239 -21.73 15.22 -20.08
CA CYS A 239 -22.36 15.95 -18.99
C CYS A 239 -23.18 17.10 -19.55
N THR A 240 -24.42 17.20 -19.11
CA THR A 240 -25.35 18.21 -19.62
C THR A 240 -25.10 19.56 -18.95
N GLN A 241 -24.73 19.52 -17.68
CA GLN A 241 -24.43 20.75 -16.95
C GLN A 241 -23.34 21.52 -17.66
N LYS A 242 -23.36 22.85 -17.49
CA LYS A 242 -22.37 23.72 -18.11
C LYS A 242 -21.54 24.48 -17.09
N TYR A 243 -20.29 24.73 -17.46
CA TYR A 243 -19.32 25.40 -16.59
C TYR A 243 -18.57 26.48 -17.36
N SER A 244 -18.15 27.52 -16.65
CA SER A 244 -17.34 28.57 -17.25
C SER A 244 -15.87 28.15 -17.25
N HIS A 245 -15.06 28.87 -18.01
CA HIS A 245 -13.63 28.57 -18.08
C HIS A 245 -12.98 28.84 -16.74
N GLU A 246 -13.56 29.75 -15.96
CA GLU A 246 -13.02 30.10 -14.65
C GLU A 246 -13.20 28.97 -13.67
N GLU A 247 -14.33 28.27 -13.76
CA GLU A 247 -14.62 27.14 -12.90
C GLU A 247 -13.71 25.98 -13.27
N ILE A 248 -13.56 25.78 -14.58
CA ILE A 248 -12.65 24.77 -15.09
C ILE A 248 -11.25 25.08 -14.60
N ALA A 249 -10.86 26.35 -14.69
CA ALA A 249 -9.55 26.80 -14.24
C ALA A 249 -9.38 26.59 -12.75
N MET A 250 -10.38 26.99 -11.97
CA MET A 250 -10.34 26.91 -10.53
C MET A 250 -10.21 25.45 -10.08
N ALA A 251 -10.99 24.57 -10.70
CA ALA A 251 -10.99 23.16 -10.34
C ALA A 251 -9.66 22.52 -10.70
N THR A 252 -9.09 22.95 -11.83
CA THR A 252 -7.82 22.40 -12.29
C THR A 252 -6.69 22.81 -11.36
N VAL A 253 -6.60 24.09 -11.07
CA VAL A 253 -5.50 24.60 -10.24
C VAL A 253 -5.64 24.04 -8.85
N THR A 254 -6.87 23.87 -8.38
CA THR A 254 -7.10 23.37 -7.04
C THR A 254 -6.61 21.94 -6.92
N ALA A 255 -6.95 21.10 -7.89
CA ALA A 255 -6.53 19.71 -7.87
C ALA A 255 -5.01 19.61 -7.84
N LEU A 256 -4.34 20.45 -8.62
CA LEU A 256 -2.88 20.43 -8.72
C LEU A 256 -2.24 20.88 -7.41
N ARG A 257 -2.77 21.95 -6.84
CA ARG A 257 -2.26 22.49 -5.58
C ARG A 257 -2.37 21.50 -4.45
N ARG A 258 -3.32 20.58 -4.54
CA ARG A 258 -3.54 19.60 -3.47
C ARG A 258 -2.71 18.33 -3.62
N THR A 259 -1.97 18.20 -4.72
CA THR A 259 -1.28 16.94 -5.01
C THR A 259 0.13 17.05 -5.60
N VAL A 260 0.41 18.12 -6.33
CA VAL A 260 1.69 18.23 -7.02
C VAL A 260 2.69 19.03 -6.20
N PRO A 261 3.77 18.36 -5.72
CA PRO A 261 4.78 19.10 -4.95
C PRO A 261 5.41 20.24 -5.76
N PRO A 262 5.75 21.35 -5.09
CA PRO A 262 6.35 22.50 -5.76
C PRO A 262 7.61 22.17 -6.55
N ALA A 263 8.30 21.11 -6.14
CA ALA A 263 9.56 20.73 -6.76
C ALA A 263 9.35 20.32 -8.22
N VAL A 264 8.14 19.92 -8.57
CA VAL A 264 7.85 19.58 -9.96
C VAL A 264 8.07 20.83 -10.80
N THR A 265 8.84 20.69 -11.87
CA THR A 265 9.30 21.85 -12.61
C THR A 265 8.17 22.48 -13.43
N GLY A 266 7.32 21.65 -14.01
CA GLY A 266 6.24 22.18 -14.81
C GLY A 266 5.12 21.22 -15.11
N VAL A 267 3.97 21.79 -15.44
CA VAL A 267 2.79 21.04 -15.81
C VAL A 267 2.46 21.38 -17.26
N THR A 268 2.46 20.35 -18.10
CA THR A 268 2.18 20.51 -19.52
C THR A 268 0.86 19.85 -19.89
N PHE A 269 -0.21 20.63 -19.94
CA PHE A 269 -1.55 20.07 -20.10
C PHE A 269 -1.78 19.44 -21.46
N LEU A 270 -2.48 18.32 -21.45
CA LEU A 270 -3.00 17.75 -22.68
C LEU A 270 -4.34 18.41 -22.96
N SER A 271 -4.67 18.51 -24.23
CA SER A 271 -5.89 19.17 -24.67
C SER A 271 -7.06 18.20 -24.77
N GLY A 272 -6.75 16.92 -24.89
CA GLY A 272 -7.78 15.89 -24.96
C GLY A 272 -8.75 16.09 -26.10
N GLY A 273 -10.03 16.24 -25.78
CA GLY A 273 -11.07 16.43 -26.79
C GLY A 273 -11.38 17.89 -27.09
N GLN A 274 -10.67 18.79 -26.44
CA GLN A 274 -10.94 20.22 -26.60
C GLN A 274 -10.59 20.73 -28.00
N SER A 275 -11.32 21.74 -28.44
CA SER A 275 -11.01 22.42 -29.69
C SER A 275 -9.73 23.24 -29.52
N GLU A 276 -9.20 23.71 -30.64
CA GLU A 276 -7.99 24.52 -30.62
C GLU A 276 -8.19 25.74 -29.73
N GLU A 277 -9.31 26.42 -29.94
CA GLU A 277 -9.61 27.64 -29.21
C GLU A 277 -9.94 27.36 -27.75
N GLU A 278 -10.77 26.35 -27.50
CA GLU A 278 -11.14 25.95 -26.15
C GLU A 278 -9.91 25.64 -25.29
N ALA A 279 -8.97 24.89 -25.86
CA ALA A 279 -7.75 24.53 -25.16
C ALA A 279 -6.93 25.76 -24.79
N SER A 280 -6.91 26.75 -25.68
CA SER A 280 -6.13 27.97 -25.43
C SER A 280 -6.79 28.83 -24.35
N ILE A 281 -8.11 28.91 -24.40
CA ILE A 281 -8.88 29.71 -23.47
C ILE A 281 -8.77 29.14 -22.06
N ASN A 282 -8.91 27.82 -21.96
CA ASN A 282 -8.81 27.16 -20.67
C ASN A 282 -7.43 27.37 -20.06
N LEU A 283 -6.38 27.18 -20.87
CA LEU A 283 -5.01 27.33 -20.40
C LEU A 283 -4.77 28.76 -19.93
N ASN A 284 -5.41 29.71 -20.59
CA ASN A 284 -5.28 31.11 -20.22
C ASN A 284 -5.94 31.38 -18.87
N ALA A 285 -7.14 30.84 -18.69
CA ALA A 285 -7.86 30.99 -17.44
C ALA A 285 -7.07 30.40 -16.28
N ILE A 286 -6.42 29.27 -16.54
CA ILE A 286 -5.64 28.59 -15.52
C ILE A 286 -4.50 29.48 -15.03
N ASN A 287 -3.87 30.20 -15.95
CA ASN A 287 -2.75 31.04 -15.56
C ASN A 287 -3.20 32.38 -14.97
N LYS A 288 -4.47 32.72 -15.14
CA LYS A 288 -4.99 33.96 -14.56
C LYS A 288 -5.60 33.67 -13.20
N CYS A 289 -5.89 32.40 -12.94
CA CYS A 289 -6.42 31.99 -11.64
C CYS A 289 -5.54 32.60 -10.54
N PRO A 290 -6.16 33.28 -9.56
CA PRO A 290 -5.36 34.06 -8.61
C PRO A 290 -4.61 33.24 -7.57
N LEU A 291 -4.98 31.97 -7.39
CA LEU A 291 -4.32 31.12 -6.42
C LEU A 291 -2.84 30.98 -6.78
N LEU A 292 -2.04 30.58 -5.79
CA LEU A 292 -0.60 30.46 -5.99
C LEU A 292 -0.27 29.16 -6.74
N LYS A 293 0.53 29.29 -7.79
CA LYS A 293 0.92 28.15 -8.62
C LYS A 293 2.45 28.08 -8.72
N PRO A 294 3.09 27.17 -7.97
CA PRO A 294 4.54 27.15 -7.90
C PRO A 294 5.22 26.34 -9.02
N TRP A 295 4.48 26.04 -10.08
CA TRP A 295 5.06 25.40 -11.25
C TRP A 295 4.57 26.08 -12.52
N ALA A 296 5.34 25.95 -13.59
CA ALA A 296 4.90 26.42 -14.89
C ALA A 296 3.64 25.69 -15.27
N LEU A 297 2.68 26.42 -15.82
CA LEU A 297 1.43 25.85 -16.29
C LEU A 297 1.29 26.13 -17.77
N THR A 298 1.65 25.15 -18.60
CA THR A 298 1.69 25.37 -20.04
C THR A 298 1.06 24.21 -20.79
N PHE A 299 1.42 24.05 -22.06
CA PHE A 299 0.74 23.11 -22.93
C PHE A 299 1.66 22.03 -23.48
N SER A 300 1.08 20.85 -23.68
CA SER A 300 1.67 19.80 -24.49
C SER A 300 0.58 19.35 -25.46
N TYR A 301 0.42 20.10 -26.54
CA TYR A 301 -0.73 19.94 -27.42
C TYR A 301 -0.39 19.22 -28.73
N GLY A 302 -1.26 18.28 -29.11
CA GLY A 302 -1.18 17.65 -30.41
C GLY A 302 -2.26 18.24 -31.30
N ARG A 303 -3.48 17.73 -31.15
CA ARG A 303 -4.61 18.20 -31.94
C ARG A 303 -4.81 19.70 -31.84
N ALA A 304 -4.67 20.24 -30.63
CA ALA A 304 -4.95 21.64 -30.38
C ALA A 304 -3.93 22.58 -31.05
N LEU A 305 -2.86 22.01 -31.60
CA LEU A 305 -1.88 22.78 -32.36
C LEU A 305 -1.92 22.44 -33.84
N GLN A 306 -2.50 21.28 -34.17
CA GLN A 306 -2.38 20.71 -35.50
C GLN A 306 -3.68 20.65 -36.30
N ALA A 307 -4.81 20.66 -35.62
CA ALA A 307 -6.10 20.41 -36.27
C ALA A 307 -6.31 21.27 -37.51
N SER A 308 -6.13 22.59 -37.37
CA SER A 308 -6.36 23.50 -38.47
C SER A 308 -5.29 23.38 -39.55
N ALA A 309 -4.04 23.20 -39.13
CA ALA A 309 -2.93 23.04 -40.07
C ALA A 309 -3.18 21.82 -40.94
N LEU A 310 -3.61 20.73 -40.32
CA LEU A 310 -3.85 19.47 -41.02
C LEU A 310 -4.94 19.63 -42.08
N LYS A 311 -5.98 20.38 -41.73
CA LYS A 311 -7.11 20.60 -42.64
C LYS A 311 -6.73 21.51 -43.80
N ALA A 312 -5.99 22.58 -43.50
CA ALA A 312 -5.55 23.51 -44.54
C ALA A 312 -4.60 22.83 -45.52
N TRP A 313 -3.85 21.85 -45.02
CA TRP A 313 -2.91 21.10 -45.85
C TRP A 313 -3.61 20.18 -46.85
N GLY A 314 -4.51 19.34 -46.34
CA GLY A 314 -5.30 18.45 -47.18
C GLY A 314 -4.52 17.44 -47.99
N GLY A 315 -3.25 17.24 -47.66
CA GLY A 315 -2.43 16.27 -48.35
C GLY A 315 -1.82 16.82 -49.63
N LYS A 316 -2.00 18.13 -49.83
CA LYS A 316 -1.54 18.79 -51.04
C LYS A 316 -0.33 19.67 -50.77
N LYS A 317 0.77 19.38 -51.47
CA LYS A 317 2.01 20.12 -51.29
C LYS A 317 1.83 21.64 -51.40
N GLU A 318 0.91 22.08 -52.26
CA GLU A 318 0.77 23.52 -52.52
C GLU A 318 0.11 24.27 -51.37
N ASN A 319 -0.42 23.54 -50.39
CA ASN A 319 -1.07 24.20 -49.24
C ASN A 319 -0.11 24.35 -48.06
N LEU A 320 1.18 24.31 -48.33
CA LEU A 320 2.20 24.40 -47.28
C LEU A 320 2.07 25.66 -46.44
N LYS A 321 2.15 26.82 -47.08
CA LYS A 321 2.15 28.11 -46.37
C LYS A 321 0.85 28.36 -45.59
N ALA A 322 -0.28 28.01 -46.19
CA ALA A 322 -1.57 28.15 -45.53
C ALA A 322 -1.62 27.27 -44.28
N ALA A 323 -1.19 26.02 -44.43
CA ALA A 323 -1.18 25.06 -43.34
C ALA A 323 -0.25 25.50 -42.21
N GLN A 324 0.99 25.83 -42.54
CA GLN A 324 1.95 26.29 -41.54
C GLN A 324 1.40 27.51 -40.79
N GLU A 325 0.73 28.39 -41.53
CA GLU A 325 0.17 29.61 -40.94
C GLU A 325 -0.85 29.29 -39.84
N GLU A 326 -1.63 28.25 -40.04
CA GLU A 326 -2.62 27.85 -39.04
C GLU A 326 -1.92 27.34 -37.78
N TYR A 327 -0.85 26.59 -37.97
CA TYR A 327 -0.07 26.07 -36.85
C TYR A 327 0.56 27.22 -36.06
N VAL A 328 1.19 28.15 -36.78
CA VAL A 328 1.83 29.30 -36.12
C VAL A 328 0.82 30.10 -35.31
N LYS A 329 -0.38 30.26 -35.85
CA LYS A 329 -1.42 31.01 -35.15
C LYS A 329 -1.73 30.36 -33.79
N ARG A 330 -1.84 29.04 -33.76
CA ARG A 330 -2.14 28.33 -32.51
C ARG A 330 -0.94 28.35 -31.57
N ALA A 331 0.26 28.21 -32.11
CA ALA A 331 1.47 28.27 -31.30
C ALA A 331 1.56 29.64 -30.61
N LEU A 332 1.22 30.69 -31.35
CA LEU A 332 1.26 32.05 -30.80
C LEU A 332 0.17 32.26 -29.74
N ALA A 333 -1.01 31.71 -30.00
CA ALA A 333 -2.13 31.83 -29.07
C ALA A 333 -1.79 31.17 -27.73
N ASN A 334 -1.19 29.99 -27.78
CA ASN A 334 -0.93 29.22 -26.58
C ASN A 334 0.27 29.73 -25.81
N SER A 335 1.22 30.35 -26.49
CA SER A 335 2.34 31.00 -25.82
C SER A 335 1.81 32.14 -24.98
N LEU A 336 0.76 32.79 -25.46
CA LEU A 336 0.11 33.87 -24.70
C LEU A 336 -0.73 33.28 -23.56
N ALA A 337 -1.44 32.19 -23.86
CA ALA A 337 -2.30 31.57 -22.86
C ALA A 337 -1.50 31.09 -21.66
N CYS A 338 -0.32 30.52 -21.92
CA CYS A 338 0.48 29.99 -20.82
C CYS A 338 1.16 31.11 -20.04
N GLN A 339 0.89 32.35 -20.44
CA GLN A 339 1.30 33.53 -19.67
C GLN A 339 0.07 34.28 -19.16
N GLY A 340 -1.11 33.77 -19.47
CA GLY A 340 -2.35 34.41 -19.05
C GLY A 340 -2.62 35.71 -19.78
N LYS A 341 -2.08 35.86 -20.99
CA LYS A 341 -2.21 37.09 -21.75
C LYS A 341 -3.00 36.92 -23.05
N TYR A 342 -3.67 35.78 -23.19
CA TYR A 342 -4.41 35.46 -24.42
C TYR A 342 -5.84 35.97 -24.39
N THR A 343 -6.26 36.61 -25.49
CA THR A 343 -7.65 37.04 -25.66
C THR A 343 -8.19 36.41 -26.94
N PRO A 344 -9.28 35.64 -26.83
CA PRO A 344 -9.79 34.96 -28.04
C PRO A 344 -10.33 35.90 -29.12
N SER A 345 -10.97 36.99 -28.72
CA SER A 345 -11.50 37.95 -29.67
C SER A 345 -10.41 38.91 -30.12
N SER A 359 -10.02 31.03 -4.76
CA SER A 359 -10.71 31.85 -3.77
C SER A 359 -11.85 31.06 -3.10
N ASN A 360 -12.81 30.63 -3.91
CA ASN A 360 -13.96 29.89 -3.39
C ASN A 360 -13.61 28.52 -2.82
N HIS A 361 -14.15 28.24 -1.64
CA HIS A 361 -13.95 26.96 -0.95
C HIS A 361 -14.93 25.91 -1.47
N ALA A 362 -15.69 26.28 -2.50
CA ALA A 362 -16.66 25.38 -3.11
C ALA A 362 -15.99 24.20 -3.81
N TYR A 363 -14.68 24.25 -3.96
CA TYR A 363 -13.92 23.20 -4.66
C TYR A 363 -13.17 22.29 -3.69
N PRO B 1 -15.02 -2.88 -5.16
CA PRO B 1 -15.79 -3.89 -4.43
C PRO B 1 -16.79 -4.63 -5.32
N HIS B 2 -16.63 -4.50 -6.63
CA HIS B 2 -17.49 -5.16 -7.60
C HIS B 2 -16.68 -6.14 -8.44
N SER B 3 -17.23 -7.33 -8.65
CA SER B 3 -16.57 -8.37 -9.43
C SER B 3 -16.79 -8.22 -10.94
N HIS B 4 -15.69 -8.16 -11.68
CA HIS B 4 -15.70 -8.27 -13.13
C HIS B 4 -14.84 -9.47 -13.54
N PRO B 5 -15.41 -10.69 -13.50
CA PRO B 5 -14.61 -11.92 -13.55
C PRO B 5 -13.52 -11.93 -14.62
N ALA B 6 -12.29 -12.19 -14.18
CA ALA B 6 -11.17 -12.30 -15.10
C ALA B 6 -11.27 -13.58 -15.92
N LEU B 7 -11.83 -14.62 -15.31
CA LEU B 7 -11.91 -15.94 -15.94
C LEU B 7 -13.30 -16.53 -15.84
N THR B 8 -13.68 -17.27 -16.87
CA THR B 8 -14.91 -18.05 -16.85
C THR B 8 -14.64 -19.36 -16.13
N PRO B 9 -15.71 -20.05 -15.71
CA PRO B 9 -15.53 -21.37 -15.07
C PRO B 9 -14.72 -22.34 -15.91
N GLU B 10 -14.88 -22.27 -17.23
CA GLU B 10 -14.19 -23.16 -18.14
C GLU B 10 -12.69 -22.86 -18.19
N GLN B 11 -12.35 -21.58 -18.22
CA GLN B 11 -10.95 -21.16 -18.19
C GLN B 11 -10.30 -21.59 -16.89
N LYS B 12 -11.06 -21.46 -15.81
CA LYS B 12 -10.58 -21.84 -14.49
C LYS B 12 -10.26 -23.33 -14.44
N LYS B 13 -11.18 -24.13 -14.96
CA LYS B 13 -11.02 -25.57 -14.88
C LYS B 13 -9.77 -26.01 -15.63
N GLU B 14 -9.55 -25.43 -16.81
CA GLU B 14 -8.38 -25.75 -17.63
C GLU B 14 -7.09 -25.46 -16.87
N LEU B 15 -6.99 -24.26 -16.30
CA LEU B 15 -5.79 -23.86 -15.57
C LEU B 15 -5.57 -24.77 -14.37
N SER B 16 -6.64 -25.05 -13.64
CA SER B 16 -6.55 -25.91 -12.47
C SER B 16 -6.13 -27.31 -12.86
N ASP B 17 -6.71 -27.85 -13.92
CA ASP B 17 -6.35 -29.18 -14.40
C ASP B 17 -4.86 -29.22 -14.76
N ILE B 18 -4.38 -28.22 -15.48
CA ILE B 18 -2.97 -28.17 -15.84
C ILE B 18 -2.11 -28.16 -14.57
N ALA B 19 -2.42 -27.25 -13.65
CA ALA B 19 -1.62 -27.12 -12.44
C ALA B 19 -1.55 -28.45 -11.68
N HIS B 20 -2.67 -29.15 -11.61
CA HIS B 20 -2.71 -30.41 -10.88
C HIS B 20 -1.94 -31.52 -11.59
N ARG B 21 -1.96 -31.54 -12.92
CA ARG B 21 -1.20 -32.53 -13.67
C ARG B 21 0.30 -32.39 -13.39
N ILE B 22 0.78 -31.16 -13.35
CA ILE B 22 2.21 -30.90 -13.21
C ILE B 22 2.74 -31.42 -11.88
N VAL B 23 1.99 -31.24 -10.80
CA VAL B 23 2.47 -31.56 -9.45
C VAL B 23 1.76 -32.78 -8.88
N ALA B 24 1.25 -33.65 -9.75
CA ALA B 24 0.62 -34.87 -9.29
C ALA B 24 1.59 -35.66 -8.40
N PRO B 25 1.05 -36.49 -7.50
CA PRO B 25 1.90 -37.19 -6.52
C PRO B 25 3.10 -37.90 -7.15
N GLY B 26 4.28 -37.65 -6.60
CA GLY B 26 5.50 -38.27 -7.08
C GLY B 26 6.17 -37.52 -8.21
N LYS B 27 5.50 -36.51 -8.74
CA LYS B 27 5.99 -35.79 -9.92
C LYS B 27 6.53 -34.42 -9.60
N GLY B 28 7.49 -33.97 -10.41
CA GLY B 28 8.01 -32.63 -10.30
C GLY B 28 8.37 -32.09 -11.67
N ILE B 29 9.16 -31.03 -11.70
CA ILE B 29 9.45 -30.34 -12.95
C ILE B 29 10.93 -30.39 -13.25
N LEU B 30 11.26 -30.74 -14.49
CA LEU B 30 12.60 -30.57 -15.00
C LEU B 30 12.74 -29.16 -15.56
N ALA B 31 13.64 -28.38 -14.99
CA ALA B 31 13.89 -27.02 -15.48
C ALA B 31 15.07 -27.06 -16.44
N ALA B 32 14.76 -27.10 -17.74
CA ALA B 32 15.77 -27.15 -18.78
C ALA B 32 15.70 -25.88 -19.60
N ASP B 33 15.38 -24.77 -18.94
CA ASP B 33 15.07 -23.52 -19.61
C ASP B 33 16.21 -22.51 -19.56
N GLU B 34 17.43 -22.99 -19.39
CA GLU B 34 18.58 -22.10 -19.35
C GLU B 34 18.71 -21.35 -20.67
N SER B 35 18.78 -20.03 -20.57
CA SER B 35 19.02 -19.19 -21.73
C SER B 35 20.35 -19.55 -22.39
N THR B 36 20.57 -19.09 -23.62
CA THR B 36 21.78 -19.43 -24.35
C THR B 36 23.02 -18.98 -23.57
N GLY B 37 22.90 -17.84 -22.90
CA GLY B 37 23.99 -17.31 -22.12
C GLY B 37 24.27 -18.11 -20.85
N SER B 38 23.24 -18.73 -20.30
CA SER B 38 23.40 -19.53 -19.09
C SER B 38 23.89 -20.93 -19.42
N ILE B 39 23.36 -21.53 -20.48
CA ILE B 39 23.78 -22.86 -20.87
C ILE B 39 25.23 -22.79 -21.41
N ALA B 40 25.62 -21.61 -21.88
CA ALA B 40 26.98 -21.37 -22.33
C ALA B 40 27.98 -21.74 -21.23
N LYS B 41 27.64 -21.34 -20.00
CA LYS B 41 28.49 -21.57 -18.84
C LYS B 41 28.62 -23.06 -18.55
N ARG B 42 27.53 -23.78 -18.65
CA ARG B 42 27.55 -25.20 -18.42
C ARG B 42 28.36 -25.94 -19.50
N LEU B 43 28.14 -25.64 -20.75
CA LEU B 43 28.87 -26.31 -21.81
C LEU B 43 30.35 -26.01 -21.65
N GLN B 44 30.65 -24.75 -21.33
CA GLN B 44 32.03 -24.32 -21.11
C GLN B 44 32.69 -25.11 -19.97
N SER B 45 31.91 -25.41 -18.93
CA SER B 45 32.44 -26.09 -17.76
C SER B 45 32.77 -27.56 -18.03
N ILE B 46 32.24 -28.10 -19.12
CA ILE B 46 32.60 -29.46 -19.54
C ILE B 46 33.36 -29.41 -20.86
N GLY B 47 34.00 -28.27 -21.13
CA GLY B 47 34.81 -28.12 -22.34
C GLY B 47 34.09 -28.46 -23.62
N THR B 48 32.86 -27.96 -23.76
CA THR B 48 32.07 -28.20 -24.96
C THR B 48 31.69 -26.87 -25.59
N GLU B 49 31.76 -26.80 -26.92
CA GLU B 49 31.46 -25.58 -27.65
C GLU B 49 29.96 -25.27 -27.59
N ASN B 50 29.62 -23.99 -27.43
CA ASN B 50 28.22 -23.59 -27.34
C ASN B 50 27.62 -23.37 -28.73
N THR B 51 27.17 -24.46 -29.35
CA THR B 51 26.53 -24.40 -30.66
C THR B 51 25.06 -24.80 -30.53
N GLU B 52 24.25 -24.43 -31.52
CA GLU B 52 22.84 -24.80 -31.49
C GLU B 52 22.70 -26.32 -31.44
N GLU B 53 23.60 -27.01 -32.13
CA GLU B 53 23.54 -28.47 -32.21
C GLU B 53 23.84 -29.13 -30.86
N ASN B 54 24.86 -28.65 -30.17
CA ASN B 54 25.20 -29.21 -28.87
C ASN B 54 24.10 -28.93 -27.85
N ARG B 55 23.46 -27.76 -27.98
CA ARG B 55 22.34 -27.40 -27.12
C ARG B 55 21.15 -28.30 -27.45
N ARG B 56 20.90 -28.50 -28.74
CA ARG B 56 19.83 -29.39 -29.17
C ARG B 56 20.10 -30.80 -28.68
N PHE B 57 21.35 -31.23 -28.83
CA PHE B 57 21.71 -32.60 -28.48
C PHE B 57 21.58 -32.82 -26.97
N TYR B 58 22.07 -31.86 -26.19
CA TYR B 58 22.02 -32.01 -24.75
C TYR B 58 20.57 -32.05 -24.25
N ARG B 59 19.73 -31.18 -24.79
CA ARG B 59 18.33 -31.16 -24.42
C ARG B 59 17.66 -32.47 -24.84
N GLN B 60 17.98 -32.95 -26.04
CA GLN B 60 17.46 -34.23 -26.49
C GLN B 60 17.81 -35.33 -25.50
N LEU B 61 19.04 -35.31 -25.04
CA LEU B 61 19.55 -36.29 -24.09
C LEU B 61 18.64 -36.40 -22.88
N LEU B 62 18.24 -35.25 -22.34
CA LEU B 62 17.38 -35.21 -21.16
C LEU B 62 15.96 -35.63 -21.49
N LEU B 63 15.41 -35.11 -22.58
CA LEU B 63 14.00 -35.30 -22.90
C LEU B 63 13.69 -36.70 -23.38
N THR B 64 14.70 -37.42 -23.86
CA THR B 64 14.50 -38.76 -24.42
C THR B 64 15.03 -39.87 -23.51
N ALA B 65 15.27 -39.56 -22.25
CA ALA B 65 15.64 -40.58 -21.28
C ALA B 65 14.53 -41.63 -21.21
N ASP B 66 14.88 -42.84 -20.75
CA ASP B 66 13.94 -43.96 -20.79
C ASP B 66 12.72 -43.72 -19.89
N ASP B 67 11.75 -44.62 -19.99
CA ASP B 67 10.43 -44.43 -19.40
C ASP B 67 10.38 -44.50 -17.87
N ARG B 68 11.54 -44.66 -17.24
CA ARG B 68 11.62 -44.64 -15.79
C ARG B 68 11.37 -43.24 -15.24
N VAL B 69 11.57 -42.22 -16.07
CA VAL B 69 11.39 -40.83 -15.66
C VAL B 69 9.92 -40.40 -15.80
N ASN B 70 9.16 -41.12 -16.62
CA ASN B 70 7.79 -40.73 -16.93
C ASN B 70 6.94 -40.45 -15.70
N PRO B 71 6.97 -41.33 -14.68
CA PRO B 71 6.20 -41.03 -13.48
C PRO B 71 6.88 -40.01 -12.56
N CYS B 72 8.10 -39.64 -12.89
CA CYS B 72 8.86 -38.70 -12.07
C CYS B 72 8.67 -37.25 -12.53
N ILE B 73 8.44 -37.08 -13.82
CA ILE B 73 8.43 -35.76 -14.42
C ILE B 73 7.04 -35.39 -14.89
N GLY B 74 6.41 -34.45 -14.17
CA GLY B 74 5.10 -33.97 -14.53
C GLY B 74 5.17 -32.81 -15.51
N GLY B 75 6.30 -32.13 -15.53
CA GLY B 75 6.48 -30.98 -16.38
C GLY B 75 7.93 -30.73 -16.75
N VAL B 76 8.13 -30.09 -17.89
CA VAL B 76 9.45 -29.71 -18.37
C VAL B 76 9.41 -28.26 -18.85
N ILE B 77 10.26 -27.43 -18.27
CA ILE B 77 10.34 -26.04 -18.67
C ILE B 77 11.40 -25.91 -19.75
N LEU B 78 11.01 -25.31 -20.88
CA LEU B 78 11.94 -25.07 -21.98
C LEU B 78 12.20 -23.59 -22.19
N PHE B 79 13.37 -23.30 -22.74
CA PHE B 79 13.69 -21.99 -23.26
C PHE B 79 13.13 -21.90 -24.67
N HIS B 80 12.88 -20.68 -25.14
CA HIS B 80 12.25 -20.46 -26.45
C HIS B 80 12.85 -21.32 -27.55
N GLU B 81 14.17 -21.23 -27.71
CA GLU B 81 14.87 -21.96 -28.77
C GLU B 81 14.48 -23.44 -28.76
N THR B 82 14.55 -24.05 -27.59
CA THR B 82 14.33 -25.48 -27.46
C THR B 82 12.89 -25.88 -27.80
N LEU B 83 11.96 -24.96 -27.59
CA LEU B 83 10.56 -25.24 -27.84
C LEU B 83 10.34 -25.57 -29.32
N TYR B 84 11.21 -25.04 -30.18
CA TYR B 84 11.04 -25.20 -31.62
C TYR B 84 12.11 -26.09 -32.26
N GLN B 85 12.85 -26.81 -31.43
CA GLN B 85 13.82 -27.78 -31.91
C GLN B 85 13.21 -29.17 -31.99
N LYS B 86 13.91 -30.08 -32.68
CA LYS B 86 13.41 -31.43 -32.87
C LYS B 86 14.44 -32.46 -32.41
N ALA B 87 13.95 -33.63 -32.03
CA ALA B 87 14.84 -34.75 -31.74
C ALA B 87 15.34 -35.37 -33.06
N ASP B 88 16.27 -36.31 -32.95
CA ASP B 88 16.84 -36.97 -34.12
C ASP B 88 15.77 -37.67 -34.97
N ASP B 89 14.71 -38.13 -34.31
CA ASP B 89 13.65 -38.84 -35.03
C ASP B 89 12.66 -37.86 -35.68
N GLY B 90 12.99 -36.58 -35.67
CA GLY B 90 12.15 -35.57 -36.31
C GLY B 90 11.04 -35.02 -35.45
N ARG B 91 10.82 -35.61 -34.28
CA ARG B 91 9.73 -35.16 -33.42
C ARG B 91 10.06 -33.85 -32.71
N PRO B 92 9.15 -32.87 -32.79
CA PRO B 92 9.35 -31.66 -31.98
C PRO B 92 9.44 -32.03 -30.50
N PHE B 93 10.35 -31.38 -29.78
CA PHE B 93 10.56 -31.67 -28.36
C PHE B 93 9.29 -31.61 -27.50
N PRO B 94 8.40 -30.64 -27.76
CA PRO B 94 7.15 -30.62 -27.01
C PRO B 94 6.37 -31.92 -27.15
N GLN B 95 6.41 -32.52 -28.34
CA GLN B 95 5.74 -33.78 -28.60
C GLN B 95 6.45 -34.91 -27.85
N VAL B 96 7.78 -34.82 -27.78
CA VAL B 96 8.57 -35.79 -27.04
C VAL B 96 8.19 -35.76 -25.56
N ILE B 97 8.04 -34.55 -25.02
CA ILE B 97 7.70 -34.39 -23.61
C ILE B 97 6.31 -34.95 -23.33
N LYS B 98 5.34 -34.57 -24.16
CA LYS B 98 3.95 -35.02 -23.96
C LYS B 98 3.81 -36.54 -24.07
N SER B 99 4.55 -37.14 -25.00
CA SER B 99 4.42 -38.57 -25.23
C SER B 99 4.92 -39.35 -24.02
N LYS B 100 5.75 -38.71 -23.21
CA LYS B 100 6.24 -39.33 -21.98
C LYS B 100 5.36 -38.91 -20.79
N GLY B 101 4.23 -38.27 -21.07
CA GLY B 101 3.28 -37.92 -20.02
C GLY B 101 3.57 -36.60 -19.33
N GLY B 102 4.41 -35.78 -19.96
CA GLY B 102 4.81 -34.52 -19.37
C GLY B 102 4.03 -33.34 -19.90
N VAL B 103 3.95 -32.30 -19.08
CA VAL B 103 3.38 -31.03 -19.52
C VAL B 103 4.53 -30.14 -19.98
N VAL B 104 4.29 -29.36 -21.03
CA VAL B 104 5.32 -28.49 -21.57
C VAL B 104 5.21 -27.08 -20.99
N GLY B 105 6.33 -26.57 -20.50
CA GLY B 105 6.39 -25.22 -19.98
C GLY B 105 7.40 -24.34 -20.70
N ILE B 106 7.18 -23.03 -20.63
CA ILE B 106 8.02 -22.07 -21.34
C ILE B 106 8.41 -20.92 -20.42
N LYS B 107 9.70 -20.62 -20.35
CA LYS B 107 10.17 -19.45 -19.62
C LYS B 107 9.90 -18.20 -20.46
N VAL B 108 9.25 -17.20 -19.88
CA VAL B 108 8.80 -16.06 -20.66
C VAL B 108 9.37 -14.72 -20.20
N ASP B 109 10.13 -14.70 -19.11
CA ASP B 109 10.70 -13.43 -18.66
C ASP B 109 11.92 -13.10 -19.50
N LYS B 110 12.34 -11.83 -19.47
CA LYS B 110 13.49 -11.39 -20.26
C LYS B 110 14.61 -10.86 -19.38
N GLY B 111 14.77 -11.46 -18.20
CA GLY B 111 15.90 -11.16 -17.35
C GLY B 111 15.71 -10.01 -16.38
N VAL B 112 16.69 -9.84 -15.49
CA VAL B 112 16.62 -8.81 -14.47
C VAL B 112 17.15 -7.49 -14.99
N VAL B 113 16.67 -6.41 -14.39
CA VAL B 113 17.19 -5.08 -14.67
C VAL B 113 17.36 -4.37 -13.33
N PRO B 114 18.33 -3.44 -13.25
CA PRO B 114 18.59 -2.74 -11.99
C PRO B 114 17.48 -1.79 -11.58
N LEU B 115 17.18 -1.74 -10.29
CA LEU B 115 16.28 -0.73 -9.75
C LEU B 115 17.11 0.45 -9.27
N ALA B 116 16.96 1.59 -9.92
CA ALA B 116 17.73 2.77 -9.53
C ALA B 116 17.37 3.18 -8.10
N GLY B 117 18.37 3.63 -7.36
CA GLY B 117 18.15 4.12 -6.01
C GLY B 117 18.18 3.03 -4.95
N THR B 118 18.59 1.83 -5.35
CA THR B 118 18.69 0.70 -4.43
C THR B 118 20.11 0.18 -4.38
N ASN B 119 20.40 -0.64 -3.38
CA ASN B 119 21.72 -1.24 -3.23
C ASN B 119 21.83 -2.51 -4.07
N GLY B 120 21.86 -2.35 -5.39
CA GLY B 120 22.06 -3.46 -6.31
C GLY B 120 20.88 -4.40 -6.47
N GLU B 121 19.67 -3.89 -6.20
CA GLU B 121 18.48 -4.71 -6.36
C GLU B 121 17.96 -4.61 -7.78
N THR B 122 17.15 -5.59 -8.16
CA THR B 122 16.63 -5.69 -9.51
C THR B 122 15.14 -5.92 -9.53
N THR B 123 14.52 -5.65 -10.67
CA THR B 123 13.21 -6.16 -10.98
C THR B 123 13.38 -6.98 -12.25
N THR B 124 12.29 -7.52 -12.78
CA THR B 124 12.36 -8.35 -13.97
C THR B 124 11.51 -7.77 -15.08
N GLN B 125 12.01 -7.86 -16.31
CA GLN B 125 11.27 -7.36 -17.45
C GLN B 125 10.76 -8.52 -18.29
N GLY B 126 9.84 -8.23 -19.21
CA GLY B 126 9.31 -9.23 -20.10
C GLY B 126 7.81 -9.17 -20.34
N LEU B 127 7.17 -8.09 -19.89
CA LEU B 127 5.72 -7.97 -20.03
C LEU B 127 5.28 -7.53 -21.43
N ASP B 128 6.14 -6.79 -22.12
CA ASP B 128 5.78 -6.24 -23.42
C ASP B 128 5.48 -7.35 -24.42
N GLY B 129 4.29 -7.28 -25.02
CA GLY B 129 3.87 -8.28 -25.97
C GLY B 129 3.73 -9.68 -25.38
N LEU B 130 3.67 -9.77 -24.06
CA LEU B 130 3.66 -11.08 -23.41
C LEU B 130 2.38 -11.86 -23.76
N SER B 131 1.27 -11.15 -23.90
CA SER B 131 0.01 -11.82 -24.21
C SER B 131 0.07 -12.53 -25.56
N GLU B 132 0.67 -11.87 -26.55
CA GLU B 132 0.77 -12.48 -27.87
C GLU B 132 1.70 -13.68 -27.82
N ARG B 133 2.83 -13.54 -27.13
CA ARG B 133 3.74 -14.67 -27.03
C ARG B 133 3.06 -15.87 -26.35
N CYS B 134 2.31 -15.60 -25.29
CA CYS B 134 1.64 -16.68 -24.58
C CYS B 134 0.62 -17.37 -25.46
N ALA B 135 -0.13 -16.59 -26.22
CA ALA B 135 -1.10 -17.17 -27.14
C ALA B 135 -0.41 -18.08 -28.14
N GLN B 136 0.74 -17.65 -28.63
CA GLN B 136 1.52 -18.44 -29.59
C GLN B 136 2.14 -19.69 -28.94
N TYR B 137 2.71 -19.53 -27.75
CA TYR B 137 3.28 -20.66 -27.04
C TYR B 137 2.20 -21.70 -26.76
N LYS B 138 0.99 -21.24 -26.44
CA LYS B 138 -0.12 -22.13 -26.16
C LYS B 138 -0.41 -23.00 -27.39
N LYS B 139 -0.49 -22.37 -28.56
CA LYS B 139 -0.70 -23.07 -29.82
C LYS B 139 0.39 -24.11 -30.06
N ASP B 140 1.61 -23.77 -29.67
CA ASP B 140 2.76 -24.62 -29.95
C ASP B 140 3.04 -25.63 -28.84
N GLY B 141 2.06 -25.84 -27.96
CA GLY B 141 2.12 -26.95 -27.03
C GLY B 141 2.43 -26.65 -25.56
N ALA B 142 2.70 -25.39 -25.25
CA ALA B 142 3.02 -25.01 -23.87
C ALA B 142 1.75 -24.81 -23.06
N ASP B 143 1.76 -25.29 -21.81
CA ASP B 143 0.61 -25.18 -20.93
C ASP B 143 0.92 -24.43 -19.64
N PHE B 144 2.20 -24.23 -19.33
CA PHE B 144 2.55 -23.37 -18.21
C PHE B 144 3.79 -22.55 -18.53
N ALA B 145 4.07 -21.57 -17.67
CA ALA B 145 5.17 -20.65 -17.89
C ALA B 145 5.95 -20.42 -16.61
N LYS B 146 7.11 -19.79 -16.77
CA LYS B 146 7.96 -19.44 -15.64
C LYS B 146 8.42 -18.00 -15.77
N TRP B 147 8.46 -17.32 -14.63
CA TRP B 147 8.95 -15.95 -14.55
C TRP B 147 9.76 -15.83 -13.26
N ARG B 148 11.02 -15.46 -13.39
CA ARG B 148 11.93 -15.45 -12.26
C ARG B 148 12.24 -14.03 -11.80
N CYS B 149 11.86 -13.75 -10.57
CA CYS B 149 12.26 -12.53 -9.89
C CYS B 149 13.36 -12.90 -8.88
N VAL B 150 14.29 -11.97 -8.67
CA VAL B 150 15.44 -12.24 -7.79
C VAL B 150 15.52 -11.17 -6.70
N LEU B 151 15.60 -11.64 -5.46
CA LEU B 151 15.74 -10.79 -4.29
C LEU B 151 16.97 -11.19 -3.49
N LYS B 152 17.60 -10.21 -2.85
CA LYS B 152 18.85 -10.41 -2.14
C LYS B 152 18.74 -10.02 -0.67
N ILE B 153 19.26 -10.87 0.20
CA ILE B 153 19.31 -10.56 1.62
C ILE B 153 20.64 -9.86 1.92
N GLY B 154 20.55 -8.59 2.32
CA GLY B 154 21.71 -7.79 2.65
C GLY B 154 21.40 -6.91 3.85
N GLU B 155 22.24 -5.89 4.07
CA GLU B 155 22.03 -5.02 5.23
C GLU B 155 20.74 -4.23 5.09
N HIS B 156 20.48 -3.74 3.89
CA HIS B 156 19.31 -2.92 3.62
C HIS B 156 18.44 -3.51 2.51
N THR B 157 18.55 -4.82 2.31
CA THR B 157 17.79 -5.49 1.25
C THR B 157 17.25 -6.83 1.75
N PRO B 158 16.10 -7.28 1.20
CA PRO B 158 15.29 -6.63 0.16
C PRO B 158 14.54 -5.42 0.68
N SER B 159 14.61 -4.31 -0.05
CA SER B 159 13.95 -3.08 0.36
C SER B 159 12.44 -3.15 0.10
N ALA B 160 11.70 -2.21 0.67
CA ALA B 160 10.27 -2.12 0.43
C ALA B 160 9.97 -2.02 -1.07
N LEU B 161 10.73 -1.17 -1.76
CA LEU B 161 10.55 -0.97 -3.20
C LEU B 161 10.75 -2.27 -3.97
N ALA B 162 11.83 -2.98 -3.66
CA ALA B 162 12.15 -4.21 -4.38
C ALA B 162 11.05 -5.25 -4.21
N ILE B 163 10.58 -5.41 -2.97
CA ILE B 163 9.54 -6.41 -2.68
C ILE B 163 8.25 -6.03 -3.39
N MET B 164 7.84 -4.77 -3.28
CA MET B 164 6.63 -4.30 -3.92
C MET B 164 6.70 -4.43 -5.45
N GLU B 165 7.80 -3.96 -6.03
CA GLU B 165 7.94 -3.96 -7.48
C GLU B 165 7.96 -5.39 -8.04
N ASN B 166 8.74 -6.27 -7.44
CA ASN B 166 8.83 -7.64 -7.95
C ASN B 166 7.51 -8.39 -7.79
N ALA B 167 6.83 -8.19 -6.65
CA ALA B 167 5.53 -8.81 -6.43
C ALA B 167 4.51 -8.35 -7.47
N ASN B 168 4.57 -7.07 -7.81
CA ASN B 168 3.62 -6.49 -8.73
C ASN B 168 3.87 -7.00 -10.16
N VAL B 169 5.13 -7.14 -10.56
CA VAL B 169 5.42 -7.58 -11.92
C VAL B 169 5.06 -9.07 -12.04
N LEU B 170 5.28 -9.83 -10.96
CA LEU B 170 4.90 -11.23 -10.94
C LEU B 170 3.39 -11.37 -11.14
N ALA B 171 2.63 -10.49 -10.51
CA ALA B 171 1.17 -10.50 -10.62
C ALA B 171 0.71 -10.16 -12.03
N ARG B 172 1.36 -9.18 -12.65
CA ARG B 172 1.05 -8.82 -14.04
C ARG B 172 1.27 -10.00 -14.96
N TYR B 173 2.40 -10.65 -14.79
CA TYR B 173 2.76 -11.81 -15.59
C TYR B 173 1.77 -12.96 -15.39
N ALA B 174 1.37 -13.17 -14.15
CA ALA B 174 0.42 -14.25 -13.84
C ALA B 174 -0.93 -13.95 -14.48
N SER B 175 -1.34 -12.69 -14.44
CA SER B 175 -2.62 -12.29 -15.01
C SER B 175 -2.63 -12.53 -16.53
N ILE B 176 -1.56 -12.11 -17.20
CA ILE B 176 -1.49 -12.25 -18.64
C ILE B 176 -1.48 -13.74 -19.00
N CYS B 177 -0.71 -14.54 -18.28
CA CYS B 177 -0.67 -15.98 -18.53
C CYS B 177 -2.04 -16.62 -18.46
N GLN B 178 -2.79 -16.31 -17.41
CA GLN B 178 -4.07 -16.96 -17.16
C GLN B 178 -5.12 -16.56 -18.19
N GLN B 179 -4.98 -15.38 -18.77
CA GLN B 179 -5.86 -14.95 -19.84
C GLN B 179 -5.65 -15.78 -21.09
N ASN B 180 -4.49 -16.42 -21.20
CA ASN B 180 -4.15 -17.19 -22.40
C ASN B 180 -4.06 -18.69 -22.12
N GLY B 181 -4.66 -19.13 -21.03
CA GLY B 181 -4.73 -20.55 -20.71
C GLY B 181 -3.42 -21.16 -20.28
N ILE B 182 -2.49 -20.32 -19.84
CA ILE B 182 -1.18 -20.78 -19.39
C ILE B 182 -1.13 -20.68 -17.87
N VAL B 183 -0.71 -21.76 -17.21
CA VAL B 183 -0.51 -21.74 -15.77
C VAL B 183 0.79 -21.01 -15.47
N PRO B 184 0.72 -19.90 -14.71
CA PRO B 184 1.98 -19.24 -14.38
C PRO B 184 2.66 -19.82 -13.15
N ILE B 185 3.94 -20.14 -13.26
CA ILE B 185 4.75 -20.44 -12.10
C ILE B 185 5.34 -19.11 -11.61
N VAL B 186 4.99 -18.76 -10.37
CA VAL B 186 5.47 -17.54 -9.74
C VAL B 186 6.75 -17.84 -8.99
N GLU B 187 7.86 -17.24 -9.41
CA GLU B 187 9.14 -17.50 -8.77
C GLU B 187 9.75 -16.23 -8.18
N PRO B 188 9.47 -15.99 -6.89
CA PRO B 188 10.18 -14.93 -6.18
C PRO B 188 11.37 -15.50 -5.44
N GLU B 189 12.48 -15.69 -6.15
CA GLU B 189 13.64 -16.32 -5.55
C GLU B 189 14.41 -15.37 -4.66
N ILE B 190 14.58 -15.76 -3.40
CA ILE B 190 15.48 -15.08 -2.50
C ILE B 190 16.80 -15.82 -2.53
N LEU B 191 17.84 -15.13 -2.98
CA LEU B 191 19.16 -15.74 -3.16
C LEU B 191 19.74 -16.19 -1.82
N PRO B 192 20.53 -17.28 -1.84
CA PRO B 192 21.21 -17.71 -0.62
C PRO B 192 22.50 -16.95 -0.33
N ASP B 193 22.90 -16.05 -1.22
CA ASP B 193 24.15 -15.30 -1.04
C ASP B 193 24.17 -14.56 0.29
N GLY B 194 25.29 -14.62 0.98
CA GLY B 194 25.49 -13.88 2.22
C GLY B 194 25.73 -14.75 3.43
N ASP B 195 25.96 -14.13 4.58
CA ASP B 195 26.26 -14.88 5.81
C ASP B 195 25.10 -14.82 6.80
N HIS B 196 23.92 -14.46 6.33
CA HIS B 196 22.73 -14.42 7.17
C HIS B 196 22.38 -15.81 7.64
N ASP B 197 21.68 -15.90 8.77
CA ASP B 197 21.34 -17.19 9.34
C ASP B 197 19.95 -17.66 8.89
N LEU B 198 19.53 -18.79 9.41
CA LEU B 198 18.30 -19.43 8.97
C LEU B 198 17.07 -18.57 9.25
N LYS B 199 16.98 -17.98 10.44
CA LYS B 199 15.76 -17.29 10.80
C LYS B 199 15.63 -15.95 10.08
N ARG B 200 16.75 -15.38 9.64
CA ARG B 200 16.69 -14.18 8.81
C ARG B 200 16.10 -14.57 7.46
N CYS B 201 16.53 -15.71 6.93
CA CYS B 201 15.98 -16.16 5.66
C CYS B 201 14.49 -16.44 5.82
N GLN B 202 14.11 -17.05 6.94
CA GLN B 202 12.70 -17.35 7.18
C GLN B 202 11.88 -16.06 7.27
N TYR B 203 12.44 -15.05 7.93
CA TYR B 203 11.76 -13.76 8.07
C TYR B 203 11.56 -13.10 6.70
N VAL B 204 12.63 -13.03 5.91
CA VAL B 204 12.56 -12.39 4.60
C VAL B 204 11.61 -13.14 3.69
N THR B 205 11.68 -14.47 3.72
CA THR B 205 10.80 -15.29 2.89
C THR B 205 9.34 -15.06 3.26
N GLU B 206 9.06 -14.98 4.54
CA GLU B 206 7.68 -14.75 4.99
C GLU B 206 7.19 -13.39 4.49
N LYS B 207 8.03 -12.36 4.59
CA LYS B 207 7.63 -11.02 4.17
C LYS B 207 7.45 -10.94 2.66
N VAL B 208 8.34 -11.59 1.90
CA VAL B 208 8.25 -11.57 0.44
C VAL B 208 6.98 -12.27 -0.03
N LEU B 209 6.71 -13.44 0.53
CA LEU B 209 5.56 -14.23 0.10
C LEU B 209 4.24 -13.55 0.49
N ALA B 210 4.22 -12.84 1.61
CA ALA B 210 3.04 -12.08 2.00
C ALA B 210 2.76 -11.02 0.96
N ALA B 211 3.83 -10.38 0.50
CA ALA B 211 3.73 -9.34 -0.53
C ALA B 211 3.28 -9.93 -1.85
N VAL B 212 3.82 -11.10 -2.19
CA VAL B 212 3.48 -11.74 -3.45
C VAL B 212 1.98 -12.05 -3.51
N TYR B 213 1.43 -12.64 -2.45
CA TYR B 213 0.06 -13.09 -2.52
C TYR B 213 -0.94 -11.96 -2.33
N LYS B 214 -0.53 -10.88 -1.68
CA LYS B 214 -1.35 -9.68 -1.66
C LYS B 214 -1.43 -9.10 -3.08
N ALA B 215 -0.30 -9.05 -3.76
CA ALA B 215 -0.25 -8.60 -5.15
C ALA B 215 -1.11 -9.49 -6.05
N LEU B 216 -0.97 -10.81 -5.90
CA LEU B 216 -1.77 -11.73 -6.71
C LEU B 216 -3.25 -11.50 -6.47
N SER B 217 -3.62 -11.22 -5.23
CA SER B 217 -5.00 -10.90 -4.92
C SER B 217 -5.45 -9.61 -5.59
N ASP B 218 -4.65 -8.55 -5.46
CA ASP B 218 -4.98 -7.25 -6.05
C ASP B 218 -5.18 -7.34 -7.57
N HIS B 219 -4.45 -8.25 -8.22
CA HIS B 219 -4.52 -8.41 -9.68
C HIS B 219 -5.51 -9.50 -10.08
N HIS B 220 -6.28 -10.01 -9.12
CA HIS B 220 -7.34 -10.97 -9.39
C HIS B 220 -6.82 -12.27 -9.97
N ILE B 221 -5.70 -12.75 -9.45
CA ILE B 221 -5.12 -13.99 -9.92
C ILE B 221 -5.86 -15.19 -9.34
N TYR B 222 -6.09 -16.18 -10.20
CA TYR B 222 -6.73 -17.43 -9.81
C TYR B 222 -5.67 -18.39 -9.27
N LEU B 223 -5.61 -18.49 -7.94
CA LEU B 223 -4.52 -19.19 -7.25
C LEU B 223 -4.52 -20.68 -7.54
N GLU B 224 -5.70 -21.27 -7.71
CA GLU B 224 -5.80 -22.69 -8.00
C GLU B 224 -5.15 -23.00 -9.36
N GLY B 225 -5.05 -21.98 -10.22
CA GLY B 225 -4.38 -22.12 -11.50
C GLY B 225 -2.98 -21.54 -11.50
N THR B 226 -2.30 -21.62 -10.36
CA THR B 226 -0.92 -21.18 -10.25
C THR B 226 -0.07 -22.17 -9.49
N LEU B 227 1.23 -22.02 -9.63
CA LEU B 227 2.19 -22.75 -8.82
C LEU B 227 3.14 -21.74 -8.24
N LEU B 228 3.73 -22.08 -7.10
CA LEU B 228 4.73 -21.24 -6.47
C LEU B 228 6.08 -21.93 -6.56
N LYS B 229 7.10 -21.16 -6.95
CA LYS B 229 8.45 -21.68 -7.04
C LYS B 229 9.36 -20.84 -6.15
N PRO B 230 9.42 -21.18 -4.85
CA PRO B 230 10.24 -20.42 -3.93
C PRO B 230 11.56 -21.11 -3.61
N ASN B 231 12.50 -20.34 -3.10
CA ASN B 231 13.65 -20.89 -2.40
C ASN B 231 13.17 -21.69 -1.21
N MET B 232 13.91 -22.71 -0.84
CA MET B 232 13.74 -23.32 0.47
C MET B 232 14.28 -22.32 1.48
N VAL B 233 13.85 -22.43 2.73
CA VAL B 233 14.39 -21.57 3.77
C VAL B 233 15.68 -22.20 4.29
N THR B 234 16.80 -21.53 4.02
CA THR B 234 18.12 -22.03 4.40
C THR B 234 18.98 -20.88 4.90
N PRO B 235 20.06 -21.21 5.64
CA PRO B 235 21.01 -20.15 5.96
C PRO B 235 21.72 -19.67 4.71
N GLY B 236 22.42 -18.54 4.80
CA GLY B 236 23.19 -18.05 3.67
C GLY B 236 24.33 -19.01 3.37
N HIS B 237 24.82 -18.98 2.13
N HIS B 237 24.82 -18.91 2.14
CA HIS B 237 25.92 -19.86 1.75
CA HIS B 237 25.92 -19.73 1.63
C HIS B 237 27.09 -19.69 2.71
C HIS B 237 27.17 -19.62 2.48
N ALA B 238 27.36 -18.46 3.10
CA ALA B 238 28.53 -18.18 3.91
C ALA B 238 28.22 -18.17 5.40
N CYS B 239 27.04 -18.61 5.79
CA CYS B 239 26.74 -18.60 7.22
C CYS B 239 27.53 -19.62 8.03
N THR B 240 28.11 -19.15 9.13
CA THR B 240 28.92 -20.00 9.96
C THR B 240 28.07 -20.92 10.86
N GLN B 241 26.90 -20.43 11.31
CA GLN B 241 25.98 -21.31 12.04
C GLN B 241 25.38 -22.47 11.20
N LYS B 242 25.59 -23.69 11.70
CA LYS B 242 25.15 -24.93 11.04
C LYS B 242 23.75 -25.40 11.44
N TYR B 243 23.02 -25.96 10.49
CA TYR B 243 21.67 -26.46 10.73
C TYR B 243 21.45 -27.87 10.18
N SER B 244 20.52 -28.62 10.78
CA SER B 244 20.14 -29.93 10.25
C SER B 244 19.10 -29.77 9.15
N HIS B 245 18.88 -30.82 8.39
CA HIS B 245 17.87 -30.79 7.35
C HIS B 245 16.47 -30.68 7.94
N GLU B 246 16.30 -31.13 9.19
CA GLU B 246 15.01 -31.04 9.85
C GLU B 246 14.67 -29.59 10.17
N GLU B 247 15.70 -28.83 10.54
CA GLU B 247 15.52 -27.41 10.86
C GLU B 247 15.21 -26.63 9.60
N ILE B 248 15.92 -26.95 8.52
CA ILE B 248 15.65 -26.35 7.23
C ILE B 248 14.23 -26.66 6.82
N ALA B 249 13.82 -27.92 6.99
CA ALA B 249 12.46 -28.33 6.63
C ALA B 249 11.43 -27.59 7.47
N MET B 250 11.67 -27.52 8.77
CA MET B 250 10.75 -26.86 9.69
C MET B 250 10.60 -25.39 9.33
N ALA B 251 11.71 -24.73 9.07
CA ALA B 251 11.70 -23.31 8.77
C ALA B 251 10.99 -23.05 7.43
N THR B 252 11.19 -23.95 6.48
CA THR B 252 10.59 -23.83 5.15
C THR B 252 9.07 -24.00 5.21
N VAL B 253 8.62 -25.07 5.86
CA VAL B 253 7.21 -25.38 5.93
C VAL B 253 6.48 -24.35 6.78
N THR B 254 7.16 -23.82 7.80
CA THR B 254 6.57 -22.81 8.66
C THR B 254 6.33 -21.53 7.87
N ALA B 255 7.35 -21.11 7.12
CA ALA B 255 7.24 -19.90 6.31
C ALA B 255 6.10 -20.01 5.31
N LEU B 256 5.97 -21.17 4.68
CA LEU B 256 4.92 -21.36 3.67
C LEU B 256 3.54 -21.37 4.34
N ARG B 257 3.43 -22.07 5.46
CA ARG B 257 2.17 -22.17 6.18
C ARG B 257 1.66 -20.80 6.64
N ARG B 258 2.58 -19.86 6.83
CA ARG B 258 2.21 -18.55 7.33
C ARG B 258 1.84 -17.57 6.22
N THR B 259 1.99 -17.99 4.96
CA THR B 259 1.85 -17.04 3.86
C THR B 259 1.12 -17.57 2.62
N VAL B 260 1.21 -18.88 2.38
CA VAL B 260 0.71 -19.43 1.14
C VAL B 260 -0.71 -19.95 1.31
N PRO B 261 -1.70 -19.29 0.69
CA PRO B 261 -3.07 -19.78 0.85
C PRO B 261 -3.22 -21.22 0.38
N PRO B 262 -4.08 -22.01 1.07
CA PRO B 262 -4.31 -23.40 0.69
C PRO B 262 -4.74 -23.60 -0.76
N ALA B 263 -5.35 -22.56 -1.33
CA ALA B 263 -5.87 -22.63 -2.69
C ALA B 263 -4.76 -22.82 -3.73
N VAL B 264 -3.54 -22.41 -3.40
CA VAL B 264 -2.41 -22.62 -4.31
C VAL B 264 -2.22 -24.13 -4.51
N THR B 265 -2.12 -24.54 -5.77
CA THR B 265 -2.15 -25.94 -6.12
C THR B 265 -0.87 -26.68 -5.74
N GLY B 266 0.28 -26.02 -5.89
CA GLY B 266 1.53 -26.67 -5.55
C GLY B 266 2.71 -25.74 -5.37
N VAL B 267 3.71 -26.24 -4.65
CA VAL B 267 4.95 -25.54 -4.43
C VAL B 267 6.07 -26.36 -5.05
N THR B 268 6.76 -25.74 -6.02
CA THR B 268 7.83 -26.41 -6.75
C THR B 268 9.17 -25.74 -6.43
N PHE B 269 9.93 -26.33 -5.51
CA PHE B 269 11.14 -25.69 -5.01
C PHE B 269 12.25 -25.58 -6.04
N LEU B 270 12.94 -24.45 -6.01
CA LEU B 270 14.19 -24.29 -6.73
C LEU B 270 15.29 -24.82 -5.82
N SER B 271 16.35 -25.37 -6.40
CA SER B 271 17.41 -26.00 -5.62
C SER B 271 18.50 -24.99 -5.26
N GLY B 272 18.57 -23.90 -6.01
CA GLY B 272 19.56 -22.86 -5.78
C GLY B 272 20.98 -23.38 -5.90
N GLY B 273 21.76 -23.21 -4.83
CA GLY B 273 23.15 -23.64 -4.83
C GLY B 273 23.35 -25.04 -4.26
N GLN B 274 22.25 -25.69 -3.89
CA GLN B 274 22.34 -27.01 -3.26
C GLN B 274 22.88 -28.06 -4.22
N SER B 275 23.57 -29.04 -3.67
CA SER B 275 24.04 -30.18 -4.44
C SER B 275 22.84 -31.05 -4.83
N GLU B 276 23.08 -31.99 -5.73
CA GLU B 276 22.02 -32.89 -6.19
C GLU B 276 21.43 -33.63 -5.00
N GLU B 277 22.29 -34.13 -4.13
CA GLU B 277 21.85 -34.91 -2.99
C GLU B 277 21.19 -34.02 -1.93
N GLU B 278 21.83 -32.90 -1.62
CA GLU B 278 21.30 -31.94 -0.65
C GLU B 278 19.89 -31.50 -1.02
N ALA B 279 19.67 -31.24 -2.30
CA ALA B 279 18.36 -30.82 -2.79
C ALA B 279 17.30 -31.90 -2.55
N SER B 280 17.70 -33.16 -2.71
CA SER B 280 16.79 -34.28 -2.54
C SER B 280 16.47 -34.54 -1.06
N ILE B 281 17.51 -34.45 -0.23
CA ILE B 281 17.38 -34.72 1.20
C ILE B 281 16.50 -33.66 1.86
N ASN B 282 16.75 -32.39 1.52
CA ASN B 282 15.95 -31.30 2.05
C ASN B 282 14.50 -31.42 1.61
N LEU B 283 14.28 -31.72 0.34
CA LEU B 283 12.92 -31.87 -0.18
C LEU B 283 12.22 -33.02 0.52
N ASN B 284 12.98 -34.05 0.86
CA ASN B 284 12.43 -35.20 1.56
C ASN B 284 12.06 -34.83 2.99
N ALA B 285 12.94 -34.10 3.65
CA ALA B 285 12.67 -33.64 5.00
C ALA B 285 11.43 -32.76 5.02
N ILE B 286 11.30 -31.92 3.99
CA ILE B 286 10.17 -31.02 3.90
C ILE B 286 8.86 -31.80 3.87
N ASN B 287 8.86 -32.91 3.13
CA ASN B 287 7.66 -33.72 2.99
C ASN B 287 7.43 -34.64 4.20
N LYS B 288 8.45 -34.79 5.04
CA LYS B 288 8.34 -35.58 6.26
C LYS B 288 7.93 -34.72 7.43
N CYS B 289 8.10 -33.41 7.29
CA CYS B 289 7.70 -32.48 8.34
C CYS B 289 6.27 -32.76 8.78
N PRO B 290 6.04 -32.94 10.10
CA PRO B 290 4.74 -33.45 10.56
C PRO B 290 3.61 -32.43 10.47
N LEU B 291 3.95 -31.15 10.31
CA LEU B 291 2.95 -30.09 10.20
C LEU B 291 2.06 -30.31 8.98
N LEU B 292 0.90 -29.67 8.99
CA LEU B 292 -0.07 -29.81 7.91
C LEU B 292 0.34 -28.96 6.71
N LYS B 293 0.37 -29.60 5.53
CA LYS B 293 0.78 -28.93 4.29
C LYS B 293 -0.29 -29.12 3.20
N PRO B 294 -1.11 -28.08 2.97
CA PRO B 294 -2.25 -28.23 2.06
C PRO B 294 -1.92 -28.01 0.58
N TRP B 295 -0.65 -28.04 0.22
CA TRP B 295 -0.26 -27.98 -1.18
C TRP B 295 0.79 -29.05 -1.46
N ALA B 296 0.86 -29.48 -2.71
CA ALA B 296 1.93 -30.38 -3.12
C ALA B 296 3.25 -29.65 -2.89
N LEU B 297 4.22 -30.38 -2.38
CA LEU B 297 5.56 -29.85 -2.14
C LEU B 297 6.56 -30.65 -2.94
N THR B 298 6.94 -30.14 -4.10
CA THR B 298 7.76 -30.92 -5.00
C THR B 298 8.89 -30.07 -5.54
N PHE B 299 9.44 -30.45 -6.69
CA PHE B 299 10.65 -29.84 -7.21
C PHE B 299 10.48 -29.20 -8.59
N SER B 300 11.22 -28.11 -8.81
CA SER B 300 11.46 -27.56 -10.14
C SER B 300 12.96 -27.37 -10.22
N TYR B 301 13.66 -28.45 -10.51
CA TYR B 301 15.11 -28.47 -10.39
C TYR B 301 15.81 -28.36 -11.73
N GLY B 302 16.86 -27.53 -11.74
CA GLY B 302 17.75 -27.44 -12.89
C GLY B 302 19.03 -28.19 -12.58
N ARG B 303 19.93 -27.53 -11.84
CA ARG B 303 21.21 -28.14 -11.50
C ARG B 303 21.04 -29.48 -10.79
N ALA B 304 20.08 -29.55 -9.88
CA ALA B 304 19.90 -30.73 -9.03
C ALA B 304 19.41 -31.95 -9.81
N LEU B 305 19.03 -31.75 -11.07
CA LEU B 305 18.63 -32.87 -11.91
C LEU B 305 19.65 -33.14 -13.03
N GLN B 306 20.49 -32.15 -13.32
CA GLN B 306 21.32 -32.18 -14.53
C GLN B 306 22.83 -32.26 -14.30
N ALA B 307 23.29 -31.80 -13.14
CA ALA B 307 24.73 -31.64 -12.88
C ALA B 307 25.56 -32.87 -13.25
N SER B 308 25.14 -34.03 -12.75
CA SER B 308 25.89 -35.27 -12.98
C SER B 308 25.77 -35.75 -14.41
N ALA B 309 24.58 -35.62 -14.99
CA ALA B 309 24.35 -36.01 -16.37
C ALA B 309 25.27 -35.21 -17.30
N LEU B 310 25.38 -33.91 -17.03
CA LEU B 310 26.18 -33.02 -17.85
C LEU B 310 27.66 -33.41 -17.86
N LYS B 311 28.18 -33.79 -16.70
CA LYS B 311 29.58 -34.17 -16.58
C LYS B 311 29.84 -35.53 -17.23
N ALA B 312 28.91 -36.46 -17.02
CA ALA B 312 29.02 -37.81 -17.58
C ALA B 312 28.97 -37.76 -19.10
N TRP B 313 28.24 -36.80 -19.64
CA TRP B 313 28.14 -36.62 -21.08
C TRP B 313 29.48 -36.13 -21.60
N GLY B 314 29.95 -35.02 -21.03
CA GLY B 314 31.24 -34.45 -21.36
C GLY B 314 31.37 -34.01 -22.81
N GLY B 315 30.25 -33.88 -23.50
CA GLY B 315 30.25 -33.45 -24.88
C GLY B 315 30.51 -34.59 -25.86
N LYS B 316 30.51 -35.82 -25.37
CA LYS B 316 30.76 -36.97 -26.23
C LYS B 316 29.51 -37.79 -26.50
N LYS B 317 29.19 -37.91 -27.78
CA LYS B 317 28.02 -38.63 -28.25
C LYS B 317 27.95 -40.04 -27.68
N GLU B 318 29.11 -40.67 -27.50
CA GLU B 318 29.12 -42.06 -27.06
C GLU B 318 28.76 -42.18 -25.59
N ASN B 319 28.79 -41.08 -24.86
CA ASN B 319 28.48 -41.11 -23.43
C ASN B 319 27.00 -40.77 -23.17
N LEU B 320 26.16 -40.90 -24.19
CA LEU B 320 24.74 -40.58 -24.08
C LEU B 320 24.08 -41.33 -22.93
N LYS B 321 24.13 -42.65 -22.98
CA LYS B 321 23.43 -43.48 -22.01
C LYS B 321 23.95 -43.25 -20.59
N ALA B 322 25.26 -43.11 -20.45
CA ALA B 322 25.84 -42.88 -19.13
C ALA B 322 25.28 -41.59 -18.54
N ALA B 323 25.23 -40.55 -19.37
CA ALA B 323 24.69 -39.26 -18.95
C ALA B 323 23.22 -39.39 -18.56
N GLN B 324 22.43 -39.98 -19.45
CA GLN B 324 21.01 -40.16 -19.21
C GLN B 324 20.77 -40.92 -17.91
N GLU B 325 21.61 -41.91 -17.64
CA GLU B 325 21.47 -42.72 -16.45
C GLU B 325 21.59 -41.87 -15.17
N GLU B 326 22.46 -40.87 -15.20
CA GLU B 326 22.65 -39.99 -14.06
C GLU B 326 21.40 -39.14 -13.83
N TYR B 327 20.79 -38.67 -14.92
CA TYR B 327 19.57 -37.88 -14.85
C TYR B 327 18.43 -38.71 -14.28
N VAL B 328 18.27 -39.92 -14.81
CA VAL B 328 17.23 -40.82 -14.34
C VAL B 328 17.40 -41.07 -12.85
N LYS B 329 18.66 -41.18 -12.43
CA LYS B 329 18.99 -41.43 -11.03
C LYS B 329 18.44 -40.31 -10.14
N ARG B 330 18.64 -39.06 -10.57
CA ARG B 330 18.18 -37.90 -9.81
C ARG B 330 16.66 -37.74 -9.90
N ALA B 331 16.10 -38.01 -11.07
CA ALA B 331 14.65 -37.93 -11.23
C ALA B 331 13.96 -38.88 -10.27
N LEU B 332 14.51 -40.09 -10.14
CA LEU B 332 13.92 -41.11 -9.26
C LEU B 332 14.07 -40.71 -7.80
N ALA B 333 15.23 -40.17 -7.45
CA ALA B 333 15.49 -39.73 -6.08
C ALA B 333 14.51 -38.64 -5.66
N ASN B 334 14.27 -37.68 -6.56
CA ASN B 334 13.43 -36.53 -6.23
C ASN B 334 11.95 -36.89 -6.31
N SER B 335 11.62 -37.87 -7.15
CA SER B 335 10.27 -38.40 -7.17
C SER B 335 9.93 -39.05 -5.83
N LEU B 336 10.94 -39.65 -5.21
CA LEU B 336 10.75 -40.23 -3.89
C LEU B 336 10.71 -39.14 -2.83
N ALA B 337 11.61 -38.16 -2.97
CA ALA B 337 11.73 -37.08 -2.00
C ALA B 337 10.44 -36.27 -1.87
N CYS B 338 9.78 -36.01 -2.99
CA CYS B 338 8.57 -35.19 -2.97
C CYS B 338 7.37 -36.00 -2.44
N GLN B 339 7.63 -37.24 -2.05
CA GLN B 339 6.64 -38.05 -1.33
C GLN B 339 7.13 -38.39 0.07
N GLY B 340 8.30 -37.88 0.44
CA GLY B 340 8.89 -38.20 1.74
C GLY B 340 9.32 -39.65 1.84
N LYS B 341 9.65 -40.24 0.69
CA LYS B 341 9.99 -41.67 0.62
C LYS B 341 11.45 -41.88 0.25
N TYR B 342 12.24 -40.82 0.27
CA TYR B 342 13.62 -40.91 -0.18
C TYR B 342 14.59 -41.28 0.94
N THR B 343 15.45 -42.26 0.65
CA THR B 343 16.53 -42.63 1.55
C THR B 343 17.84 -42.54 0.76
N PRO B 344 18.79 -41.71 1.23
CA PRO B 344 20.04 -41.58 0.50
C PRO B 344 20.87 -42.88 0.52
N SER B 359 10.39 -28.47 19.72
CA SER B 359 10.25 -27.03 19.90
C SER B 359 9.89 -26.35 18.57
N ASN B 360 8.64 -26.53 18.15
CA ASN B 360 8.13 -25.92 16.91
C ASN B 360 7.98 -24.40 17.01
N HIS B 361 7.85 -23.89 18.23
CA HIS B 361 7.66 -22.45 18.43
C HIS B 361 8.98 -21.69 18.42
N ALA B 362 10.08 -22.40 18.21
CA ALA B 362 11.40 -21.78 18.09
C ALA B 362 11.52 -21.05 16.75
N TYR B 363 10.55 -21.28 15.86
CA TYR B 363 10.58 -20.69 14.52
C TYR B 363 9.54 -19.59 14.38
N PRO C 1 14.02 -5.10 6.79
CA PRO C 1 14.34 -6.46 6.38
C PRO C 1 15.06 -7.25 7.47
N HIS C 2 15.04 -6.72 8.68
CA HIS C 2 15.65 -7.37 9.83
C HIS C 2 14.59 -7.69 10.86
N SER C 3 14.67 -8.90 11.42
CA SER C 3 13.74 -9.33 12.45
C SER C 3 14.16 -8.82 13.82
N HIS C 4 13.23 -8.13 14.47
CA HIS C 4 13.35 -7.79 15.88
C HIS C 4 12.20 -8.46 16.61
N PRO C 5 12.34 -9.75 16.93
CA PRO C 5 11.20 -10.59 17.32
C PRO C 5 10.24 -9.93 18.29
N ALA C 6 8.96 -9.91 17.90
CA ALA C 6 7.91 -9.37 18.75
C ALA C 6 7.67 -10.30 19.93
N LEU C 7 7.88 -11.60 19.71
CA LEU C 7 7.59 -12.62 20.70
C LEU C 7 8.73 -13.62 20.91
N THR C 8 8.90 -14.05 22.15
CA THR C 8 9.82 -15.13 22.48
C THR C 8 9.17 -16.48 22.17
N PRO C 9 9.98 -17.53 22.08
CA PRO C 9 9.42 -18.87 21.89
C PRO C 9 8.39 -19.24 22.97
N GLU C 10 8.61 -18.82 24.21
CA GLU C 10 7.69 -19.15 25.30
C GLU C 10 6.36 -18.43 25.12
N GLN C 11 6.42 -17.16 24.72
CA GLN C 11 5.21 -16.39 24.45
C GLN C 11 4.43 -17.01 23.29
N LYS C 12 5.15 -17.45 22.27
CA LYS C 12 4.51 -18.07 21.10
C LYS C 12 3.78 -19.35 21.51
N LYS C 13 4.45 -20.19 22.29
CA LYS C 13 3.86 -21.44 22.74
C LYS C 13 2.60 -21.20 23.55
N GLU C 14 2.64 -20.23 24.45
CA GLU C 14 1.48 -19.90 25.26
C GLU C 14 0.28 -19.53 24.38
N LEU C 15 0.52 -18.64 23.43
CA LEU C 15 -0.53 -18.16 22.54
C LEU C 15 -1.09 -19.30 21.68
N SER C 16 -0.19 -20.13 21.16
CA SER C 16 -0.60 -21.24 20.32
C SER C 16 -1.44 -22.26 21.10
N ASP C 17 -0.98 -22.59 22.30
CA ASP C 17 -1.71 -23.53 23.16
C ASP C 17 -3.12 -23.01 23.46
N ILE C 18 -3.23 -21.73 23.80
CA ILE C 18 -4.53 -21.13 24.07
C ILE C 18 -5.42 -21.24 22.83
N ALA C 19 -4.91 -20.80 21.69
CA ALA C 19 -5.71 -20.80 20.46
C ALA C 19 -6.21 -22.20 20.15
N HIS C 20 -5.36 -23.21 20.34
CA HIS C 20 -5.73 -24.58 20.04
C HIS C 20 -6.77 -25.13 21.03
N ARG C 21 -6.68 -24.75 22.29
CA ARG C 21 -7.66 -25.21 23.28
C ARG C 21 -9.06 -24.74 22.90
N ILE C 22 -9.16 -23.49 22.47
CA ILE C 22 -10.44 -22.87 22.17
C ILE C 22 -11.18 -23.59 21.06
N VAL C 23 -10.44 -24.01 20.03
CA VAL C 23 -11.06 -24.60 18.86
C VAL C 23 -10.75 -26.08 18.71
N ALA C 24 -10.47 -26.74 19.83
CA ALA C 24 -10.23 -28.19 19.79
C ALA C 24 -11.46 -28.89 19.20
N PRO C 25 -11.26 -30.08 18.62
CA PRO C 25 -12.36 -30.75 17.92
C PRO C 25 -13.65 -30.84 18.73
N GLY C 26 -14.75 -30.44 18.11
CA GLY C 26 -16.05 -30.45 18.76
C GLY C 26 -16.38 -29.20 19.54
N LYS C 27 -15.41 -28.29 19.68
CA LYS C 27 -15.58 -27.11 20.51
C LYS C 27 -15.73 -25.84 19.69
N GLY C 28 -16.48 -24.89 20.25
CA GLY C 28 -16.61 -23.57 19.67
C GLY C 28 -16.73 -22.54 20.78
N ILE C 29 -17.19 -21.35 20.45
CA ILE C 29 -17.21 -20.25 21.39
C ILE C 29 -18.62 -19.76 21.65
N LEU C 30 -18.95 -19.58 22.93
CA LEU C 30 -20.16 -18.87 23.30
C LEU C 30 -19.86 -17.38 23.36
N ALA C 31 -20.53 -16.60 22.52
CA ALA C 31 -20.36 -15.15 22.53
C ALA C 31 -21.43 -14.51 23.42
N ALA C 32 -21.05 -14.21 24.66
CA ALA C 32 -21.95 -13.59 25.63
C ALA C 32 -21.45 -12.21 26.02
N ASP C 33 -20.85 -11.51 25.07
CA ASP C 33 -20.14 -10.26 25.33
C ASP C 33 -20.93 -9.02 24.92
N GLU C 34 -22.25 -9.14 24.87
CA GLU C 34 -23.10 -8.00 24.51
C GLU C 34 -22.91 -6.87 25.53
N SER C 35 -22.57 -5.67 25.07
CA SER C 35 -22.44 -4.52 25.95
C SER C 35 -23.76 -4.28 26.66
N THR C 36 -23.74 -3.44 27.68
CA THR C 36 -24.94 -3.16 28.45
C THR C 36 -26.02 -2.55 27.55
N GLY C 37 -25.60 -1.72 26.61
CA GLY C 37 -26.54 -1.10 25.68
C GLY C 37 -27.09 -2.06 24.66
N SER C 38 -26.32 -3.07 24.32
CA SER C 38 -26.74 -4.07 23.33
C SER C 38 -27.63 -5.13 23.98
N ILE C 39 -27.29 -5.53 25.20
CA ILE C 39 -28.08 -6.53 25.93
C ILE C 39 -29.42 -5.92 26.35
N ALA C 40 -29.46 -4.59 26.46
CA ALA C 40 -30.70 -3.90 26.80
C ALA C 40 -31.82 -4.28 25.84
N LYS C 41 -31.50 -4.34 24.55
CA LYS C 41 -32.46 -4.69 23.50
C LYS C 41 -32.97 -6.11 23.66
N ARG C 42 -32.15 -7.03 24.10
CA ARG C 42 -32.58 -8.39 24.26
C ARG C 42 -33.50 -8.57 25.45
N LEU C 43 -33.21 -7.90 26.54
CA LEU C 43 -34.07 -7.98 27.71
C LEU C 43 -35.43 -7.33 27.45
N GLN C 44 -35.41 -6.18 26.79
CA GLN C 44 -36.65 -5.48 26.44
C GLN C 44 -37.55 -6.38 25.59
N SER C 45 -36.93 -7.17 24.71
CA SER C 45 -37.69 -7.99 23.79
C SER C 45 -38.39 -9.15 24.50
N ILE C 46 -37.98 -9.43 25.73
CA ILE C 46 -38.67 -10.42 26.56
C ILE C 46 -39.28 -9.74 27.79
N GLY C 47 -39.54 -8.43 27.67
CA GLY C 47 -40.18 -7.67 28.74
C GLY C 47 -39.50 -7.80 30.08
N THR C 48 -38.18 -7.66 30.08
CA THR C 48 -37.40 -7.74 31.31
C THR C 48 -36.61 -6.45 31.53
N GLU C 49 -36.57 -6.00 32.77
CA GLU C 49 -35.89 -4.75 33.12
C GLU C 49 -34.37 -4.92 32.97
N ASN C 50 -33.72 -3.93 32.38
CA ASN C 50 -32.28 -4.01 32.18
C ASN C 50 -31.53 -3.52 33.41
N THR C 51 -31.38 -4.41 34.39
CA THR C 51 -30.65 -4.12 35.61
C THR C 51 -29.39 -4.98 35.68
N GLU C 52 -28.44 -4.56 36.49
CA GLU C 52 -27.20 -5.31 36.65
C GLU C 52 -27.52 -6.73 37.12
N GLU C 53 -28.51 -6.86 37.99
CA GLU C 53 -28.86 -8.16 38.56
C GLU C 53 -29.45 -9.08 37.51
N ASN C 54 -30.34 -8.55 36.66
CA ASN C 54 -30.94 -9.34 35.60
C ASN C 54 -29.89 -9.76 34.56
N ARG C 55 -28.92 -8.89 34.31
CA ARG C 55 -27.82 -9.22 33.41
C ARG C 55 -26.94 -10.30 34.04
N ARG C 56 -26.67 -10.16 35.33
CA ARG C 56 -25.89 -11.15 36.06
C ARG C 56 -26.60 -12.50 36.03
N PHE C 57 -27.90 -12.47 36.28
CA PHE C 57 -28.67 -13.70 36.36
C PHE C 57 -28.68 -14.41 35.00
N TYR C 58 -28.90 -13.64 33.94
CA TYR C 58 -28.95 -14.23 32.61
C TYR C 58 -27.61 -14.83 32.19
N ARG C 59 -26.53 -14.12 32.44
CA ARG C 59 -25.20 -14.64 32.12
C ARG C 59 -24.93 -15.89 32.97
N GLN C 60 -25.31 -15.83 34.25
CA GLN C 60 -25.18 -16.99 35.12
C GLN C 60 -25.93 -18.19 34.52
N LEU C 61 -27.13 -17.94 34.01
CA LEU C 61 -27.95 -18.98 33.39
C LEU C 61 -27.16 -19.75 32.32
N LEU C 62 -26.45 -19.02 31.47
CA LEU C 62 -25.69 -19.64 30.39
C LEU C 62 -24.44 -20.34 30.90
N LEU C 63 -23.71 -19.66 31.80
CA LEU C 63 -22.40 -20.14 32.23
C LEU C 63 -22.47 -21.36 33.15
N THR C 64 -23.62 -21.55 33.81
CA THR C 64 -23.77 -22.64 34.77
C THR C 64 -24.62 -23.78 34.22
N ALA C 65 -24.81 -23.83 32.91
CA ALA C 65 -25.51 -24.94 32.29
C ALA C 65 -24.79 -26.24 32.64
N ASP C 66 -25.50 -27.36 32.60
CA ASP C 66 -24.96 -28.63 33.07
C ASP C 66 -23.76 -29.07 32.21
N ASP C 67 -23.09 -30.13 32.64
CA ASP C 67 -21.81 -30.53 32.07
C ASP C 67 -21.88 -31.11 30.66
N ARG C 68 -23.07 -31.10 30.05
CA ARG C 68 -23.21 -31.55 28.67
C ARG C 68 -22.58 -30.53 27.70
N VAL C 69 -22.42 -29.29 28.15
CA VAL C 69 -21.84 -28.26 27.31
C VAL C 69 -20.31 -28.27 27.38
N ASN C 70 -19.76 -28.89 28.43
CA ASN C 70 -18.32 -28.86 28.67
C ASN C 70 -17.50 -29.25 27.43
N PRO C 71 -17.87 -30.34 26.75
CA PRO C 71 -17.12 -30.69 25.52
C PRO C 71 -17.52 -29.84 24.31
N CYS C 72 -18.55 -29.01 24.45
CA CYS C 72 -19.05 -28.18 23.35
C CYS C 72 -18.41 -26.80 23.33
N ILE C 73 -18.05 -26.31 24.51
CA ILE C 73 -17.63 -24.93 24.66
C ILE C 73 -16.15 -24.87 25.00
N GLY C 74 -15.36 -24.43 24.02
CA GLY C 74 -13.95 -24.26 24.23
C GLY C 74 -13.63 -22.88 24.77
N GLY C 75 -14.55 -21.94 24.55
CA GLY C 75 -14.34 -20.58 25.02
C GLY C 75 -15.62 -19.80 25.24
N VAL C 76 -15.56 -18.82 26.13
CA VAL C 76 -16.69 -17.96 26.41
C VAL C 76 -16.20 -16.52 26.39
N ILE C 77 -16.79 -15.70 25.52
CA ILE C 77 -16.42 -14.29 25.47
C ILE C 77 -17.33 -13.50 26.38
N LEU C 78 -16.74 -12.71 27.27
CA LEU C 78 -17.49 -11.88 28.19
C LEU C 78 -17.32 -10.39 27.90
N PHE C 79 -18.32 -9.61 28.28
CA PHE C 79 -18.21 -8.17 28.32
C PHE C 79 -17.57 -7.77 29.65
N HIS C 80 -16.93 -6.61 29.69
CA HIS C 80 -16.16 -6.20 30.86
C HIS C 80 -16.89 -6.45 32.19
N GLU C 81 -18.11 -5.95 32.29
CA GLU C 81 -18.91 -6.09 33.51
C GLU C 81 -18.97 -7.52 34.02
N THR C 82 -19.28 -8.44 33.12
CA THR C 82 -19.51 -9.83 33.48
C THR C 82 -18.24 -10.52 33.97
N LEU C 83 -17.09 -10.05 33.50
CA LEU C 83 -15.82 -10.65 33.88
C LEU C 83 -15.60 -10.56 35.40
N TYR C 84 -16.21 -9.55 36.03
CA TYR C 84 -16.00 -9.31 37.46
C TYR C 84 -17.24 -9.58 38.29
N GLN C 85 -18.23 -10.23 37.69
CA GLN C 85 -19.42 -10.63 38.42
C GLN C 85 -19.23 -12.05 38.92
N LYS C 86 -20.08 -12.46 39.85
CA LYS C 86 -19.97 -13.75 40.49
C LYS C 86 -21.27 -14.54 40.41
N ALA C 87 -21.14 -15.86 40.46
CA ALA C 87 -22.30 -16.73 40.54
C ALA C 87 -22.89 -16.67 41.95
N ASP C 88 -24.04 -17.29 42.15
CA ASP C 88 -24.71 -17.27 43.45
C ASP C 88 -23.83 -17.85 44.56
N ASP C 89 -22.99 -18.83 44.22
CA ASP C 89 -22.11 -19.46 45.20
C ASP C 89 -20.82 -18.67 45.45
N GLY C 90 -20.75 -17.45 44.95
CA GLY C 90 -19.60 -16.59 45.20
C GLY C 90 -18.45 -16.77 44.22
N ARG C 91 -18.56 -17.75 43.34
CA ARG C 91 -17.50 -18.02 42.38
C ARG C 91 -17.47 -16.96 41.28
N PRO C 92 -16.29 -16.38 41.04
CA PRO C 92 -16.18 -15.51 39.87
C PRO C 92 -16.51 -16.25 38.58
N PHE C 93 -17.23 -15.61 37.68
CA PHE C 93 -17.64 -16.25 36.42
C PHE C 93 -16.46 -16.87 35.65
N PRO C 94 -15.29 -16.19 35.63
CA PRO C 94 -14.16 -16.83 34.94
C PRO C 94 -13.80 -18.20 35.51
N GLN C 95 -13.89 -18.36 36.83
CA GLN C 95 -13.60 -19.65 37.47
C GLN C 95 -14.65 -20.69 37.09
N VAL C 96 -15.90 -20.26 36.98
CA VAL C 96 -16.97 -21.15 36.55
C VAL C 96 -16.65 -21.66 35.13
N ILE C 97 -16.23 -20.75 34.27
CA ILE C 97 -15.94 -21.09 32.88
C ILE C 97 -14.78 -22.07 32.84
N LYS C 98 -13.73 -21.76 33.58
CA LYS C 98 -12.54 -22.60 33.62
C LYS C 98 -12.84 -23.99 34.20
N SER C 99 -13.68 -24.05 35.22
CA SER C 99 -13.96 -25.32 35.90
C SER C 99 -14.72 -26.25 34.97
N LYS C 100 -15.40 -25.69 33.98
CA LYS C 100 -16.12 -26.48 33.00
C LYS C 100 -15.25 -26.74 31.77
N GLY C 101 -13.95 -26.40 31.87
CA GLY C 101 -13.00 -26.69 30.81
C GLY C 101 -12.94 -25.63 29.72
N GLY C 102 -13.50 -24.45 29.99
CA GLY C 102 -13.56 -23.40 29.00
C GLY C 102 -12.47 -22.36 29.19
N VAL C 103 -12.12 -21.69 28.09
CA VAL C 103 -11.19 -20.58 28.12
C VAL C 103 -12.01 -19.29 28.20
N VAL C 104 -11.50 -18.32 28.94
CA VAL C 104 -12.21 -17.06 29.14
C VAL C 104 -11.75 -15.99 28.15
N GLY C 105 -12.71 -15.35 27.51
CA GLY C 105 -12.43 -14.27 26.59
C GLY C 105 -13.08 -12.96 26.99
N ILE C 106 -12.53 -11.86 26.48
CA ILE C 106 -13.01 -10.52 26.79
C ILE C 106 -13.09 -9.69 25.51
N LYS C 107 -14.23 -9.04 25.30
CA LYS C 107 -14.36 -8.08 24.20
C LYS C 107 -13.69 -6.77 24.60
N VAL C 108 -12.79 -6.25 23.77
CA VAL C 108 -11.99 -5.10 24.18
C VAL C 108 -12.16 -3.86 23.31
N ASP C 109 -12.91 -3.98 22.21
CA ASP C 109 -13.12 -2.81 21.36
C ASP C 109 -14.17 -1.89 21.98
N LYS C 110 -14.19 -0.66 21.51
CA LYS C 110 -15.08 0.35 22.05
C LYS C 110 -16.04 0.87 20.98
N GLY C 111 -16.45 -0.03 20.09
CA GLY C 111 -17.48 0.29 19.12
C GLY C 111 -16.97 0.94 17.85
N VAL C 112 -17.87 1.06 16.88
CA VAL C 112 -17.54 1.66 15.59
C VAL C 112 -17.68 3.18 15.68
N VAL C 113 -16.95 3.86 14.80
CA VAL C 113 -17.06 5.30 14.63
C VAL C 113 -17.05 5.57 13.12
N PRO C 114 -17.70 6.66 12.70
CA PRO C 114 -17.80 6.98 11.27
C PRO C 114 -16.47 7.38 10.64
N LEU C 115 -16.24 6.90 9.43
CA LEU C 115 -15.12 7.36 8.61
C LEU C 115 -15.57 8.49 7.71
N ALA C 116 -15.04 9.67 7.95
CA ALA C 116 -15.39 10.85 7.15
C ALA C 116 -15.01 10.62 5.69
N GLY C 117 -15.84 11.11 4.78
CA GLY C 117 -15.54 11.03 3.37
C GLY C 117 -15.98 9.73 2.73
N THR C 118 -16.73 8.93 3.49
CA THR C 118 -17.22 7.65 2.98
C THR C 118 -18.75 7.61 3.03
N ASN C 119 -19.32 6.64 2.34
CA ASN C 119 -20.76 6.44 2.33
C ASN C 119 -21.21 5.61 3.52
N GLY C 120 -21.13 6.21 4.72
CA GLY C 120 -21.62 5.57 5.92
C GLY C 120 -20.76 4.42 6.42
N GLU C 121 -19.49 4.44 6.03
CA GLU C 121 -18.58 3.39 6.46
C GLU C 121 -17.95 3.73 7.80
N THR C 122 -17.45 2.72 8.50
CA THR C 122 -16.90 2.91 9.82
C THR C 122 -15.56 2.23 10.00
N THR C 123 -14.83 2.67 11.02
CA THR C 123 -13.74 1.89 11.58
C THR C 123 -14.07 1.65 13.05
N THR C 124 -13.16 1.02 13.78
CA THR C 124 -13.39 0.69 15.18
C THR C 124 -12.34 1.32 16.09
N GLN C 125 -12.78 1.79 17.25
CA GLN C 125 -11.89 2.40 18.22
C GLN C 125 -11.72 1.49 19.42
N GLY C 126 -10.72 1.81 20.26
CA GLY C 126 -10.47 1.07 21.48
C GLY C 126 -9.01 0.74 21.75
N LEU C 127 -8.10 1.34 20.98
CA LEU C 127 -6.68 1.03 21.14
C LEU C 127 -6.06 1.75 22.34
N ASP C 128 -6.60 2.91 22.70
CA ASP C 128 -6.02 3.71 23.78
C ASP C 128 -6.02 2.96 25.09
N GLY C 129 -4.84 2.86 25.69
CA GLY C 129 -4.68 2.16 26.95
C GLY C 129 -5.02 0.69 26.82
N LEU C 130 -5.04 0.16 25.60
CA LEU C 130 -5.44 -1.23 25.38
C LEU C 130 -4.45 -2.19 26.00
N SER C 131 -3.17 -1.85 25.98
CA SER C 131 -2.17 -2.74 26.56
C SER C 131 -2.36 -2.93 28.06
N GLU C 132 -2.67 -1.84 28.74
CA GLU C 132 -2.87 -1.89 30.18
C GLU C 132 -4.13 -2.69 30.50
N ARG C 133 -5.18 -2.48 29.72
CA ARG C 133 -6.42 -3.22 29.89
C ARG C 133 -6.21 -4.71 29.71
N CYS C 134 -5.42 -5.06 28.70
CA CYS C 134 -5.12 -6.45 28.37
C CYS C 134 -4.31 -7.12 29.47
N ALA C 135 -3.33 -6.41 30.01
CA ALA C 135 -2.52 -6.90 31.12
C ALA C 135 -3.42 -7.19 32.33
N GLN C 136 -4.36 -6.28 32.56
CA GLN C 136 -5.30 -6.42 33.67
C GLN C 136 -6.25 -7.60 33.43
N TYR C 137 -6.79 -7.70 32.22
CA TYR C 137 -7.69 -8.79 31.88
C TYR C 137 -6.99 -10.15 32.01
N LYS C 138 -5.74 -10.22 31.60
CA LYS C 138 -4.97 -11.44 31.66
C LYS C 138 -4.86 -11.89 33.11
N LYS C 139 -4.51 -10.93 33.95
CA LYS C 139 -4.37 -11.11 35.39
C LYS C 139 -5.68 -11.64 35.97
N ASP C 140 -6.79 -11.14 35.45
CA ASP C 140 -8.10 -11.45 35.98
C ASP C 140 -8.77 -12.64 35.27
N GLY C 141 -7.98 -13.43 34.54
CA GLY C 141 -8.45 -14.71 34.04
C GLY C 141 -8.76 -14.83 32.55
N ALA C 142 -8.65 -13.73 31.81
CA ALA C 142 -8.92 -13.76 30.37
C ALA C 142 -7.68 -14.24 29.60
N ASP C 143 -7.89 -15.09 28.60
CA ASP C 143 -6.79 -15.64 27.79
C ASP C 143 -6.93 -15.29 26.30
N PHE C 144 -8.09 -14.84 25.88
CA PHE C 144 -8.23 -14.35 24.52
C PHE C 144 -9.17 -13.15 24.48
N ALA C 145 -9.19 -12.47 23.35
CA ALA C 145 -9.98 -11.25 23.23
C ALA C 145 -10.73 -11.21 21.91
N LYS C 146 -11.65 -10.27 21.81
CA LYS C 146 -12.42 -10.06 20.60
C LYS C 146 -12.44 -8.59 20.25
N TRP C 147 -12.31 -8.30 18.95
CA TRP C 147 -12.38 -6.95 18.40
C TRP C 147 -13.15 -7.00 17.09
N ARG C 148 -14.25 -6.27 17.00
CA ARG C 148 -15.14 -6.34 15.85
C ARG C 148 -15.04 -5.11 14.95
N CYS C 149 -14.66 -5.36 13.70
CA CYS C 149 -14.73 -4.35 12.65
C CYS C 149 -15.94 -4.65 11.76
N VAL C 150 -16.55 -3.61 11.20
CA VAL C 150 -17.74 -3.80 10.39
C VAL C 150 -17.57 -3.15 9.03
N LEU C 151 -17.82 -3.94 7.98
CA LEU C 151 -17.77 -3.47 6.61
C LEU C 151 -19.10 -3.77 5.95
N LYS C 152 -19.52 -2.91 5.02
CA LYS C 152 -20.82 -3.06 4.39
C LYS C 152 -20.69 -3.16 2.87
N ILE C 153 -21.44 -4.08 2.27
CA ILE C 153 -21.49 -4.22 0.82
C ILE C 153 -22.55 -3.30 0.26
N GLY C 154 -22.11 -2.33 -0.54
CA GLY C 154 -23.02 -1.40 -1.17
C GLY C 154 -22.54 -1.13 -2.58
N GLU C 155 -23.03 -0.06 -3.19
CA GLU C 155 -22.64 0.27 -4.56
C GLU C 155 -21.18 0.71 -4.60
N HIS C 156 -20.76 1.48 -3.61
CA HIS C 156 -19.40 2.01 -3.55
C HIS C 156 -18.66 1.57 -2.29
N THR C 157 -19.10 0.46 -1.70
CA THR C 157 -18.50 -0.03 -0.47
C THR C 157 -18.39 -1.55 -0.50
N PRO C 158 -17.41 -2.12 0.25
CA PRO C 158 -16.43 -1.42 1.09
C PRO C 158 -15.36 -0.71 0.28
N SER C 159 -15.07 0.53 0.62
CA SER C 159 -14.08 1.31 -0.12
C SER C 159 -12.67 0.87 0.27
N ALA C 160 -11.70 1.27 -0.55
CA ALA C 160 -10.30 0.98 -0.28
C ALA C 160 -9.89 1.49 1.11
N LEU C 161 -10.33 2.70 1.44
CA LEU C 161 -10.02 3.29 2.74
C LEU C 161 -10.57 2.42 3.88
N ALA C 162 -11.82 2.00 3.76
CA ALA C 162 -12.49 1.23 4.82
C ALA C 162 -11.78 -0.09 5.04
N ILE C 163 -11.44 -0.76 3.95
CA ILE C 163 -10.76 -2.04 4.01
C ILE C 163 -9.39 -1.86 4.66
N MET C 164 -8.63 -0.87 4.18
CA MET C 164 -7.29 -0.62 4.70
C MET C 164 -7.29 -0.22 6.19
N GLU C 165 -8.17 0.70 6.56
CA GLU C 165 -8.22 1.22 7.93
C GLU C 165 -8.62 0.15 8.92
N ASN C 166 -9.67 -0.60 8.59
CA ASN C 166 -10.14 -1.66 9.48
C ASN C 166 -9.12 -2.78 9.60
N ALA C 167 -8.47 -3.13 8.49
CA ALA C 167 -7.43 -4.14 8.51
C ALA C 167 -6.28 -3.70 9.39
N ASN C 168 -5.95 -2.42 9.33
CA ASN C 168 -4.82 -1.90 10.07
C ASN C 168 -5.11 -1.83 11.58
N VAL C 169 -6.32 -1.44 11.96
CA VAL C 169 -6.67 -1.32 13.37
C VAL C 169 -6.76 -2.72 13.98
N LEU C 170 -7.26 -3.68 13.21
CA LEU C 170 -7.30 -5.06 13.64
C LEU C 170 -5.89 -5.58 13.93
N ALA C 171 -4.93 -5.21 13.07
CA ALA C 171 -3.54 -5.63 13.24
C ALA C 171 -2.92 -5.00 14.49
N ARG C 172 -3.21 -3.72 14.73
CA ARG C 172 -2.74 -3.04 15.94
C ARG C 172 -3.28 -3.72 17.19
N TYR C 173 -4.57 -4.02 17.17
CA TYR C 173 -5.23 -4.68 18.30
C TYR C 173 -4.61 -6.05 18.56
N ALA C 174 -4.35 -6.80 17.49
CA ALA C 174 -3.78 -8.13 17.61
C ALA C 174 -2.37 -8.07 18.18
N SER C 175 -1.61 -7.07 17.74
CA SER C 175 -0.25 -6.89 18.19
C SER C 175 -0.22 -6.64 19.71
N ILE C 176 -1.08 -5.75 20.18
CA ILE C 176 -1.12 -5.40 21.60
C ILE C 176 -1.55 -6.61 22.42
N CYS C 177 -2.57 -7.31 21.95
CA CYS C 177 -3.04 -8.52 22.63
C CYS C 177 -1.93 -9.53 22.82
N GLN C 178 -1.18 -9.81 21.76
CA GLN C 178 -0.17 -10.86 21.80
C GLN C 178 1.01 -10.45 22.70
N GLN C 179 1.25 -9.16 22.84
CA GLN C 179 2.30 -8.68 23.74
C GLN C 179 1.92 -8.94 25.19
N ASN C 180 0.63 -9.13 25.44
CA ASN C 180 0.13 -9.31 26.80
C ASN C 180 -0.38 -10.73 27.02
N GLY C 181 0.02 -11.64 26.15
CA GLY C 181 -0.31 -13.04 26.28
C GLY C 181 -1.76 -13.36 25.97
N ILE C 182 -2.44 -12.46 25.26
CA ILE C 182 -3.84 -12.67 24.93
C ILE C 182 -3.98 -13.04 23.45
N VAL C 183 -4.70 -14.13 23.17
CA VAL C 183 -4.98 -14.54 21.81
C VAL C 183 -6.04 -13.62 21.24
N PRO C 184 -5.72 -12.90 20.15
CA PRO C 184 -6.75 -12.06 19.55
C PRO C 184 -7.63 -12.79 18.54
N ILE C 185 -8.94 -12.66 18.69
CA ILE C 185 -9.86 -13.06 17.65
C ILE C 185 -10.02 -11.87 16.71
N VAL C 186 -9.66 -12.07 15.46
CA VAL C 186 -9.77 -11.04 14.45
C VAL C 186 -11.14 -11.16 13.77
N GLU C 187 -11.99 -10.16 13.94
CA GLU C 187 -13.32 -10.20 13.37
C GLU C 187 -13.56 -9.09 12.36
N PRO C 188 -13.30 -9.38 11.07
CA PRO C 188 -13.68 -8.45 10.01
C PRO C 188 -15.06 -8.82 9.44
N GLU C 189 -16.11 -8.35 10.11
CA GLU C 189 -17.46 -8.73 9.70
C GLU C 189 -17.94 -7.94 8.48
N ILE C 190 -18.31 -8.66 7.43
CA ILE C 190 -19.02 -8.07 6.31
C ILE C 190 -20.50 -8.32 6.52
N LEU C 191 -21.26 -7.24 6.67
CA LEU C 191 -22.69 -7.35 6.94
C LEU C 191 -23.43 -8.02 5.78
N PRO C 192 -24.52 -8.75 6.10
CA PRO C 192 -25.35 -9.36 5.06
C PRO C 192 -26.36 -8.41 4.44
N ASP C 193 -26.42 -7.17 4.93
CA ASP C 193 -27.37 -6.18 4.44
C ASP C 193 -27.23 -5.96 2.93
N GLY C 194 -28.36 -5.88 2.24
CA GLY C 194 -28.35 -5.56 0.81
C GLY C 194 -28.92 -6.65 -0.08
N ASP C 195 -28.96 -6.38 -1.38
CA ASP C 195 -29.51 -7.32 -2.35
C ASP C 195 -28.45 -7.96 -3.23
N HIS C 196 -27.19 -7.88 -2.79
CA HIS C 196 -26.09 -8.50 -3.52
C HIS C 196 -26.23 -10.02 -3.52
N ASP C 197 -25.64 -10.69 -4.50
CA ASP C 197 -25.74 -12.14 -4.57
C ASP C 197 -24.55 -12.81 -3.88
N LEU C 198 -24.53 -14.14 -3.93
CA LEU C 198 -23.53 -14.93 -3.23
C LEU C 198 -22.10 -14.64 -3.70
N LYS C 199 -21.90 -14.51 -5.01
CA LYS C 199 -20.55 -14.37 -5.51
C LYS C 199 -19.99 -12.96 -5.25
N ARG C 200 -20.88 -11.98 -5.06
CA ARG C 200 -20.44 -10.65 -4.67
C ARG C 200 -19.89 -10.71 -3.24
N CYS C 201 -20.59 -11.42 -2.36
CA CYS C 201 -20.12 -11.58 -0.99
C CYS C 201 -18.82 -12.34 -0.96
N GLN C 202 -18.70 -13.37 -1.80
CA GLN C 202 -17.48 -14.15 -1.86
C GLN C 202 -16.31 -13.28 -2.33
N TYR C 203 -16.58 -12.44 -3.31
CA TYR C 203 -15.56 -11.54 -3.84
C TYR C 203 -15.07 -10.57 -2.77
N VAL C 204 -16.01 -9.92 -2.09
CA VAL C 204 -15.68 -8.93 -1.07
C VAL C 204 -14.95 -9.58 0.10
N THR C 205 -15.44 -10.75 0.52
CA THR C 205 -14.82 -11.47 1.63
C THR C 205 -13.38 -11.78 1.30
N GLU C 206 -13.12 -12.22 0.07
CA GLU C 206 -11.77 -12.54 -0.37
C GLU C 206 -10.87 -11.31 -0.33
N LYS C 207 -11.38 -10.16 -0.77
CA LYS C 207 -10.59 -8.93 -0.78
C LYS C 207 -10.34 -8.45 0.64
N VAL C 208 -11.34 -8.56 1.50
CA VAL C 208 -11.20 -8.12 2.87
C VAL C 208 -10.16 -8.99 3.58
N LEU C 209 -10.26 -10.29 3.41
CA LEU C 209 -9.37 -11.20 4.11
C LEU C 209 -7.93 -11.09 3.62
N ALA C 210 -7.74 -10.82 2.33
CA ALA C 210 -6.39 -10.65 1.80
C ALA C 210 -5.75 -9.42 2.45
N ALA C 211 -6.53 -8.36 2.60
CA ALA C 211 -6.05 -7.14 3.22
C ALA C 211 -5.77 -7.39 4.70
N VAL C 212 -6.63 -8.18 5.33
CA VAL C 212 -6.47 -8.45 6.76
C VAL C 212 -5.13 -9.13 7.00
N TYR C 213 -4.83 -10.16 6.21
CA TYR C 213 -3.64 -10.95 6.50
C TYR C 213 -2.36 -10.28 6.01
N LYS C 214 -2.48 -9.39 5.02
CA LYS C 214 -1.33 -8.56 4.69
C LYS C 214 -1.02 -7.62 5.86
N ALA C 215 -2.06 -7.00 6.41
CA ALA C 215 -1.90 -6.10 7.55
C ALA C 215 -1.31 -6.84 8.75
N LEU C 216 -1.82 -8.02 9.04
CA LEU C 216 -1.29 -8.80 10.16
C LEU C 216 0.19 -9.11 9.92
N SER C 217 0.55 -9.39 8.67
CA SER C 217 1.94 -9.65 8.33
C SER C 217 2.81 -8.42 8.57
N ASP C 218 2.35 -7.27 8.08
CA ASP C 218 3.08 -6.02 8.24
C ASP C 218 3.32 -5.67 9.72
N HIS C 219 2.38 -6.05 10.58
CA HIS C 219 2.47 -5.73 12.00
C HIS C 219 3.09 -6.87 12.82
N HIS C 220 3.61 -7.88 12.12
CA HIS C 220 4.35 -8.98 12.73
C HIS C 220 3.52 -9.84 13.68
N ILE C 221 2.28 -10.11 13.29
CA ILE C 221 1.38 -10.92 14.09
C ILE C 221 1.70 -12.40 13.96
N TYR C 222 1.64 -13.09 15.10
CA TYR C 222 1.88 -14.52 15.16
C TYR C 222 0.56 -15.26 14.91
N LEU C 223 0.39 -15.73 13.67
CA LEU C 223 -0.89 -16.24 13.19
C LEU C 223 -1.34 -17.49 13.94
N GLU C 224 -0.36 -18.32 14.33
CA GLU C 224 -0.68 -19.53 15.06
C GLU C 224 -1.34 -19.18 16.40
N GLY C 225 -1.09 -17.97 16.88
CA GLY C 225 -1.70 -17.47 18.10
C GLY C 225 -2.85 -16.52 17.84
N THR C 226 -3.58 -16.76 16.75
CA THR C 226 -4.76 -15.97 16.42
C THR C 226 -5.90 -16.87 15.98
N LEU C 227 -7.11 -16.31 16.01
CA LEU C 227 -8.27 -16.93 15.43
C LEU C 227 -8.92 -15.91 14.51
N LEU C 228 -9.64 -16.41 13.51
CA LEU C 228 -10.38 -15.55 12.59
C LEU C 228 -11.86 -15.75 12.83
N LYS C 229 -12.59 -14.64 12.90
CA LYS C 229 -14.03 -14.67 13.09
C LYS C 229 -14.70 -13.93 11.93
N PRO C 230 -14.90 -14.63 10.82
CA PRO C 230 -15.51 -14.00 9.67
C PRO C 230 -16.99 -14.32 9.54
N ASN C 231 -17.69 -13.50 8.77
CA ASN C 231 -18.99 -13.86 8.26
C ASN C 231 -18.87 -15.10 7.39
N MET C 232 -19.90 -15.93 7.36
CA MET C 232 -19.99 -16.94 6.31
C MET C 232 -20.27 -16.20 5.02
N VAL C 233 -19.95 -16.83 3.90
CA VAL C 233 -20.25 -16.25 2.60
C VAL C 233 -21.70 -16.59 2.27
N THR C 234 -22.55 -15.57 2.26
CA THR C 234 -23.96 -15.74 1.99
C THR C 234 -24.46 -14.62 1.08
N PRO C 235 -25.59 -14.85 0.39
CA PRO C 235 -26.19 -13.73 -0.34
C PRO C 235 -26.69 -12.68 0.62
N GLY C 236 -27.00 -11.49 0.12
CA GLY C 236 -27.57 -10.45 0.96
C GLY C 236 -28.95 -10.82 1.44
N HIS C 237 -29.37 -10.24 2.55
CA HIS C 237 -30.69 -10.50 3.11
C HIS C 237 -31.77 -10.26 2.08
N ALA C 238 -31.61 -9.20 1.28
CA ALA C 238 -32.65 -8.77 0.35
C ALA C 238 -32.48 -9.39 -1.03
N CYS C 239 -31.56 -10.35 -1.15
CA CYS C 239 -31.35 -11.04 -2.43
C CYS C 239 -32.51 -12.00 -2.69
N THR C 240 -33.06 -11.93 -3.90
CA THR C 240 -34.23 -12.73 -4.26
C THR C 240 -33.82 -14.15 -4.64
N GLN C 241 -32.66 -14.28 -5.26
CA GLN C 241 -32.13 -15.59 -5.64
C GLN C 241 -31.98 -16.47 -4.39
N LYS C 242 -32.09 -17.78 -4.58
CA LYS C 242 -31.98 -18.75 -3.48
C LYS C 242 -30.78 -19.67 -3.70
N TYR C 243 -30.16 -20.08 -2.60
CA TYR C 243 -28.96 -20.92 -2.62
C TYR C 243 -29.07 -22.05 -1.61
N SER C 244 -28.46 -23.19 -1.91
CA SER C 244 -28.43 -24.30 -0.98
C SER C 244 -27.31 -24.12 0.03
N HIS C 245 -27.37 -24.92 1.09
CA HIS C 245 -26.36 -24.88 2.12
C HIS C 245 -25.03 -25.37 1.57
N GLU C 246 -25.11 -26.21 0.53
CA GLU C 246 -23.90 -26.74 -0.07
C GLU C 246 -23.17 -25.64 -0.84
N GLU C 247 -23.94 -24.76 -1.46
CA GLU C 247 -23.35 -23.65 -2.21
C GLU C 247 -22.76 -22.62 -1.26
N ILE C 248 -23.47 -22.34 -0.18
CA ILE C 248 -22.97 -21.43 0.84
C ILE C 248 -21.66 -21.96 1.39
N ALA C 249 -21.62 -23.26 1.68
CA ALA C 249 -20.42 -23.89 2.21
C ALA C 249 -19.27 -23.79 1.20
N MET C 250 -19.55 -24.07 -0.05
CA MET C 250 -18.52 -24.06 -1.09
C MET C 250 -17.92 -22.67 -1.22
N ALA C 251 -18.77 -21.65 -1.26
CA ALA C 251 -18.31 -20.27 -1.42
C ALA C 251 -17.54 -19.82 -0.19
N THR C 252 -17.99 -20.25 0.99
CA THR C 252 -17.32 -19.90 2.23
C THR C 252 -15.95 -20.55 2.30
N VAL C 253 -15.89 -21.86 2.06
CA VAL C 253 -14.63 -22.58 2.13
C VAL C 253 -13.68 -22.12 1.03
N THR C 254 -14.22 -21.78 -0.13
CA THR C 254 -13.38 -21.32 -1.24
C THR C 254 -12.72 -19.99 -0.89
N ALA C 255 -13.50 -19.05 -0.37
CA ALA C 255 -12.97 -17.75 0.02
C ALA C 255 -11.85 -17.90 1.05
N LEU C 256 -12.04 -18.80 2.01
CA LEU C 256 -11.05 -18.97 3.06
C LEU C 256 -9.78 -19.60 2.52
N ARG C 257 -9.94 -20.61 1.68
CA ARG C 257 -8.81 -21.31 1.08
C ARG C 257 -7.94 -20.37 0.24
N ARG C 258 -8.55 -19.31 -0.29
CA ARG C 258 -7.83 -18.38 -1.14
C ARG C 258 -7.15 -17.24 -0.39
N THR C 259 -7.34 -17.16 0.92
CA THR C 259 -6.85 -15.99 1.65
C THR C 259 -6.25 -16.29 3.03
N VAL C 260 -6.71 -17.35 3.68
CA VAL C 260 -6.32 -17.58 5.07
C VAL C 260 -5.16 -18.57 5.14
N PRO C 261 -3.97 -18.10 5.55
CA PRO C 261 -2.83 -19.02 5.64
C PRO C 261 -3.09 -20.21 6.58
N PRO C 262 -2.55 -21.39 6.23
CA PRO C 262 -2.74 -22.58 7.06
C PRO C 262 -2.32 -22.39 8.51
N ALA C 263 -1.41 -21.46 8.77
CA ALA C 263 -0.88 -21.25 10.11
C ALA C 263 -1.95 -20.76 11.09
N VAL C 264 -3.00 -20.14 10.57
CA VAL C 264 -4.10 -19.69 11.41
C VAL C 264 -4.70 -20.92 12.08
N THR C 265 -4.85 -20.85 13.40
CA THR C 265 -5.20 -22.02 14.19
C THR C 265 -6.67 -22.40 13.99
N GLY C 266 -7.54 -21.42 13.84
CA GLY C 266 -8.94 -21.71 13.66
C GLY C 266 -9.79 -20.57 13.14
N VAL C 267 -10.94 -20.95 12.58
CA VAL C 267 -11.92 -20.00 12.09
C VAL C 267 -13.21 -20.21 12.88
N THR C 268 -13.65 -19.17 13.57
CA THR C 268 -14.83 -19.24 14.42
C THR C 268 -15.91 -18.36 13.80
N PHE C 269 -16.83 -18.97 13.07
CA PHE C 269 -17.80 -18.20 12.29
C PHE C 269 -18.79 -17.44 13.17
N LEU C 270 -19.12 -16.23 12.74
CA LEU C 270 -20.25 -15.50 13.32
C LEU C 270 -21.51 -15.93 12.59
N SER C 271 -22.65 -15.93 13.28
CA SER C 271 -23.90 -16.39 12.68
C SER C 271 -24.65 -15.25 12.00
N GLY C 272 -24.33 -14.02 12.39
CA GLY C 272 -24.97 -12.86 11.80
C GLY C 272 -26.48 -12.86 11.98
N GLY C 273 -27.19 -12.83 10.86
CA GLY C 273 -28.64 -12.79 10.88
C GLY C 273 -29.29 -14.16 10.79
N GLN C 274 -28.47 -15.20 10.75
CA GLN C 274 -28.97 -16.57 10.60
C GLN C 274 -29.75 -17.02 11.83
N SER C 275 -30.74 -17.90 11.61
CA SER C 275 -31.46 -18.52 12.70
C SER C 275 -30.54 -19.51 13.41
N GLU C 276 -30.97 -19.99 14.56
CA GLU C 276 -30.19 -20.96 15.32
C GLU C 276 -29.89 -22.19 14.48
N GLU C 277 -30.93 -22.69 13.80
CA GLU C 277 -30.81 -23.91 13.01
C GLU C 277 -30.02 -23.66 11.72
N GLU C 278 -30.34 -22.57 11.03
CA GLU C 278 -29.63 -22.21 9.81
C GLU C 278 -28.12 -22.13 10.07
N ALA C 279 -27.76 -21.51 11.19
CA ALA C 279 -26.36 -21.36 11.57
C ALA C 279 -25.70 -22.72 11.78
N SER C 280 -26.43 -23.68 12.35
CA SER C 280 -25.86 -25.01 12.59
C SER C 280 -25.74 -25.79 11.29
N ILE C 281 -26.74 -25.67 10.42
CA ILE C 281 -26.75 -26.43 9.17
C ILE C 281 -25.63 -25.97 8.27
N ASN C 282 -25.48 -24.65 8.15
CA ASN C 282 -24.42 -24.09 7.32
C ASN C 282 -23.05 -24.48 7.85
N LEU C 283 -22.85 -24.39 9.16
CA LEU C 283 -21.57 -24.75 9.76
C LEU C 283 -21.26 -26.22 9.49
N ASN C 284 -22.31 -27.04 9.50
CA ASN C 284 -22.13 -28.48 9.24
C ASN C 284 -21.77 -28.71 7.77
N ALA C 285 -22.46 -28.01 6.88
CA ALA C 285 -22.17 -28.09 5.45
C ALA C 285 -20.73 -27.67 5.18
N ILE C 286 -20.28 -26.64 5.88
CA ILE C 286 -18.92 -26.15 5.72
C ILE C 286 -17.91 -27.23 6.08
N ASN C 287 -18.19 -27.98 7.15
CA ASN C 287 -17.26 -29.01 7.62
C ASN C 287 -17.32 -30.30 6.81
N LYS C 288 -18.37 -30.49 6.02
CA LYS C 288 -18.49 -31.66 5.17
C LYS C 288 -17.95 -31.39 3.78
N CYS C 289 -17.82 -30.11 3.43
CA CYS C 289 -17.26 -29.75 2.14
C CYS C 289 -15.97 -30.49 1.86
N PRO C 290 -15.87 -31.11 0.66
CA PRO C 290 -14.76 -32.04 0.42
C PRO C 290 -13.41 -31.37 0.22
N LEU C 291 -13.38 -30.07 -0.04
CA LEU C 291 -12.11 -29.37 -0.22
C LEU C 291 -11.24 -29.46 1.04
N LEU C 292 -9.94 -29.24 0.88
CA LEU C 292 -9.00 -29.32 1.99
C LEU C 292 -9.08 -28.06 2.85
N LYS C 293 -9.25 -28.27 4.15
CA LYS C 293 -9.38 -27.17 5.12
C LYS C 293 -8.37 -27.34 6.26
N PRO C 294 -7.26 -26.58 6.21
CA PRO C 294 -6.16 -26.74 7.16
C PRO C 294 -6.31 -25.94 8.47
N TRP C 295 -7.52 -25.51 8.78
CA TRP C 295 -7.81 -24.85 10.06
C TRP C 295 -9.09 -25.41 10.65
N ALA C 296 -9.22 -25.35 11.97
CA ALA C 296 -10.48 -25.71 12.61
C ALA C 296 -11.56 -24.77 12.09
N LEU C 297 -12.73 -25.33 11.80
CA LEU C 297 -13.88 -24.57 11.33
C LEU C 297 -15.06 -24.73 12.27
N THR C 298 -15.22 -23.77 13.18
CA THR C 298 -16.21 -23.90 14.22
C THR C 298 -16.99 -22.60 14.39
N PHE C 299 -17.56 -22.40 15.57
CA PHE C 299 -18.48 -21.30 15.79
C PHE C 299 -18.07 -20.33 16.88
N SER C 300 -18.42 -19.06 16.68
CA SER C 300 -18.42 -18.08 17.76
C SER C 300 -19.78 -17.39 17.72
N TYR C 301 -20.77 -18.06 18.30
CA TYR C 301 -22.16 -17.67 18.14
C TYR C 301 -22.70 -16.96 19.37
N GLY C 302 -23.44 -15.88 19.12
CA GLY C 302 -24.19 -15.22 20.17
C GLY C 302 -25.65 -15.58 20.05
N ARG C 303 -26.33 -14.90 19.14
CA ARG C 303 -27.75 -15.12 18.92
C ARG C 303 -28.07 -16.59 18.63
N ALA C 304 -27.24 -17.24 17.83
CA ALA C 304 -27.50 -18.61 17.41
C ALA C 304 -27.36 -19.62 18.56
N LEU C 305 -26.88 -19.17 19.70
CA LEU C 305 -26.80 -20.02 20.88
C LEU C 305 -27.78 -19.58 21.96
N GLN C 306 -28.24 -18.33 21.88
CA GLN C 306 -28.97 -17.71 23.00
C GLN C 306 -30.43 -17.42 22.70
N ALA C 307 -30.78 -17.29 21.43
CA ALA C 307 -32.09 -16.80 21.05
C ALA C 307 -33.23 -17.53 21.76
N SER C 308 -33.23 -18.86 21.68
CA SER C 308 -34.31 -19.67 22.25
C SER C 308 -34.27 -19.70 23.79
N ALA C 309 -33.08 -19.81 24.36
CA ALA C 309 -32.92 -19.82 25.82
C ALA C 309 -33.48 -18.55 26.41
N LEU C 310 -33.17 -17.44 25.77
CA LEU C 310 -33.59 -16.13 26.24
C LEU C 310 -35.11 -16.00 26.25
N LYS C 311 -35.78 -16.51 25.22
CA LYS C 311 -37.24 -16.40 25.15
C LYS C 311 -37.90 -17.33 26.17
N ALA C 312 -37.36 -18.54 26.30
CA ALA C 312 -37.90 -19.52 27.24
C ALA C 312 -37.75 -19.01 28.67
N TRP C 313 -36.72 -18.20 28.92
CA TRP C 313 -36.49 -17.63 30.23
C TRP C 313 -37.55 -16.58 30.53
N GLY C 314 -37.68 -15.60 29.64
CA GLY C 314 -38.66 -14.54 29.78
C GLY C 314 -38.46 -13.67 31.01
N GLY C 315 -37.30 -13.77 31.63
CA GLY C 315 -36.99 -12.96 32.79
C GLY C 315 -37.51 -13.55 34.10
N LYS C 316 -38.05 -14.75 34.03
CA LYS C 316 -38.64 -15.39 35.21
C LYS C 316 -37.81 -16.57 35.69
N LYS C 317 -37.32 -16.44 36.92
CA LYS C 317 -36.41 -17.40 37.55
C LYS C 317 -36.91 -18.85 37.52
N GLU C 318 -38.23 -19.04 37.54
CA GLU C 318 -38.78 -20.40 37.62
C GLU C 318 -38.61 -21.16 36.29
N ASN C 319 -38.27 -20.44 35.23
CA ASN C 319 -38.05 -21.04 33.92
C ASN C 319 -36.56 -21.26 33.62
N LEU C 320 -35.75 -21.33 34.67
CA LEU C 320 -34.32 -21.51 34.54
C LEU C 320 -33.94 -22.75 33.73
N LYS C 321 -34.37 -23.92 34.18
CA LYS C 321 -33.98 -25.19 33.54
C LYS C 321 -34.46 -25.22 32.09
N ALA C 322 -35.66 -24.72 31.83
CA ALA C 322 -36.20 -24.69 30.48
C ALA C 322 -35.31 -23.85 29.57
N ALA C 323 -34.94 -22.66 30.04
CA ALA C 323 -34.09 -21.76 29.27
C ALA C 323 -32.73 -22.38 29.02
N GLN C 324 -32.11 -22.89 30.07
CA GLN C 324 -30.81 -23.55 29.94
C GLN C 324 -30.87 -24.69 28.96
N GLU C 325 -31.99 -25.41 28.98
CA GLU C 325 -32.16 -26.58 28.12
C GLU C 325 -32.08 -26.18 26.64
N GLU C 326 -32.62 -25.02 26.30
CA GLU C 326 -32.58 -24.53 24.93
C GLU C 326 -31.15 -24.20 24.52
N TYR C 327 -30.41 -23.59 25.45
CA TYR C 327 -29.00 -23.27 25.23
C TYR C 327 -28.16 -24.53 25.02
N VAL C 328 -28.33 -25.50 25.91
CA VAL C 328 -27.58 -26.76 25.81
C VAL C 328 -27.86 -27.44 24.47
N LYS C 329 -29.11 -27.38 24.05
CA LYS C 329 -29.53 -28.00 22.80
C LYS C 329 -28.78 -27.42 21.61
N ARG C 330 -28.61 -26.10 21.58
CA ARG C 330 -27.88 -25.46 20.48
C ARG C 330 -26.37 -25.75 20.59
N ALA C 331 -25.84 -25.73 21.80
CA ALA C 331 -24.42 -26.02 22.02
C ALA C 331 -24.05 -27.41 21.52
N LEU C 332 -24.93 -28.38 21.76
CA LEU C 332 -24.69 -29.75 21.31
C LEU C 332 -24.79 -29.86 19.78
N ALA C 333 -25.78 -29.18 19.21
CA ALA C 333 -25.98 -29.18 17.77
C ALA C 333 -24.76 -28.62 17.05
N ASN C 334 -24.20 -27.53 17.58
CA ASN C 334 -23.09 -26.86 16.95
C ASN C 334 -21.78 -27.58 17.21
N SER C 335 -21.68 -28.31 18.32
CA SER C 335 -20.52 -29.16 18.56
C SER C 335 -20.45 -30.26 17.51
N LEU C 336 -21.62 -30.72 17.08
CA LEU C 336 -21.69 -31.73 16.02
C LEU C 336 -21.38 -31.10 14.66
N ALA C 337 -21.93 -29.90 14.44
CA ALA C 337 -21.77 -29.22 13.16
C ALA C 337 -20.30 -28.92 12.85
N CYS C 338 -19.54 -28.51 13.87
CA CYS C 338 -18.14 -28.15 13.66
C CYS C 338 -17.27 -29.39 13.52
N GLN C 339 -17.91 -30.56 13.54
CA GLN C 339 -17.24 -31.81 13.21
C GLN C 339 -17.81 -32.43 11.94
N GLY C 340 -18.80 -31.75 11.35
CA GLY C 340 -19.48 -32.26 10.16
C GLY C 340 -20.32 -33.48 10.46
N LYS C 341 -20.74 -33.60 11.72
CA LYS C 341 -21.47 -34.76 12.20
C LYS C 341 -22.89 -34.39 12.62
N TYR C 342 -23.36 -33.21 12.23
CA TYR C 342 -24.68 -32.76 12.66
C TYR C 342 -25.77 -33.28 11.73
N THR C 343 -26.75 -33.92 12.35
CA THR C 343 -27.94 -34.39 11.67
C THR C 343 -29.11 -33.85 12.49
N PRO C 344 -30.16 -33.36 11.82
CA PRO C 344 -31.29 -32.79 12.55
C PRO C 344 -31.83 -33.76 13.61
N SER C 345 -31.60 -35.06 13.44
CA SER C 345 -32.02 -36.06 14.41
C SER C 345 -31.09 -36.06 15.64
N GLY C 346 -29.92 -35.44 15.51
CA GLY C 346 -29.01 -35.30 16.64
C GLY C 346 -28.09 -36.50 16.82
N SER C 359 -19.77 -26.99 -10.01
CA SER C 359 -18.33 -27.23 -10.18
C SER C 359 -17.52 -26.51 -9.10
N ASN C 360 -16.32 -27.02 -8.84
CA ASN C 360 -15.42 -26.38 -7.89
C ASN C 360 -14.98 -25.05 -8.51
N HIS C 361 -14.89 -25.04 -9.85
CA HIS C 361 -14.43 -23.88 -10.59
C HIS C 361 -15.54 -22.87 -10.85
N ALA C 362 -16.75 -23.20 -10.38
CA ALA C 362 -17.87 -22.27 -10.50
C ALA C 362 -17.70 -21.10 -9.53
N TYR C 363 -16.79 -21.24 -8.57
CA TYR C 363 -16.58 -20.22 -7.55
C TYR C 363 -15.27 -19.49 -7.77
N PRO D 1 -13.93 5.40 -6.20
CA PRO D 1 -13.81 6.47 -7.20
C PRO D 1 -14.96 7.47 -7.16
N HIS D 2 -15.73 7.45 -6.07
CA HIS D 2 -16.85 8.36 -5.90
C HIS D 2 -16.62 9.27 -4.70
N SER D 3 -16.90 10.55 -4.87
CA SER D 3 -16.74 11.52 -3.79
C SER D 3 -17.97 11.53 -2.89
N HIS D 4 -17.74 11.32 -1.61
CA HIS D 4 -18.76 11.54 -0.59
C HIS D 4 -18.20 12.60 0.34
N PRO D 5 -18.40 13.88 -0.01
CA PRO D 5 -17.66 14.98 0.62
C PRO D 5 -17.60 14.88 2.13
N ALA D 6 -16.39 14.91 2.67
CA ALA D 6 -16.21 14.88 4.11
C ALA D 6 -16.68 16.20 4.72
N LEU D 7 -16.50 17.27 3.96
CA LEU D 7 -16.78 18.62 4.44
C LEU D 7 -17.63 19.40 3.47
N THR D 8 -18.50 20.25 4.02
CA THR D 8 -19.25 21.20 3.23
C THR D 8 -18.38 22.42 2.96
N PRO D 9 -18.75 23.24 1.96
CA PRO D 9 -18.03 24.49 1.69
C PRO D 9 -17.92 25.41 2.90
N GLU D 10 -18.96 25.43 3.74
CA GLU D 10 -18.98 26.27 4.91
C GLU D 10 -17.96 25.78 5.94
N GLN D 11 -17.92 24.46 6.13
CA GLN D 11 -16.95 23.84 7.02
C GLN D 11 -15.53 24.08 6.52
N LYS D 12 -15.35 23.98 5.20
CA LYS D 12 -14.05 24.20 4.58
C LYS D 12 -13.58 25.62 4.81
N LYS D 13 -14.47 26.58 4.62
CA LYS D 13 -14.13 27.99 4.81
C LYS D 13 -13.67 28.25 6.23
N GLU D 14 -14.40 27.70 7.20
CA GLU D 14 -14.05 27.89 8.60
C GLU D 14 -12.64 27.37 8.87
N LEU D 15 -12.34 26.16 8.42
CA LEU D 15 -11.04 25.57 8.68
C LEU D 15 -9.93 26.37 8.02
N SER D 16 -10.15 26.79 6.79
CA SER D 16 -9.16 27.56 6.05
C SER D 16 -8.89 28.89 6.73
N ASP D 17 -9.95 29.58 7.12
CA ASP D 17 -9.83 30.87 7.81
C ASP D 17 -9.04 30.72 9.12
N ILE D 18 -9.37 29.70 9.92
CA ILE D 18 -8.62 29.45 11.15
C ILE D 18 -7.15 29.21 10.82
N ALA D 19 -6.88 28.30 9.88
CA ALA D 19 -5.50 27.96 9.55
C ALA D 19 -4.74 29.21 9.13
N HIS D 20 -5.38 30.07 8.35
CA HIS D 20 -4.71 31.26 7.86
C HIS D 20 -4.45 32.29 8.97
N ARG D 21 -5.35 32.41 9.94
CA ARG D 21 -5.15 33.32 11.05
C ARG D 21 -3.91 32.95 11.85
N ILE D 22 -3.72 31.66 12.08
CA ILE D 22 -2.63 31.17 12.91
C ILE D 22 -1.27 31.53 12.33
N VAL D 23 -1.12 31.41 11.01
CA VAL D 23 0.18 31.59 10.36
C VAL D 23 0.21 32.85 9.51
N ALA D 24 -0.61 33.83 9.87
CA ALA D 24 -0.60 35.12 9.19
C ALA D 24 0.80 35.70 9.23
N PRO D 25 1.14 36.59 8.27
CA PRO D 25 2.49 37.13 8.19
C PRO D 25 3.04 37.67 9.51
N GLY D 26 4.23 37.24 9.88
CA GLY D 26 4.87 37.69 11.10
C GLY D 26 4.47 36.89 12.33
N LYS D 27 3.48 36.01 12.18
CA LYS D 27 2.94 35.30 13.33
C LYS D 27 3.35 33.83 13.38
N GLY D 28 3.44 33.30 14.59
CA GLY D 28 3.70 31.89 14.80
C GLY D 28 2.96 31.38 16.02
N ILE D 29 3.38 30.22 16.51
CA ILE D 29 2.67 29.54 17.58
C ILE D 29 3.54 29.39 18.82
N LEU D 30 2.99 29.75 19.97
CA LEU D 30 3.58 29.39 21.25
C LEU D 30 3.09 28.02 21.70
N ALA D 31 4.03 27.09 21.85
CA ALA D 31 3.71 25.74 22.29
C ALA D 31 3.89 25.63 23.80
N ALA D 32 2.78 25.78 24.53
CA ALA D 32 2.78 25.70 25.99
C ALA D 32 1.94 24.52 26.46
N ASP D 33 1.99 23.43 25.70
CA ASP D 33 1.12 22.27 25.92
C ASP D 33 1.82 21.10 26.60
N GLU D 34 2.90 21.38 27.32
CA GLU D 34 3.63 20.32 28.01
C GLU D 34 2.72 19.60 28.99
N SER D 35 2.65 18.28 28.89
CA SER D 35 1.89 17.47 29.83
C SER D 35 2.41 17.71 31.24
N THR D 36 1.66 17.27 32.24
CA THR D 36 2.05 17.48 33.62
C THR D 36 3.40 16.80 33.89
N GLY D 37 3.59 15.63 33.28
CA GLY D 37 4.82 14.88 33.44
C GLY D 37 6.00 15.53 32.74
N SER D 38 5.72 16.27 31.68
CA SER D 38 6.76 16.96 30.92
C SER D 38 7.16 18.30 31.53
N ILE D 39 6.16 19.06 31.99
CA ILE D 39 6.41 20.36 32.61
C ILE D 39 7.06 20.19 33.98
N ALA D 40 6.83 19.04 34.61
CA ALA D 40 7.44 18.73 35.89
C ALA D 40 8.95 18.88 35.84
N LYS D 41 9.54 18.34 34.79
CA LYS D 41 10.98 18.33 34.63
C LYS D 41 11.51 19.74 34.50
N ARG D 42 10.76 20.59 33.80
CA ARG D 42 11.15 21.96 33.57
C ARG D 42 11.15 22.75 34.86
N LEU D 43 10.14 22.55 35.68
CA LEU D 43 10.05 23.24 36.96
C LEU D 43 11.18 22.73 37.85
N GLN D 44 11.40 21.42 37.80
CA GLN D 44 12.46 20.78 38.55
C GLN D 44 13.81 21.38 38.20
N SER D 45 13.98 21.75 36.93
CA SER D 45 15.25 22.25 36.45
C SER D 45 15.53 23.66 36.98
N ILE D 46 14.51 24.33 37.51
CA ILE D 46 14.70 25.62 38.17
C ILE D 46 14.34 25.49 39.65
N GLY D 47 14.43 24.28 40.17
CA GLY D 47 14.16 24.01 41.57
C GLY D 47 12.82 24.53 42.04
N THR D 48 11.78 24.25 41.26
CA THR D 48 10.43 24.66 41.60
C THR D 48 9.52 23.45 41.69
N GLU D 49 8.66 23.45 42.70
CA GLU D 49 7.77 22.32 42.94
C GLU D 49 6.70 22.24 41.85
N ASN D 50 6.38 21.03 41.42
CA ASN D 50 5.38 20.82 40.37
C ASN D 50 3.98 20.79 40.98
N THR D 51 3.41 21.98 41.18
CA THR D 51 2.05 22.11 41.71
C THR D 51 1.14 22.73 40.65
N GLU D 52 -0.16 22.55 40.83
CA GLU D 52 -1.12 23.12 39.90
C GLU D 52 -0.97 24.63 39.87
N GLU D 53 -0.66 25.22 41.02
CA GLU D 53 -0.55 26.66 41.12
C GLU D 53 0.68 27.16 40.37
N ASN D 54 1.81 26.48 40.53
CA ASN D 54 3.03 26.89 39.84
C ASN D 54 2.86 26.71 38.33
N ARG D 55 2.14 25.67 37.91
CA ARG D 55 1.85 25.47 36.50
C ARG D 55 0.91 26.56 36.00
N ARG D 56 -0.11 26.87 36.80
CA ARG D 56 -1.04 27.94 36.46
C ARG D 56 -0.31 29.27 36.35
N PHE D 57 0.57 29.52 37.32
CA PHE D 57 1.28 30.80 37.37
C PHE D 57 2.23 30.95 36.19
N TYR D 58 2.98 29.90 35.90
CA TYR D 58 3.94 29.96 34.81
C TYR D 58 3.22 30.21 33.48
N ARG D 59 2.12 29.50 33.26
CA ARG D 59 1.34 29.70 32.05
C ARG D 59 0.77 31.12 31.99
N GLN D 60 0.27 31.61 33.12
CA GLN D 60 -0.20 33.00 33.20
C GLN D 60 0.92 33.95 32.78
N LEU D 61 2.12 33.68 33.28
CA LEU D 61 3.29 34.49 32.98
C LEU D 61 3.45 34.65 31.48
N LEU D 62 3.34 33.53 30.75
CA LEU D 62 3.53 33.55 29.30
C LEU D 62 2.35 34.21 28.60
N LEU D 63 1.14 33.85 29.00
CA LEU D 63 -0.05 34.28 28.29
C LEU D 63 -0.40 35.75 28.52
N THR D 64 0.12 36.33 29.61
CA THR D 64 -0.21 37.70 29.97
C THR D 64 0.93 38.68 29.71
N ALA D 65 1.90 38.28 28.88
CA ALA D 65 2.97 39.18 28.46
C ALA D 65 2.35 40.41 27.78
N ASP D 66 3.10 41.51 27.72
CA ASP D 66 2.52 42.76 27.20
C ASP D 66 2.18 42.64 25.72
N ASP D 67 1.51 43.65 25.18
CA ASP D 67 0.90 43.58 23.86
C ASP D 67 1.90 43.60 22.70
N ARG D 68 3.18 43.58 23.02
CA ARG D 68 4.21 43.52 21.98
C ARG D 68 4.23 42.14 21.30
N VAL D 69 3.68 41.12 21.96
CA VAL D 69 3.66 39.78 21.40
C VAL D 69 2.45 39.59 20.49
N ASN D 70 1.44 40.44 20.65
CA ASN D 70 0.18 40.27 19.93
C ASN D 70 0.36 40.04 18.42
N PRO D 71 1.20 40.86 17.77
CA PRO D 71 1.42 40.60 16.34
C PRO D 71 2.38 39.45 16.07
N CYS D 72 3.01 38.91 17.11
CA CYS D 72 3.97 37.82 16.96
C CYS D 72 3.32 36.45 17.11
N ILE D 73 2.25 36.39 17.89
CA ILE D 73 1.64 35.13 18.27
C ILE D 73 0.24 34.98 17.65
N GLY D 74 0.14 34.10 16.66
CA GLY D 74 -1.15 33.80 16.06
C GLY D 74 -1.89 32.69 16.77
N GLY D 75 -1.17 31.86 17.51
CA GLY D 75 -1.79 30.74 18.21
C GLY D 75 -1.03 30.29 19.44
N VAL D 76 -1.77 29.72 20.39
CA VAL D 76 -1.18 29.18 21.61
C VAL D 76 -1.74 27.79 21.84
N ILE D 77 -0.85 26.80 21.93
CA ILE D 77 -1.29 25.43 22.18
C ILE D 77 -1.26 25.19 23.68
N LEU D 78 -2.38 24.70 24.20
CA LEU D 78 -2.50 24.39 25.62
C LEU D 78 -2.65 22.90 25.84
N PHE D 79 -2.26 22.44 27.02
CA PHE D 79 -2.59 21.11 27.48
C PHE D 79 -3.95 21.19 28.18
N HIS D 80 -4.66 20.06 28.26
CA HIS D 80 -6.03 20.03 28.77
C HIS D 80 -6.22 20.85 30.04
N GLU D 81 -5.41 20.61 31.05
CA GLU D 81 -5.53 21.32 32.33
C GLU D 81 -5.57 22.83 32.13
N THR D 82 -4.61 23.33 31.35
CA THR D 82 -4.44 24.77 31.19
C THR D 82 -5.62 25.43 30.49
N LEU D 83 -6.31 24.65 29.65
CA LEU D 83 -7.43 25.17 28.89
C LEU D 83 -8.55 25.64 29.83
N TYR D 84 -8.63 25.03 31.00
CA TYR D 84 -9.73 25.27 31.94
C TYR D 84 -9.27 26.03 33.20
N GLN D 85 -8.06 26.58 33.14
CA GLN D 85 -7.54 27.39 34.23
C GLN D 85 -7.81 28.87 33.97
N LYS D 86 -7.65 29.69 35.02
CA LYS D 86 -7.95 31.11 34.92
C LYS D 86 -6.76 31.95 35.37
N ALA D 87 -6.67 33.16 34.82
CA ALA D 87 -5.67 34.13 35.26
C ALA D 87 -6.11 34.75 36.58
N ASP D 88 -5.25 35.55 37.20
CA ASP D 88 -5.55 36.20 38.48
C ASP D 88 -6.80 37.06 38.42
N ASP D 89 -7.07 37.66 37.26
CA ASP D 89 -8.24 38.53 37.10
C ASP D 89 -9.50 37.72 36.82
N GLY D 90 -9.41 36.40 36.96
CA GLY D 90 -10.58 35.54 36.81
C GLY D 90 -10.85 35.12 35.39
N ARG D 91 -10.14 35.69 34.42
CA ARG D 91 -10.38 35.38 33.02
C ARG D 91 -9.86 33.99 32.67
N PRO D 92 -10.70 33.16 32.04
CA PRO D 92 -10.20 31.89 31.51
C PRO D 92 -9.05 32.11 30.52
N PHE D 93 -8.02 31.28 30.58
CA PHE D 93 -6.85 31.46 29.72
C PHE D 93 -7.20 31.56 28.21
N PRO D 94 -8.16 30.77 27.74
CA PRO D 94 -8.57 30.93 26.33
C PRO D 94 -9.04 32.34 26.00
N GLN D 95 -9.73 32.96 26.95
CA GLN D 95 -10.22 34.32 26.76
C GLN D 95 -9.05 35.30 26.74
N VAL D 96 -8.05 35.03 27.57
CA VAL D 96 -6.84 35.85 27.59
C VAL D 96 -6.15 35.77 26.24
N ILE D 97 -6.06 34.56 25.70
CA ILE D 97 -5.39 34.36 24.43
C ILE D 97 -6.13 35.10 23.33
N LYS D 98 -7.45 34.92 23.27
CA LYS D 98 -8.23 35.55 22.22
C LYS D 98 -8.20 37.08 22.31
N SER D 99 -8.21 37.61 23.53
CA SER D 99 -8.27 39.06 23.70
C SER D 99 -6.98 39.72 23.22
N LYS D 100 -5.91 38.95 23.15
CA LYS D 100 -4.64 39.44 22.62
C LYS D 100 -4.50 39.10 21.13
N GLY D 101 -5.59 38.65 20.52
CA GLY D 101 -5.63 38.38 19.09
C GLY D 101 -5.13 37.00 18.68
N GLY D 102 -5.02 36.09 19.63
CA GLY D 102 -4.50 34.76 19.36
C GLY D 102 -5.58 33.70 19.21
N VAL D 103 -5.24 32.64 18.50
CA VAL D 103 -6.11 31.48 18.38
C VAL D 103 -5.71 30.45 19.43
N VAL D 104 -6.71 29.76 19.99
CA VAL D 104 -6.43 28.78 21.03
C VAL D 104 -6.31 27.37 20.45
N GLY D 105 -5.26 26.68 20.83
CA GLY D 105 -5.04 25.31 20.38
C GLY D 105 -4.98 24.34 21.55
N ILE D 106 -5.24 23.08 21.26
CA ILE D 106 -5.27 22.05 22.29
C ILE D 106 -4.52 20.81 21.82
N LYS D 107 -3.61 20.32 22.66
CA LYS D 107 -2.94 19.05 22.38
C LYS D 107 -3.89 17.92 22.70
N VAL D 108 -4.10 17.01 21.76
CA VAL D 108 -5.15 16.01 21.94
C VAL D 108 -4.64 14.58 21.94
N ASP D 109 -3.37 14.37 21.63
CA ASP D 109 -2.84 13.01 21.62
C ASP D 109 -2.56 12.54 23.05
N LYS D 110 -2.42 11.24 23.22
CA LYS D 110 -2.21 10.67 24.54
C LYS D 110 -0.89 9.93 24.64
N GLY D 111 0.11 10.45 23.94
CA GLY D 111 1.45 9.94 24.06
C GLY D 111 1.77 8.76 23.16
N VAL D 112 3.03 8.39 23.13
CA VAL D 112 3.52 7.32 22.27
C VAL D 112 3.33 5.97 22.95
N VAL D 113 3.26 4.93 22.14
CA VAL D 113 3.26 3.56 22.61
C VAL D 113 4.17 2.73 21.71
N PRO D 114 4.76 1.66 22.24
CA PRO D 114 5.69 0.84 21.45
C PRO D 114 5.02 0.04 20.33
N LEU D 115 5.69 -0.06 19.19
CA LEU D 115 5.29 -0.96 18.12
C LEU D 115 6.04 -2.28 18.25
N ALA D 116 5.30 -3.35 18.55
CA ALA D 116 5.92 -4.66 18.69
C ALA D 116 6.56 -5.08 17.38
N GLY D 117 7.71 -5.74 17.48
CA GLY D 117 8.39 -6.23 16.31
C GLY D 117 9.30 -5.21 15.66
N THR D 118 9.51 -4.08 16.32
CA THR D 118 10.39 -3.03 15.80
C THR D 118 11.53 -2.77 16.77
N ASN D 119 12.54 -2.05 16.30
CA ASN D 119 13.68 -1.67 17.13
C ASN D 119 13.41 -0.40 17.91
N GLY D 120 12.49 -0.48 18.88
CA GLY D 120 12.19 0.64 19.75
C GLY D 120 11.39 1.75 19.10
N GLU D 121 10.63 1.42 18.07
CA GLU D 121 9.81 2.41 17.38
C GLU D 121 8.44 2.51 18.04
N THR D 122 7.76 3.64 17.80
CA THR D 122 6.49 3.91 18.43
C THR D 122 5.41 4.37 17.45
N THR D 123 4.16 4.24 17.88
CA THR D 123 3.06 4.97 17.26
C THR D 123 2.45 5.82 18.37
N THR D 124 1.38 6.54 18.06
CA THR D 124 0.77 7.43 19.02
C THR D 124 -0.69 7.05 19.25
N GLN D 125 -1.14 7.14 20.48
CA GLN D 125 -2.52 6.83 20.82
C GLN D 125 -3.28 8.11 21.15
N GLY D 126 -4.61 8.01 21.19
CA GLY D 126 -5.45 9.14 21.54
C GLY D 126 -6.68 9.31 20.69
N LEU D 127 -6.98 8.33 19.85
CA LEU D 127 -8.12 8.43 18.94
C LEU D 127 -9.46 8.15 19.60
N ASP D 128 -9.46 7.32 20.64
CA ASP D 128 -10.70 6.91 21.28
C ASP D 128 -11.43 8.10 21.89
N GLY D 129 -12.69 8.25 21.50
CA GLY D 129 -13.52 9.35 21.96
C GLY D 129 -13.00 10.70 21.55
N LEU D 130 -12.12 10.75 20.55
CA LEU D 130 -11.51 12.00 20.14
C LEU D 130 -12.54 12.96 19.56
N SER D 131 -13.54 12.43 18.87
CA SER D 131 -14.56 13.27 18.23
C SER D 131 -15.36 14.07 19.27
N GLU D 132 -15.72 13.42 20.37
CA GLU D 132 -16.48 14.08 21.43
C GLU D 132 -15.61 15.13 22.12
N ARG D 133 -14.35 14.79 22.38
CA ARG D 133 -13.45 15.73 23.01
C ARG D 133 -13.25 16.97 22.15
N CYS D 134 -13.12 16.78 20.85
CA CYS D 134 -12.91 17.89 19.93
C CYS D 134 -14.12 18.81 19.93
N ALA D 135 -15.32 18.23 19.94
CA ALA D 135 -16.55 19.02 19.99
C ALA D 135 -16.57 19.85 21.25
N GLN D 136 -16.15 19.26 22.36
CA GLN D 136 -16.14 19.96 23.64
C GLN D 136 -15.07 21.06 23.67
N TYR D 137 -13.87 20.74 23.18
CA TYR D 137 -12.80 21.73 23.13
C TYR D 137 -13.24 22.90 22.26
N LYS D 138 -13.96 22.60 21.19
CA LYS D 138 -14.44 23.62 20.27
C LYS D 138 -15.35 24.59 21.02
N LYS D 139 -16.31 24.06 21.78
CA LYS D 139 -17.21 24.88 22.58
C LYS D 139 -16.44 25.76 23.55
N ASP D 140 -15.34 25.22 24.08
CA ASP D 140 -14.59 25.90 25.13
C ASP D 140 -13.49 26.81 24.59
N GLY D 141 -13.54 27.11 23.30
CA GLY D 141 -12.69 28.14 22.71
C GLY D 141 -11.53 27.69 21.83
N ALA D 142 -11.33 26.38 21.70
CA ALA D 142 -10.23 25.88 20.88
C ALA D 142 -10.63 25.82 19.41
N ASP D 143 -9.70 26.22 18.53
CA ASP D 143 -9.93 26.23 17.08
C ASP D 143 -8.93 25.38 16.31
N PHE D 144 -7.84 24.98 16.95
CA PHE D 144 -6.94 24.01 16.33
C PHE D 144 -6.39 23.03 17.35
N ALA D 145 -5.74 21.97 16.87
CA ALA D 145 -5.26 20.91 17.72
C ALA D 145 -3.85 20.47 17.32
N LYS D 146 -3.22 19.68 18.18
CA LYS D 146 -1.90 19.13 17.91
C LYS D 146 -1.86 17.65 18.24
N TRP D 147 -1.17 16.91 17.39
CA TRP D 147 -0.96 15.48 17.57
C TRP D 147 0.47 15.15 17.17
N ARG D 148 1.24 14.59 18.10
CA ARG D 148 2.65 14.34 17.88
C ARG D 148 2.97 12.87 17.65
N CYS D 149 3.52 12.58 16.48
CA CYS D 149 4.12 11.28 16.21
C CYS D 149 5.64 11.44 16.25
N VAL D 150 6.34 10.40 16.68
CA VAL D 150 7.79 10.46 16.83
C VAL D 150 8.48 9.34 16.04
N LEU D 151 9.45 9.72 15.21
CA LEU D 151 10.25 8.77 14.44
C LEU D 151 11.74 8.95 14.71
N LYS D 152 12.47 7.85 14.61
CA LYS D 152 13.90 7.80 14.93
C LYS D 152 14.71 7.35 13.72
N ILE D 153 15.81 8.07 13.44
CA ILE D 153 16.73 7.66 12.39
C ILE D 153 17.78 6.74 13.00
N GLY D 154 17.79 5.48 12.56
CA GLY D 154 18.76 4.51 13.02
C GLY D 154 19.19 3.64 11.85
N GLU D 155 19.82 2.50 12.18
CA GLU D 155 20.29 1.60 11.13
C GLU D 155 19.10 0.97 10.40
N HIS D 156 18.06 0.61 11.15
CA HIS D 156 16.88 -0.03 10.59
C HIS D 156 15.61 0.78 10.84
N THR D 157 15.75 2.07 11.10
CA THR D 157 14.61 2.92 11.39
C THR D 157 14.76 4.28 10.72
N PRO D 158 13.62 4.94 10.40
CA PRO D 158 12.25 4.46 10.62
C PRO D 158 11.84 3.36 9.65
N SER D 159 11.24 2.30 10.18
CA SER D 159 10.85 1.16 9.35
C SER D 159 9.60 1.47 8.54
N ALA D 160 9.34 0.64 7.54
CA ALA D 160 8.13 0.78 6.74
C ALA D 160 6.89 0.76 7.64
N LEU D 161 6.85 -0.15 8.61
CA LEU D 161 5.71 -0.24 9.52
C LEU D 161 5.49 1.07 10.29
N ALA D 162 6.56 1.58 10.87
CA ALA D 162 6.48 2.79 11.70
C ALA D 162 6.00 3.98 10.89
N ILE D 163 6.54 4.14 9.68
CA ILE D 163 6.15 5.23 8.82
C ILE D 163 4.69 5.11 8.42
N MET D 164 4.30 3.92 7.98
CA MET D 164 2.93 3.68 7.54
C MET D 164 1.93 3.89 8.68
N GLU D 165 2.20 3.29 9.83
CA GLU D 165 1.28 3.36 10.96
C GLU D 165 1.14 4.80 11.49
N ASN D 166 2.25 5.52 11.63
CA ASN D 166 2.19 6.87 12.15
C ASN D 166 1.49 7.81 11.17
N ALA D 167 1.74 7.63 9.88
CA ALA D 167 1.08 8.44 8.86
C ALA D 167 -0.42 8.20 8.92
N ASN D 168 -0.80 6.96 9.19
CA ASN D 168 -2.21 6.58 9.21
C ASN D 168 -2.95 7.15 10.43
N VAL D 169 -2.31 7.12 11.59
CA VAL D 169 -2.97 7.60 12.80
C VAL D 169 -3.08 9.12 12.72
N LEU D 170 -2.07 9.77 12.12
CA LEU D 170 -2.13 11.21 11.90
C LEU D 170 -3.32 11.56 11.01
N ALA D 171 -3.54 10.74 9.97
CA ALA D 171 -4.64 10.98 9.05
C ALA D 171 -5.99 10.80 9.75
N ARG D 172 -6.10 9.79 10.61
CA ARG D 172 -7.32 9.57 11.40
C ARG D 172 -7.59 10.76 12.33
N TYR D 173 -6.55 11.22 13.01
CA TYR D 173 -6.67 12.36 13.91
C TYR D 173 -7.08 13.62 13.15
N ALA D 174 -6.48 13.82 11.98
CA ALA D 174 -6.76 15.01 11.17
C ALA D 174 -8.21 14.97 10.67
N SER D 175 -8.68 13.78 10.33
CA SER D 175 -10.05 13.61 9.85
C SER D 175 -11.08 13.97 10.93
N ILE D 176 -10.87 13.45 12.14
CA ILE D 176 -11.82 13.69 13.23
C ILE D 176 -11.84 15.16 13.59
N CYS D 177 -10.68 15.79 13.67
CA CYS D 177 -10.59 17.22 13.96
C CYS D 177 -11.43 18.05 13.00
N GLN D 178 -11.29 17.80 11.71
CA GLN D 178 -11.93 18.63 10.71
C GLN D 178 -13.45 18.45 10.73
N GLN D 179 -13.93 17.29 11.17
CA GLN D 179 -15.36 17.07 11.31
C GLN D 179 -15.94 17.93 12.43
N ASN D 180 -15.07 18.40 13.33
CA ASN D 180 -15.51 19.18 14.49
C ASN D 180 -15.03 20.64 14.43
N GLY D 181 -14.65 21.09 13.25
CA GLY D 181 -14.29 22.49 13.05
C GLY D 181 -12.95 22.86 13.65
N ILE D 182 -12.10 21.87 13.90
CA ILE D 182 -10.79 22.09 14.47
C ILE D 182 -9.71 21.87 13.40
N VAL D 183 -8.78 22.82 13.30
CA VAL D 183 -7.65 22.68 12.40
C VAL D 183 -6.61 21.73 13.01
N PRO D 184 -6.30 20.63 12.33
CA PRO D 184 -5.26 19.77 12.89
C PRO D 184 -3.84 20.19 12.49
N ILE D 185 -2.96 20.29 13.48
CA ILE D 185 -1.53 20.38 13.20
C ILE D 185 -1.01 18.96 13.12
N VAL D 186 -0.47 18.60 11.96
CA VAL D 186 0.11 17.29 11.74
C VAL D 186 1.60 17.35 12.09
N GLU D 187 2.02 16.63 13.12
CA GLU D 187 3.41 16.66 13.55
C GLU D 187 4.08 15.31 13.43
N PRO D 188 4.73 15.05 12.28
CA PRO D 188 5.57 13.87 12.16
C PRO D 188 7.01 14.20 12.49
N GLU D 189 7.37 14.21 13.77
CA GLU D 189 8.70 14.62 14.17
C GLU D 189 9.71 13.49 13.98
N ILE D 190 10.77 13.81 13.24
CA ILE D 190 11.93 12.95 13.16
C ILE D 190 12.95 13.47 14.16
N LEU D 191 13.27 12.66 15.16
CA LEU D 191 14.16 13.10 16.22
C LEU D 191 15.56 13.39 15.67
N PRO D 192 16.27 14.34 16.30
CA PRO D 192 17.64 14.64 15.87
C PRO D 192 18.66 13.66 16.45
N ASP D 193 18.21 12.74 17.29
CA ASP D 193 19.11 11.78 17.93
C ASP D 193 19.88 10.97 16.90
N GLY D 194 21.19 10.78 17.15
CA GLY D 194 22.03 9.95 16.30
C GLY D 194 23.18 10.68 15.66
N ASP D 195 23.99 9.96 14.89
CA ASP D 195 25.18 10.54 14.27
C ASP D 195 25.01 10.65 12.76
N HIS D 196 23.76 10.57 12.29
CA HIS D 196 23.47 10.69 10.87
C HIS D 196 23.80 12.09 10.38
N ASP D 197 24.06 12.23 9.08
CA ASP D 197 24.40 13.53 8.52
C ASP D 197 23.15 14.22 7.96
N LEU D 198 23.35 15.40 7.38
CA LEU D 198 22.23 16.23 6.92
C LEU D 198 21.40 15.57 5.82
N LYS D 199 22.05 14.95 4.85
CA LYS D 199 21.32 14.41 3.72
C LYS D 199 20.59 13.12 4.07
N ARG D 200 21.02 12.43 5.12
CA ARG D 200 20.26 11.28 5.60
C ARG D 200 18.95 11.81 6.20
N CYS D 201 19.05 12.89 6.96
CA CYS D 201 17.86 13.50 7.54
C CYS D 201 16.93 13.99 6.45
N GLN D 202 17.50 14.60 5.40
CA GLN D 202 16.71 15.09 4.28
C GLN D 202 15.98 13.95 3.58
N TYR D 203 16.69 12.84 3.40
CA TYR D 203 16.10 11.65 2.77
C TYR D 203 14.95 11.10 3.61
N VAL D 204 15.17 10.92 4.90
CA VAL D 204 14.15 10.37 5.77
C VAL D 204 12.95 11.30 5.85
N THR D 205 13.20 12.59 5.98
CA THR D 205 12.14 13.59 6.07
C THR D 205 11.28 13.55 4.80
N GLU D 206 11.93 13.43 3.65
CA GLU D 206 11.20 13.35 2.39
C GLU D 206 10.30 12.10 2.33
N LYS D 207 10.83 10.96 2.77
CA LYS D 207 10.06 9.72 2.74
C LYS D 207 8.90 9.76 3.73
N VAL D 208 9.14 10.32 4.91
CA VAL D 208 8.12 10.40 5.94
C VAL D 208 6.97 11.27 5.45
N LEU D 209 7.32 12.44 4.90
CA LEU D 209 6.31 13.40 4.48
C LEU D 209 5.51 12.91 3.25
N ALA D 210 6.16 12.17 2.35
CA ALA D 210 5.45 11.60 1.22
C ALA D 210 4.40 10.61 1.73
N ALA D 211 4.78 9.84 2.73
CA ALA D 211 3.87 8.88 3.32
C ALA D 211 2.73 9.62 4.03
N VAL D 212 3.06 10.70 4.70
CA VAL D 212 2.07 11.47 5.45
C VAL D 212 1.01 12.02 4.51
N TYR D 213 1.41 12.61 3.39
CA TYR D 213 0.41 13.27 2.56
C TYR D 213 -0.33 12.28 1.69
N LYS D 214 0.24 11.12 1.43
CA LYS D 214 -0.53 10.05 0.80
C LYS D 214 -1.63 9.58 1.76
N ALA D 215 -1.26 9.40 3.02
CA ALA D 215 -2.22 9.01 4.05
C ALA D 215 -3.34 10.04 4.17
N LEU D 216 -2.98 11.31 4.23
CA LEU D 216 -3.97 12.37 4.32
C LEU D 216 -4.89 12.33 3.11
N SER D 217 -4.32 12.04 1.94
CA SER D 217 -5.11 11.92 0.74
C SER D 217 -6.07 10.74 0.84
N ASP D 218 -5.57 9.58 1.26
CA ASP D 218 -6.42 8.40 1.39
C ASP D 218 -7.59 8.65 2.35
N HIS D 219 -7.38 9.49 3.35
CA HIS D 219 -8.40 9.77 4.36
C HIS D 219 -9.24 11.02 4.09
N HIS D 220 -9.07 11.59 2.90
CA HIS D 220 -9.89 12.72 2.45
C HIS D 220 -9.72 13.96 3.29
N ILE D 221 -8.49 14.24 3.69
CA ILE D 221 -8.19 15.40 4.51
C ILE D 221 -8.13 16.67 3.66
N TYR D 222 -8.72 17.74 4.19
CA TYR D 222 -8.73 19.06 3.55
C TYR D 222 -7.46 19.83 3.93
N LEU D 223 -6.49 19.84 3.02
CA LEU D 223 -5.14 20.34 3.32
C LEU D 223 -5.12 21.84 3.63
N GLU D 224 -5.98 22.59 2.97
CA GLU D 224 -6.05 24.03 3.19
C GLU D 224 -6.45 24.32 4.63
N GLY D 225 -7.12 23.36 5.26
CA GLY D 225 -7.49 23.46 6.65
C GLY D 225 -6.60 22.64 7.57
N THR D 226 -5.33 22.54 7.21
CA THR D 226 -4.35 21.86 8.05
C THR D 226 -3.05 22.64 8.13
N LEU D 227 -2.24 22.30 9.12
CA LEU D 227 -0.88 22.81 9.23
C LEU D 227 0.07 21.63 9.40
N LEU D 228 1.31 21.83 8.98
CA LEU D 228 2.35 20.84 9.15
C LEU D 228 3.37 21.33 10.17
N LYS D 229 3.74 20.46 11.09
CA LYS D 229 4.75 20.78 12.09
C LYS D 229 5.87 19.77 12.03
N PRO D 230 6.84 20.00 11.13
CA PRO D 230 7.95 19.07 10.97
C PRO D 230 9.20 19.54 11.69
N ASN D 231 10.11 18.61 11.91
CA ASN D 231 11.48 18.94 12.23
C ASN D 231 12.10 19.70 11.08
N MET D 232 13.02 20.61 11.37
CA MET D 232 13.89 21.14 10.33
C MET D 232 14.82 20.02 9.91
N VAL D 233 15.36 20.11 8.70
CA VAL D 233 16.33 19.12 8.26
C VAL D 233 17.70 19.53 8.78
N THR D 234 18.21 18.73 9.70
CA THR D 234 19.48 18.99 10.36
C THR D 234 20.25 17.68 10.52
N PRO D 235 21.57 17.76 10.71
CA PRO D 235 22.31 16.55 11.08
C PRO D 235 21.92 16.06 12.47
N GLY D 236 22.29 14.84 12.80
CA GLY D 236 22.05 14.30 14.13
C GLY D 236 22.86 15.02 15.18
N HIS D 237 22.41 14.94 16.43
N HIS D 237 22.42 14.92 16.43
CA HIS D 237 23.09 15.61 17.55
CA HIS D 237 23.07 15.60 17.55
C HIS D 237 24.56 15.22 17.59
C HIS D 237 24.54 15.20 17.69
N ALA D 238 24.84 13.96 17.32
CA ALA D 238 26.20 13.42 17.47
C ALA D 238 26.99 13.46 16.17
N CYS D 239 26.47 14.12 15.14
CA CYS D 239 27.20 14.20 13.88
C CYS D 239 28.36 15.18 14.00
N THR D 240 29.54 14.75 13.56
CA THR D 240 30.73 15.56 13.69
C THR D 240 30.81 16.61 12.59
N GLN D 241 30.36 16.25 11.39
CA GLN D 241 30.38 17.18 10.27
C GLN D 241 29.57 18.42 10.64
N LYS D 242 29.94 19.55 10.04
CA LYS D 242 29.32 20.83 10.33
C LYS D 242 28.68 21.45 9.10
N TYR D 243 27.59 22.17 9.32
CA TYR D 243 26.84 22.78 8.24
C TYR D 243 26.50 24.21 8.58
N SER D 244 26.39 25.05 7.56
CA SER D 244 25.98 26.43 7.76
C SER D 244 24.47 26.49 7.85
N HIS D 245 23.95 27.63 8.31
CA HIS D 245 22.51 27.81 8.42
C HIS D 245 21.86 27.82 7.05
N GLU D 246 22.63 28.19 6.03
CA GLU D 246 22.13 28.20 4.67
C GLU D 246 21.96 26.78 4.13
N GLU D 247 22.85 25.88 4.55
CA GLU D 247 22.77 24.50 4.12
C GLU D 247 21.57 23.83 4.77
N ILE D 248 21.38 24.09 6.06
CA ILE D 248 20.23 23.58 6.78
C ILE D 248 18.95 24.10 6.14
N ALA D 249 18.94 25.39 5.83
CA ALA D 249 17.78 26.01 5.21
C ALA D 249 17.49 25.39 3.85
N MET D 250 18.54 25.19 3.07
CA MET D 250 18.41 24.61 1.73
C MET D 250 17.84 23.19 1.79
N ALA D 251 18.37 22.40 2.72
CA ALA D 251 17.94 21.01 2.86
C ALA D 251 16.50 20.93 3.34
N THR D 252 16.14 21.84 4.23
CA THR D 252 14.79 21.89 4.79
C THR D 252 13.78 22.29 3.72
N VAL D 253 14.07 23.38 3.02
CA VAL D 253 13.16 23.89 2.01
C VAL D 253 13.04 22.91 0.86
N THR D 254 14.13 22.22 0.55
CA THR D 254 14.13 21.25 -0.53
C THR D 254 13.25 20.05 -0.18
N ALA D 255 13.41 19.52 1.04
CA ALA D 255 12.61 18.39 1.46
C ALA D 255 11.13 18.73 1.39
N LEU D 256 10.78 19.94 1.84
CA LEU D 256 9.38 20.37 1.85
C LEU D 256 8.85 20.54 0.44
N ARG D 257 9.64 21.16 -0.42
CA ARG D 257 9.25 21.38 -1.81
C ARG D 257 8.98 20.08 -2.56
N ARG D 258 9.63 19.00 -2.14
CA ARG D 258 9.50 17.73 -2.82
C ARG D 258 8.33 16.90 -2.30
N THR D 259 7.65 17.36 -1.26
CA THR D 259 6.65 16.52 -0.61
C THR D 259 5.36 17.21 -0.18
N VAL D 260 5.44 18.51 0.13
CA VAL D 260 4.31 19.22 0.72
C VAL D 260 3.50 19.94 -0.34
N PRO D 261 2.27 19.49 -0.60
CA PRO D 261 1.47 20.16 -1.63
C PRO D 261 1.25 21.64 -1.33
N PRO D 262 1.19 22.50 -2.36
CA PRO D 262 1.00 23.94 -2.15
C PRO D 262 -0.25 24.29 -1.35
N ALA D 263 -1.25 23.42 -1.37
CA ALA D 263 -2.52 23.67 -0.72
C ALA D 263 -2.38 23.74 0.80
N VAL D 264 -1.35 23.12 1.35
CA VAL D 264 -1.11 23.19 2.79
C VAL D 264 -0.88 24.65 3.14
N THR D 265 -1.59 25.12 4.16
CA THR D 265 -1.62 26.54 4.46
C THR D 265 -0.34 27.04 5.08
N GLY D 266 0.27 26.24 5.95
CA GLY D 266 1.49 26.67 6.58
C GLY D 266 2.29 25.55 7.22
N VAL D 267 3.57 25.82 7.41
CA VAL D 267 4.49 24.92 8.08
C VAL D 267 5.00 25.62 9.32
N THR D 268 4.75 25.01 10.48
CA THR D 268 5.15 25.55 11.76
C THR D 268 6.23 24.67 12.36
N PHE D 269 7.48 25.06 12.20
CA PHE D 269 8.60 24.21 12.57
C PHE D 269 8.68 24.02 14.08
N LEU D 270 9.03 22.81 14.50
CA LEU D 270 9.42 22.57 15.87
C LEU D 270 10.91 22.89 15.98
N SER D 271 11.35 23.31 17.17
CA SER D 271 12.74 23.72 17.37
C SER D 271 13.62 22.55 17.78
N GLY D 272 12.99 21.50 18.30
CA GLY D 272 13.70 20.31 18.73
C GLY D 272 14.72 20.61 19.83
N GLY D 273 15.98 20.28 19.56
CA GLY D 273 17.03 20.51 20.53
C GLY D 273 17.77 21.82 20.36
N GLN D 274 17.34 22.60 19.37
CA GLN D 274 18.02 23.86 19.05
C GLN D 274 17.89 24.86 20.17
N SER D 275 18.89 25.71 20.31
CA SER D 275 18.82 26.81 21.27
C SER D 275 17.83 27.85 20.77
N GLU D 276 17.47 28.79 21.65
CA GLU D 276 16.53 29.83 21.28
C GLU D 276 17.03 30.60 20.07
N GLU D 277 18.31 30.92 20.08
CA GLU D 277 18.91 31.71 19.01
C GLU D 277 19.07 30.88 17.74
N GLU D 278 19.58 29.67 17.90
CA GLU D 278 19.77 28.76 16.77
C GLU D 278 18.46 28.56 16.02
N ALA D 279 17.38 28.38 16.77
CA ALA D 279 16.07 28.18 16.18
C ALA D 279 15.63 29.40 15.37
N SER D 280 15.97 30.59 15.87
CA SER D 280 15.56 31.83 15.19
C SER D 280 16.37 32.05 13.91
N ILE D 281 17.66 31.74 13.97
CA ILE D 281 18.55 31.95 12.83
C ILE D 281 18.19 31.00 11.69
N ASN D 282 17.96 29.74 12.03
CA ASN D 282 17.59 28.76 11.01
C ASN D 282 16.26 29.13 10.37
N LEU D 283 15.29 29.51 11.18
CA LEU D 283 13.98 29.89 10.66
C LEU D 283 14.11 31.08 9.73
N ASN D 284 15.04 31.98 10.07
CA ASN D 284 15.27 33.16 9.25
C ASN D 284 15.93 32.75 7.93
N ALA D 285 16.90 31.85 8.02
CA ALA D 285 17.56 31.35 6.83
C ALA D 285 16.57 30.66 5.89
N ILE D 286 15.65 29.91 6.48
CA ILE D 286 14.62 29.20 5.71
C ILE D 286 13.75 30.17 4.94
N ASN D 287 13.39 31.29 5.57
CA ASN D 287 12.53 32.26 4.93
C ASN D 287 13.28 33.14 3.94
N LYS D 288 14.62 33.12 4.01
CA LYS D 288 15.45 33.88 3.09
C LYS D 288 15.88 33.03 1.89
N CYS D 289 15.78 31.71 2.03
CA CYS D 289 16.10 30.78 0.95
C CYS D 289 15.37 31.19 -0.34
N PRO D 290 16.10 31.32 -1.45
CA PRO D 290 15.53 31.93 -2.67
C PRO D 290 14.53 31.06 -3.43
N LEU D 291 14.51 29.76 -3.13
CA LEU D 291 13.58 28.85 -3.81
C LEU D 291 12.14 29.27 -3.55
N LEU D 292 11.23 28.82 -4.39
CA LEU D 292 9.82 29.19 -4.24
C LEU D 292 9.19 28.35 -3.13
N LYS D 293 8.55 29.04 -2.20
CA LYS D 293 7.92 28.40 -1.04
C LYS D 293 6.45 28.82 -0.95
N PRO D 294 5.53 27.93 -1.39
CA PRO D 294 4.12 28.29 -1.50
C PRO D 294 3.31 28.13 -0.22
N TRP D 295 3.99 28.03 0.91
CA TRP D 295 3.30 28.00 2.20
C TRP D 295 4.01 28.92 3.18
N ALA D 296 3.28 29.39 4.18
CA ALA D 296 3.90 30.13 5.27
C ALA D 296 4.91 29.24 5.96
N LEU D 297 6.07 29.80 6.29
CA LEU D 297 7.11 29.05 6.99
C LEU D 297 7.43 29.75 8.31
N THR D 298 6.85 29.25 9.40
CA THR D 298 6.96 29.92 10.68
C THR D 298 7.26 28.95 11.82
N PHE D 299 6.91 29.34 13.05
CA PHE D 299 7.33 28.58 14.21
C PHE D 299 6.18 28.05 15.05
N SER D 300 6.40 26.87 15.63
CA SER D 300 5.60 26.37 16.73
C SER D 300 6.58 25.95 17.81
N TYR D 301 7.04 26.93 18.57
CA TYR D 301 8.14 26.73 19.50
C TYR D 301 7.69 26.62 20.96
N GLY D 302 8.26 25.65 21.66
CA GLY D 302 8.09 25.53 23.09
C GLY D 302 9.34 26.03 23.79
N ARG D 303 10.37 25.18 23.84
CA ARG D 303 11.64 25.55 24.46
C ARG D 303 12.23 26.82 23.87
N ALA D 304 12.17 26.95 22.54
CA ALA D 304 12.84 28.06 21.87
C ALA D 304 12.19 29.40 22.15
N LEU D 305 11.03 29.39 22.81
CA LEU D 305 10.36 30.62 23.22
C LEU D 305 10.41 30.80 24.73
N GLN D 306 10.65 29.71 25.44
CA GLN D 306 10.45 29.68 26.89
C GLN D 306 11.70 29.50 27.74
N ALA D 307 12.75 28.95 27.16
CA ALA D 307 13.94 28.55 27.93
C ALA D 307 14.43 29.65 28.85
N SER D 308 14.62 30.84 28.29
CA SER D 308 15.17 31.98 29.04
C SER D 308 14.16 32.51 30.06
N ALA D 309 12.89 32.56 29.67
CA ALA D 309 11.84 33.03 30.56
C ALA D 309 11.77 32.17 31.82
N LEU D 310 11.85 30.85 31.62
CA LEU D 310 11.74 29.91 32.72
C LEU D 310 12.89 30.12 33.71
N LYS D 311 14.08 30.39 33.18
CA LYS D 311 15.27 30.59 34.02
C LYS D 311 15.23 31.93 34.75
N ALA D 312 14.83 32.98 34.05
CA ALA D 312 14.74 34.31 34.63
C ALA D 312 13.67 34.36 35.73
N TRP D 313 12.64 33.54 35.57
CA TRP D 313 11.58 33.43 36.55
C TRP D 313 12.08 32.73 37.81
N GLY D 314 12.63 31.54 37.64
CA GLY D 314 13.18 30.80 38.74
C GLY D 314 12.19 30.43 39.86
N GLY D 315 10.90 30.53 39.58
CA GLY D 315 9.86 30.20 40.55
C GLY D 315 9.52 31.31 41.54
N LYS D 316 10.07 32.47 41.28
CA LYS D 316 9.99 33.63 42.17
C LYS D 316 9.04 34.67 41.62
N LYS D 317 7.95 34.93 42.34
CA LYS D 317 6.92 35.87 41.90
C LYS D 317 7.48 37.22 41.47
N GLU D 318 8.55 37.66 42.13
CA GLU D 318 9.09 38.99 41.90
C GLU D 318 9.81 39.09 40.56
N ASN D 319 10.15 37.95 39.98
CA ASN D 319 10.86 37.97 38.72
C ASN D 319 9.90 37.82 37.54
N LEU D 320 8.63 38.09 37.78
CA LEU D 320 7.60 37.97 36.76
C LEU D 320 7.98 38.78 35.52
N LYS D 321 8.20 40.07 35.73
CA LYS D 321 8.49 40.99 34.64
C LYS D 321 9.79 40.60 33.91
N ALA D 322 10.80 40.19 34.67
CA ALA D 322 12.07 39.79 34.08
C ALA D 322 11.87 38.59 33.16
N ALA D 323 11.11 37.61 33.65
CA ALA D 323 10.84 36.40 32.88
C ALA D 323 10.07 36.72 31.61
N GLN D 324 8.99 37.48 31.75
CA GLN D 324 8.17 37.86 30.61
C GLN D 324 9.01 38.56 29.55
N GLU D 325 9.96 39.39 29.98
CA GLU D 325 10.79 40.13 29.05
C GLU D 325 11.59 39.19 28.15
N GLU D 326 12.04 38.08 28.70
CA GLU D 326 12.80 37.09 27.94
C GLU D 326 11.92 36.44 26.87
N TYR D 327 10.68 36.17 27.23
CA TYR D 327 9.73 35.57 26.32
C TYR D 327 9.42 36.52 25.15
N VAL D 328 9.16 37.78 25.49
CA VAL D 328 8.87 38.80 24.47
C VAL D 328 10.06 38.91 23.53
N LYS D 329 11.26 38.76 24.08
CA LYS D 329 12.49 38.83 23.29
C LYS D 329 12.50 37.82 22.17
N ARG D 330 12.14 36.57 22.51
CA ARG D 330 12.14 35.49 21.56
C ARG D 330 10.96 35.60 20.60
N ALA D 331 9.80 35.98 21.12
CA ALA D 331 8.61 36.12 20.28
C ALA D 331 8.87 37.16 19.18
N LEU D 332 9.53 38.25 19.54
CA LEU D 332 9.85 39.31 18.58
C LEU D 332 10.89 38.84 17.58
N ALA D 333 11.89 38.12 18.06
CA ALA D 333 12.93 37.60 17.20
C ALA D 333 12.35 36.66 16.16
N ASN D 334 11.44 35.78 16.60
CA ASN D 334 10.91 34.76 15.72
C ASN D 334 9.85 35.34 14.78
N SER D 335 9.16 36.40 15.22
CA SER D 335 8.23 37.09 14.34
C SER D 335 8.98 37.68 13.15
N LEU D 336 10.20 38.11 13.40
CA LEU D 336 11.07 38.62 12.34
C LEU D 336 11.64 37.47 11.50
N ALA D 337 12.03 36.40 12.18
CA ALA D 337 12.66 35.26 11.50
C ALA D 337 11.70 34.67 10.47
N CYS D 338 10.42 34.58 10.82
CA CYS D 338 9.43 33.98 9.92
C CYS D 338 9.06 34.96 8.80
N GLN D 339 9.70 36.12 8.79
CA GLN D 339 9.60 37.05 7.68
C GLN D 339 10.96 37.22 6.99
N GLY D 340 11.96 36.49 7.48
CA GLY D 340 13.30 36.58 6.95
C GLY D 340 13.97 37.92 7.24
N LYS D 341 13.52 38.58 8.31
CA LYS D 341 14.05 39.90 8.65
C LYS D 341 14.81 39.92 9.97
N TYR D 342 15.15 38.74 10.49
CA TYR D 342 15.83 38.69 11.78
C TYR D 342 17.33 38.79 11.60
N THR D 343 17.93 39.75 12.32
CA THR D 343 19.37 39.87 12.39
C THR D 343 19.79 39.96 13.84
N PRO D 344 20.55 38.97 14.33
CA PRO D 344 20.94 39.06 15.73
C PRO D 344 21.90 40.22 16.01
#